data_5XKS
#
_entry.id   5XKS
#
_cell.length_a   43.091
_cell.length_b   136.207
_cell.length_c   126.525
_cell.angle_alpha   90.000
_cell.angle_beta   92.060
_cell.angle_gamma   90.000
#
_symmetry.space_group_name_H-M   'P 1 21 1'
#
loop_
_entity.id
_entity.type
_entity.pdbx_description
1 polymer 'Thermostable monoacylglycerol lipase'
2 water water
#
_entity_poly.entity_id   1
_entity_poly.type   'polypeptide(L)'
_entity_poly.pdbx_seq_one_letter_code
;MTETYPVVKGAEPFFFEGNDIGILVLHGFTGSPQSMRPLGEAYHEAGYTVCGPRLKGHGTHYEDMEKTTCQDWIDSVEAG
YEWLKNRCGTIFVTGLSMGGTLTLYMAEHHPEICGIAPINAAINMPALAGALAGVGDLPRFLDAIGSDIKKPGVKELAYE
KTPAASIRQIVQLMERVKTDLHKITCPAILFCSDEDHVVPPDNAPFIYDHIASADKKLVRLPDSYHVATLDNDRQKIIDT
SLAFFKKHADRHHHHH
;
_entity_poly.pdbx_strand_id   A,B,C,D,E,F
#
# COMPACT_ATOMS: atom_id res chain seq x y z
N MET A 1 12.58 -4.53 -17.10
CA MET A 1 13.27 -3.51 -17.87
C MET A 1 13.13 -2.10 -17.28
N THR A 2 13.85 -1.13 -17.85
CA THR A 2 13.66 0.29 -17.54
C THR A 2 13.75 1.08 -18.84
N GLU A 3 12.96 2.14 -18.94
CA GLU A 3 12.92 2.94 -20.17
C GLU A 3 14.10 3.91 -20.25
N THR A 4 14.88 3.82 -21.33
CA THR A 4 16.01 4.74 -21.53
C THR A 4 15.58 6.05 -22.20
N TYR A 5 14.50 6.00 -22.99
CA TYR A 5 13.97 7.23 -23.63
C TYR A 5 12.85 7.90 -22.82
N PRO A 6 12.68 9.22 -22.99
CA PRO A 6 11.61 9.98 -22.33
C PRO A 6 10.24 9.87 -23.04
N VAL A 7 9.18 10.15 -22.32
CA VAL A 7 7.86 10.13 -22.92
C VAL A 7 7.75 11.19 -24.01
N VAL A 8 7.37 10.75 -25.21
CA VAL A 8 7.17 11.64 -26.34
C VAL A 8 6.02 12.58 -26.04
N LYS A 9 6.13 13.82 -26.51
CA LYS A 9 5.10 14.83 -26.35
C LYS A 9 3.78 14.40 -27.01
N GLY A 10 2.71 14.41 -26.23
CA GLY A 10 1.46 13.85 -26.68
C GLY A 10 1.17 12.42 -26.19
N ALA A 11 2.19 11.70 -25.73
CA ALA A 11 2.05 10.31 -25.31
C ALA A 11 1.84 10.17 -23.80
N GLU A 12 1.70 11.30 -23.11
CA GLU A 12 1.56 11.25 -21.67
C GLU A 12 0.26 10.58 -21.23
N PRO A 13 0.30 9.87 -20.10
CA PRO A 13 -0.89 9.28 -19.50
C PRO A 13 -1.82 10.40 -19.06
N PHE A 14 -3.12 10.18 -19.05
CA PHE A 14 -4.01 11.22 -18.52
C PHE A 14 -4.73 10.76 -17.26
N PHE A 15 -4.80 11.66 -16.28
CA PHE A 15 -5.44 11.41 -15.01
C PHE A 15 -6.45 12.52 -14.76
N PHE A 16 -7.73 12.20 -14.78
CA PHE A 16 -8.74 13.25 -14.60
C PHE A 16 -9.53 13.01 -13.32
N GLU A 17 -9.50 13.96 -12.39
CA GLU A 17 -10.32 13.86 -11.18
C GLU A 17 -11.78 14.11 -11.50
N GLY A 18 -12.67 13.33 -10.90
CA GLY A 18 -14.08 13.38 -11.23
C GLY A 18 -14.83 12.78 -10.07
N ASN A 19 -16.05 12.35 -10.29
CA ASN A 19 -16.85 11.80 -9.22
C ASN A 19 -16.47 10.35 -8.88
N ASP A 20 -17.34 9.66 -8.16
CA ASP A 20 -17.03 8.37 -7.62
C ASP A 20 -17.11 7.22 -8.64
N ILE A 21 -17.41 7.55 -9.89
CA ILE A 21 -17.38 6.57 -10.97
C ILE A 21 -16.10 6.74 -11.78
N GLY A 22 -15.26 5.72 -11.81
CA GLY A 22 -14.02 5.81 -12.59
C GLY A 22 -14.00 5.11 -13.93
N ILE A 23 -13.24 5.64 -14.87
CA ILE A 23 -13.06 4.94 -16.14
C ILE A 23 -11.59 4.73 -16.49
N LEU A 24 -11.24 3.46 -16.68
CA LEU A 24 -9.89 3.06 -17.07
C LEU A 24 -9.79 2.86 -18.59
N VAL A 25 -9.05 3.74 -19.25
CA VAL A 25 -9.00 3.83 -20.71
C VAL A 25 -7.61 3.39 -21.21
N LEU A 26 -7.56 2.24 -21.89
CA LEU A 26 -6.27 1.61 -22.27
C LEU A 26 -5.92 1.68 -23.75
N HIS A 27 -4.68 2.03 -24.07
CA HIS A 27 -4.25 2.01 -25.47
C HIS A 27 -3.65 0.65 -25.84
N GLY A 28 -3.31 0.51 -27.13
CA GLY A 28 -2.83 -0.75 -27.66
C GLY A 28 -1.33 -0.85 -27.94
N PHE A 29 -0.97 -1.93 -28.61
CA PHE A 29 0.38 -2.44 -28.85
C PHE A 29 1.13 -1.54 -29.82
N THR A 30 2.29 -1.03 -29.39
CA THR A 30 3.04 0.06 -30.06
C THR A 30 2.33 1.43 -30.05
N GLY A 31 1.12 1.51 -29.49
CA GLY A 31 0.42 2.78 -29.39
C GLY A 31 0.79 3.57 -28.16
N SER A 32 -0.02 4.59 -27.84
CA SER A 32 0.18 5.46 -26.67
C SER A 32 -1.17 6.04 -26.23
N PRO A 33 -1.20 6.78 -25.11
CA PRO A 33 -2.48 7.34 -24.65
C PRO A 33 -3.11 8.37 -25.61
N GLN A 34 -2.33 8.88 -26.56
CA GLN A 34 -2.80 9.83 -27.55
C GLN A 34 -3.99 9.31 -28.34
N SER A 35 -4.02 8.02 -28.61
CA SER A 35 -5.14 7.46 -29.34
C SER A 35 -6.40 7.34 -28.48
N MET A 36 -6.22 7.35 -27.16
CA MET A 36 -7.35 7.24 -26.23
C MET A 36 -7.83 8.57 -25.64
N ARG A 37 -7.03 9.61 -25.82
CA ARG A 37 -7.28 10.88 -25.14
C ARG A 37 -8.67 11.51 -25.48
N PRO A 38 -9.11 11.46 -26.74
CA PRO A 38 -10.49 11.94 -26.99
C PRO A 38 -11.59 11.21 -26.21
N LEU A 39 -11.47 9.90 -26.06
CA LEU A 39 -12.45 9.21 -25.24
C LEU A 39 -12.32 9.74 -23.83
N GLY A 40 -11.09 9.82 -23.35
CA GLY A 40 -10.84 10.18 -21.95
C GLY A 40 -11.30 11.58 -21.59
N GLU A 41 -11.17 12.51 -22.52
CA GLU A 41 -11.59 13.89 -22.26
C GLU A 41 -13.11 13.95 -22.22
N ALA A 42 -13.75 13.25 -23.14
CA ALA A 42 -15.20 13.14 -23.19
C ALA A 42 -15.80 12.56 -21.92
N TYR A 43 -15.19 11.49 -21.40
CA TYR A 43 -15.72 10.86 -20.19
C TYR A 43 -15.47 11.79 -19.00
N HIS A 44 -14.36 12.51 -19.02
CA HIS A 44 -14.05 13.49 -17.98
C HIS A 44 -15.06 14.63 -17.98
N GLU A 45 -15.37 15.16 -19.16
CA GLU A 45 -16.36 16.21 -19.29
C GLU A 45 -17.75 15.78 -18.79
N ALA A 46 -18.02 14.48 -18.78
CA ALA A 46 -19.28 13.96 -18.24
C ALA A 46 -19.32 13.81 -16.72
N GLY A 47 -18.22 14.15 -16.03
CA GLY A 47 -18.20 14.12 -14.58
C GLY A 47 -17.41 12.94 -14.01
N TYR A 48 -17.04 12.01 -14.88
CA TYR A 48 -16.35 10.82 -14.43
C TYR A 48 -14.89 11.06 -14.09
N THR A 49 -14.39 10.31 -13.11
CA THR A 49 -12.96 10.19 -12.88
C THR A 49 -12.36 9.27 -13.95
N VAL A 50 -11.23 9.69 -14.54
CA VAL A 50 -10.68 8.97 -15.68
C VAL A 50 -9.18 8.69 -15.57
N CYS A 51 -8.77 7.45 -15.85
CA CYS A 51 -7.35 7.17 -16.01
C CYS A 51 -7.04 6.45 -17.31
N GLY A 52 -6.41 7.14 -18.27
CA GLY A 52 -5.63 6.48 -19.30
C GLY A 52 -4.15 6.29 -19.02
N PRO A 53 -3.74 5.05 -18.75
CA PRO A 53 -2.32 4.87 -18.44
C PRO A 53 -1.44 4.77 -19.69
N ARG A 54 -0.15 5.06 -19.52
CA ARG A 54 0.85 4.71 -20.51
C ARG A 54 1.42 3.31 -20.18
N LEU A 55 1.25 2.38 -21.12
CA LEU A 55 1.88 1.05 -20.99
C LEU A 55 3.39 1.18 -21.04
N LYS A 56 4.11 0.40 -20.21
CA LYS A 56 5.57 0.47 -20.19
C LYS A 56 6.19 0.20 -21.56
N GLY A 57 7.25 0.96 -21.86
CA GLY A 57 7.91 0.88 -23.13
C GLY A 57 7.08 1.41 -24.28
N HIS A 58 5.94 2.04 -23.97
CA HIS A 58 5.11 2.70 -25.00
C HIS A 58 5.25 4.22 -24.85
N GLY A 59 5.21 4.92 -25.98
CA GLY A 59 5.26 6.37 -25.97
C GLY A 59 6.64 6.92 -25.67
N THR A 60 7.65 6.07 -25.78
CA THR A 60 9.03 6.54 -25.60
C THR A 60 9.88 6.20 -26.82
N HIS A 61 10.21 4.93 -26.96
CA HIS A 61 10.94 4.46 -28.12
C HIS A 61 10.64 2.98 -28.29
N TYR A 62 10.57 2.48 -29.51
CA TYR A 62 10.33 1.05 -29.69
C TYR A 62 11.50 0.19 -29.14
N GLU A 63 12.64 0.82 -28.91
CA GLU A 63 13.78 0.11 -28.35
C GLU A 63 13.49 -0.24 -26.90
N ASP A 64 12.82 0.69 -26.22
CA ASP A 64 12.24 0.47 -24.90
C ASP A 64 11.21 -0.66 -24.94
N MET A 65 10.23 -0.52 -25.84
CA MET A 65 9.20 -1.54 -26.01
C MET A 65 9.76 -2.96 -26.12
N GLU A 66 10.86 -3.09 -26.89
CA GLU A 66 11.49 -4.39 -27.15
C GLU A 66 11.84 -5.11 -25.85
N LYS A 67 12.16 -4.36 -24.80
CA LYS A 67 12.56 -4.96 -23.53
C LYS A 67 11.42 -5.27 -22.60
N THR A 68 10.18 -4.95 -22.99
CA THR A 68 9.03 -5.15 -22.09
C THR A 68 8.35 -6.49 -22.31
N THR A 69 7.78 -7.04 -21.23
CA THR A 69 6.96 -8.25 -21.31
C THR A 69 5.49 -7.87 -21.29
N CYS A 70 4.62 -8.85 -21.47
CA CYS A 70 3.21 -8.55 -21.32
C CYS A 70 2.87 -8.33 -19.82
N GLN A 71 3.65 -8.91 -18.91
CA GLN A 71 3.46 -8.65 -17.49
C GLN A 71 3.76 -7.21 -17.13
N ASP A 72 4.75 -6.62 -17.80
CA ASP A 72 4.95 -5.18 -17.70
C ASP A 72 3.72 -4.39 -18.13
N TRP A 73 3.07 -4.81 -19.22
CA TRP A 73 1.90 -4.06 -19.71
C TRP A 73 0.73 -4.19 -18.73
N ILE A 74 0.58 -5.37 -18.16
CA ILE A 74 -0.41 -5.62 -17.12
C ILE A 74 -0.16 -4.78 -15.87
N ASP A 75 1.09 -4.76 -15.42
CA ASP A 75 1.51 -3.91 -14.31
C ASP A 75 1.09 -2.47 -14.54
N SER A 76 1.29 -1.99 -15.76
CA SER A 76 1.00 -0.60 -16.08
C SER A 76 -0.50 -0.34 -15.98
N VAL A 77 -1.27 -1.32 -16.46
CA VAL A 77 -2.74 -1.27 -16.37
C VAL A 77 -3.22 -1.36 -14.92
N GLU A 78 -2.67 -2.32 -14.18
CA GLU A 78 -3.02 -2.51 -12.77
C GLU A 78 -2.71 -1.26 -11.94
N ALA A 79 -1.61 -0.58 -12.22
CA ALA A 79 -1.30 0.66 -11.50
C ALA A 79 -2.36 1.75 -11.72
N GLY A 80 -2.96 1.76 -12.91
CA GLY A 80 -3.97 2.74 -13.24
C GLY A 80 -5.27 2.34 -12.58
N TYR A 81 -5.54 1.04 -12.54
CA TYR A 81 -6.68 0.50 -11.86
C TYR A 81 -6.65 0.90 -10.40
N GLU A 82 -5.48 0.80 -9.80
CA GLU A 82 -5.34 1.03 -8.37
C GLU A 82 -5.53 2.51 -8.08
N TRP A 83 -5.02 3.36 -8.96
CA TRP A 83 -5.21 4.79 -8.83
C TRP A 83 -6.71 5.09 -8.81
N LEU A 84 -7.48 4.44 -9.68
CA LEU A 84 -8.92 4.62 -9.73
C LEU A 84 -9.60 4.10 -8.48
N LYS A 85 -9.13 2.96 -7.98
CA LYS A 85 -9.75 2.32 -6.83
C LYS A 85 -9.66 3.17 -5.57
N ASN A 86 -8.68 4.07 -5.53
CA ASN A 86 -8.51 4.93 -4.39
C ASN A 86 -9.49 6.10 -4.44
N ARG A 87 -9.94 6.44 -5.65
CA ARG A 87 -10.89 7.52 -5.84
C ARG A 87 -12.34 7.14 -6.16
N CYS A 88 -12.61 5.86 -6.42
CA CYS A 88 -13.91 5.46 -7.00
C CYS A 88 -14.40 4.12 -6.49
N GLY A 89 -15.69 4.04 -6.19
CA GLY A 89 -16.34 2.79 -5.82
C GLY A 89 -16.93 2.07 -7.03
N THR A 90 -16.99 2.76 -8.16
CA THR A 90 -17.50 2.19 -9.41
C THR A 90 -16.46 2.40 -10.52
N ILE A 91 -16.03 1.31 -11.16
CA ILE A 91 -14.98 1.41 -12.18
C ILE A 91 -15.34 0.63 -13.43
N PHE A 92 -15.25 1.29 -14.58
CA PHE A 92 -15.45 0.64 -15.87
C PHE A 92 -14.09 0.59 -16.59
N VAL A 93 -13.87 -0.39 -17.46
CA VAL A 93 -12.63 -0.45 -18.24
C VAL A 93 -12.91 -0.48 -19.75
N THR A 94 -12.18 0.32 -20.52
CA THR A 94 -12.37 0.34 -21.97
C THR A 94 -10.96 0.44 -22.54
N GLY A 95 -10.77 -0.06 -23.76
CA GLY A 95 -9.46 -0.06 -24.36
C GLY A 95 -9.55 -0.43 -25.85
N LEU A 96 -8.57 0.01 -26.63
CA LEU A 96 -8.51 -0.25 -28.06
C LEU A 96 -7.50 -1.32 -28.42
N SER A 97 -7.88 -2.25 -29.29
CA SER A 97 -6.97 -3.28 -29.78
C SER A 97 -6.40 -4.14 -28.64
N MET A 98 -5.09 -4.09 -28.39
CA MET A 98 -4.53 -4.83 -27.27
C MET A 98 -4.97 -4.20 -25.94
N GLY A 99 -5.38 -2.95 -25.99
CA GLY A 99 -6.00 -2.31 -24.85
C GLY A 99 -7.35 -2.97 -24.54
N GLY A 100 -7.99 -3.49 -25.59
CA GLY A 100 -9.25 -4.20 -25.42
C GLY A 100 -8.97 -5.58 -24.84
N THR A 101 -7.87 -6.17 -25.27
CA THR A 101 -7.37 -7.41 -24.72
C THR A 101 -7.11 -7.28 -23.23
N LEU A 102 -6.45 -6.19 -22.86
CA LEU A 102 -6.15 -5.87 -21.47
C LEU A 102 -7.44 -5.50 -20.69
N THR A 103 -8.40 -4.93 -21.40
CA THR A 103 -9.70 -4.64 -20.82
C THR A 103 -10.33 -5.97 -20.41
N LEU A 104 -10.19 -7.00 -21.24
CA LEU A 104 -10.79 -8.29 -21.00
C LEU A 104 -10.01 -8.98 -19.89
N TYR A 105 -8.70 -8.79 -19.89
CA TYR A 105 -7.87 -9.35 -18.83
C TYR A 105 -8.31 -8.83 -17.47
N MET A 106 -8.60 -7.54 -17.40
CA MET A 106 -8.97 -6.95 -16.12
C MET A 106 -10.28 -7.53 -15.63
N ALA A 107 -11.25 -7.63 -16.53
CA ALA A 107 -12.54 -8.24 -16.20
C ALA A 107 -12.36 -9.71 -15.80
N GLU A 108 -11.27 -10.33 -16.26
CA GLU A 108 -11.07 -11.73 -15.94
C GLU A 108 -10.54 -11.91 -14.52
N HIS A 109 -9.77 -10.93 -14.03
CA HIS A 109 -9.16 -10.98 -12.70
C HIS A 109 -9.73 -10.13 -11.57
N HIS A 110 -10.67 -9.24 -11.87
CA HIS A 110 -11.21 -8.31 -10.85
C HIS A 110 -12.74 -8.23 -10.95
N PRO A 111 -13.43 -9.09 -10.17
CA PRO A 111 -14.90 -9.20 -10.20
C PRO A 111 -15.65 -7.91 -9.86
N GLU A 112 -15.04 -6.99 -9.13
CA GLU A 112 -15.73 -5.73 -8.79
C GLU A 112 -15.82 -4.72 -9.94
N ILE A 113 -15.16 -5.01 -11.05
CA ILE A 113 -15.27 -4.14 -12.23
C ILE A 113 -16.71 -4.15 -12.71
N CYS A 114 -17.28 -2.96 -12.88
CA CYS A 114 -18.71 -2.84 -13.14
C CYS A 114 -19.08 -3.13 -14.59
N GLY A 115 -18.19 -2.79 -15.54
CA GLY A 115 -18.43 -3.15 -16.93
C GLY A 115 -17.26 -2.85 -17.83
N ILE A 116 -17.29 -3.42 -19.03
CA ILE A 116 -16.21 -3.24 -19.99
C ILE A 116 -16.69 -2.92 -21.37
N ALA A 117 -15.82 -2.23 -22.08
CA ALA A 117 -16.07 -1.79 -23.42
C ALA A 117 -14.81 -1.92 -24.27
N PRO A 118 -14.45 -3.15 -24.67
CA PRO A 118 -13.31 -3.24 -25.60
C PRO A 118 -13.65 -2.77 -27.00
N ILE A 119 -12.66 -2.20 -27.69
CA ILE A 119 -12.80 -1.73 -29.05
C ILE A 119 -11.81 -2.53 -29.91
N ASN A 120 -12.35 -3.31 -30.86
CA ASN A 120 -11.53 -4.14 -31.74
C ASN A 120 -10.49 -4.98 -30.96
N ALA A 121 -10.92 -5.52 -29.83
CA ALA A 121 -10.05 -6.33 -28.98
C ALA A 121 -9.48 -7.50 -29.77
N ALA A 122 -8.21 -7.81 -29.54
CA ALA A 122 -7.57 -8.92 -30.26
C ALA A 122 -7.42 -10.11 -29.34
N ILE A 123 -8.13 -11.21 -29.61
CA ILE A 123 -7.79 -12.47 -28.96
C ILE A 123 -7.24 -13.58 -29.87
N ASN A 124 -7.38 -13.44 -31.18
CA ASN A 124 -6.78 -14.43 -32.07
C ASN A 124 -6.20 -13.86 -33.37
N MET A 125 -4.89 -13.96 -33.52
CA MET A 125 -4.21 -13.34 -34.66
C MET A 125 -3.24 -14.30 -35.33
N PRO A 126 -3.74 -15.11 -36.27
CA PRO A 126 -2.97 -16.19 -36.91
C PRO A 126 -1.68 -15.70 -37.57
N ALA A 127 -1.69 -14.52 -38.18
CA ALA A 127 -0.50 -13.95 -38.81
C ALA A 127 0.66 -13.79 -37.82
N LEU A 128 0.39 -13.13 -36.69
CA LEU A 128 1.39 -12.92 -35.65
C LEU A 128 1.87 -14.26 -35.09
N ALA A 129 0.93 -15.12 -34.70
CA ALA A 129 1.27 -16.44 -34.19
C ALA A 129 2.08 -17.23 -35.22
N GLY A 130 1.76 -17.02 -36.50
CA GLY A 130 2.50 -17.63 -37.58
C GLY A 130 3.93 -17.14 -37.60
N ALA A 131 4.12 -15.85 -37.32
CA ALA A 131 5.45 -15.23 -37.37
C ALA A 131 6.36 -15.76 -36.27
N LEU A 132 5.75 -16.39 -35.28
CA LEU A 132 6.46 -16.99 -34.15
C LEU A 132 7.15 -18.32 -34.42
N ALA A 133 6.56 -19.14 -35.29
CA ALA A 133 7.18 -20.41 -35.71
C ALA A 133 8.54 -20.08 -36.31
N GLY A 134 8.55 -18.91 -36.94
CA GLY A 134 9.71 -18.22 -37.46
C GLY A 134 10.30 -17.58 -36.22
N VAL A 135 10.57 -16.27 -36.34
CA VAL A 135 11.02 -15.32 -35.31
C VAL A 135 12.53 -15.18 -35.22
N GLY A 136 13.27 -16.13 -35.77
CA GLY A 136 14.71 -16.00 -35.80
C GLY A 136 15.04 -15.49 -37.19
N ASP A 137 14.03 -15.58 -38.05
CA ASP A 137 14.11 -15.12 -39.42
C ASP A 137 13.52 -13.73 -39.57
N LEU A 138 13.01 -13.18 -38.47
CA LEU A 138 12.38 -11.86 -38.49
C LEU A 138 13.42 -10.76 -38.24
N PRO A 139 13.25 -9.60 -38.90
CA PRO A 139 14.10 -8.45 -38.57
C PRO A 139 13.90 -8.04 -37.12
N ARG A 140 14.95 -7.57 -36.47
CA ARG A 140 14.84 -7.17 -35.06
C ARG A 140 13.68 -6.19 -34.88
N PHE A 141 13.57 -5.27 -35.82
CA PHE A 141 12.49 -4.29 -35.81
C PHE A 141 11.78 -4.32 -37.14
N LEU A 142 10.49 -4.61 -37.08
CA LEU A 142 9.63 -4.65 -38.25
C LEU A 142 9.19 -3.24 -38.56
N ASP A 143 9.14 -2.86 -39.83
CA ASP A 143 8.57 -1.57 -40.20
C ASP A 143 7.07 -1.62 -39.93
N ALA A 144 6.58 -0.69 -39.11
CA ALA A 144 5.14 -0.65 -38.86
C ALA A 144 4.57 0.61 -39.44
N ILE A 145 3.94 0.47 -40.60
CA ILE A 145 3.54 1.63 -41.40
C ILE A 145 2.19 1.35 -42.11
N GLY A 146 1.21 2.25 -42.03
CA GLY A 146 1.06 3.32 -41.06
C GLY A 146 0.02 2.89 -40.04
N SER A 147 -0.84 3.82 -39.61
CA SER A 147 -1.99 3.44 -38.76
C SER A 147 -3.22 3.07 -39.58
N ASP A 148 -3.98 2.07 -39.14
CA ASP A 148 -5.12 1.64 -39.96
C ASP A 148 -6.35 2.45 -39.55
N ILE A 149 -6.64 3.48 -40.38
CA ILE A 149 -7.70 4.49 -40.14
C ILE A 149 -8.33 4.88 -41.48
N LYS A 150 -9.66 4.85 -41.57
CA LYS A 150 -10.34 5.13 -42.83
C LYS A 150 -10.40 6.64 -43.10
N LYS A 151 -10.78 7.39 -42.09
CA LYS A 151 -10.77 8.83 -42.14
C LYS A 151 -9.38 9.36 -42.51
N PRO A 152 -9.27 10.02 -43.67
CA PRO A 152 -7.96 10.45 -44.18
C PRO A 152 -7.39 11.62 -43.40
N GLY A 153 -6.07 11.73 -43.40
CA GLY A 153 -5.41 12.88 -42.79
C GLY A 153 -5.19 12.74 -41.30
N VAL A 154 -5.60 11.61 -40.73
CA VAL A 154 -5.50 11.41 -39.29
C VAL A 154 -4.16 10.82 -38.93
N LYS A 155 -3.57 11.37 -37.88
CA LYS A 155 -2.25 10.94 -37.39
C LYS A 155 -2.36 10.33 -35.99
N GLU A 156 -1.75 9.16 -35.82
CA GLU A 156 -1.72 8.50 -34.53
C GLU A 156 -0.32 8.53 -33.94
N LEU A 157 -0.19 8.90 -32.66
CA LEU A 157 1.10 8.71 -32.02
C LEU A 157 1.26 7.24 -31.72
N ALA A 158 2.15 6.61 -32.48
CA ALA A 158 2.46 5.20 -32.34
C ALA A 158 3.82 5.00 -33.00
N TYR A 159 4.50 3.92 -32.62
CA TYR A 159 5.83 3.64 -33.18
C TYR A 159 5.79 3.27 -34.67
N GLU A 160 6.85 3.61 -35.40
CA GLU A 160 6.98 3.26 -36.81
C GLU A 160 7.68 1.91 -37.00
N LYS A 161 8.10 1.30 -35.90
CA LYS A 161 8.59 -0.07 -35.92
C LYS A 161 7.98 -0.90 -34.81
N THR A 162 7.73 -2.16 -35.10
CA THR A 162 7.39 -3.14 -34.10
C THR A 162 8.57 -4.05 -33.81
N PRO A 163 8.99 -4.14 -32.53
CA PRO A 163 10.03 -5.12 -32.20
C PRO A 163 9.53 -6.56 -32.38
N ALA A 164 10.29 -7.37 -33.11
CA ALA A 164 9.91 -8.77 -33.28
C ALA A 164 9.82 -9.48 -31.92
N ALA A 165 10.62 -9.05 -30.95
CA ALA A 165 10.58 -9.73 -29.64
C ALA A 165 9.28 -9.45 -28.87
N SER A 166 8.57 -8.39 -29.25
CA SER A 166 7.32 -8.04 -28.58
C SER A 166 6.17 -8.88 -29.13
N ILE A 167 6.38 -9.51 -30.27
CA ILE A 167 5.33 -10.34 -30.84
C ILE A 167 4.92 -11.50 -29.93
N ARG A 168 5.90 -12.21 -29.37
CA ARG A 168 5.55 -13.33 -28.52
C ARG A 168 4.92 -12.81 -27.24
N GLN A 169 5.25 -11.58 -26.87
CA GLN A 169 4.66 -11.01 -25.67
C GLN A 169 3.15 -10.76 -25.86
N ILE A 170 2.76 -10.27 -27.03
CA ILE A 170 1.34 -9.99 -27.26
C ILE A 170 0.60 -11.31 -27.54
N VAL A 171 1.30 -12.28 -28.12
CA VAL A 171 0.68 -13.57 -28.40
C VAL A 171 0.40 -14.29 -27.10
N GLN A 172 1.37 -14.27 -26.19
CA GLN A 172 1.23 -14.90 -24.90
C GLN A 172 0.08 -14.24 -24.11
N LEU A 173 -0.04 -12.91 -24.23
CA LEU A 173 -1.14 -12.23 -23.55
C LEU A 173 -2.47 -12.62 -24.17
N MET A 174 -2.55 -12.63 -25.50
CA MET A 174 -3.81 -12.97 -26.14
C MET A 174 -4.24 -14.41 -25.83
N GLU A 175 -3.29 -15.34 -25.84
CA GLU A 175 -3.58 -16.73 -25.55
C GLU A 175 -4.19 -16.83 -24.14
N ARG A 176 -3.52 -16.24 -23.16
CA ARG A 176 -3.96 -16.27 -21.76
C ARG A 176 -5.35 -15.62 -21.55
N VAL A 177 -5.58 -14.49 -22.20
CA VAL A 177 -6.88 -13.82 -22.12
C VAL A 177 -7.94 -14.63 -22.84
N LYS A 178 -7.54 -15.31 -23.92
CA LYS A 178 -8.47 -16.14 -24.66
C LYS A 178 -9.03 -17.28 -23.81
N THR A 179 -8.15 -18.08 -23.21
CA THR A 179 -8.60 -19.23 -22.42
C THR A 179 -9.38 -18.80 -21.17
N ASP A 180 -9.14 -17.58 -20.71
CA ASP A 180 -9.77 -17.10 -19.48
C ASP A 180 -11.10 -16.34 -19.67
N LEU A 181 -11.64 -16.28 -20.88
CA LEU A 181 -12.82 -15.43 -21.14
C LEU A 181 -14.07 -15.80 -20.31
N HIS A 182 -14.25 -17.10 -20.09
CA HIS A 182 -15.40 -17.64 -19.41
C HIS A 182 -15.53 -17.08 -18.00
N LYS A 183 -14.44 -16.53 -17.49
CA LYS A 183 -14.43 -15.90 -16.18
C LYS A 183 -15.15 -14.54 -16.14
N ILE A 184 -15.47 -13.99 -17.31
CA ILE A 184 -16.04 -12.64 -17.35
C ILE A 184 -17.57 -12.63 -17.16
N THR A 185 -18.02 -12.02 -16.07
CA THR A 185 -19.46 -11.86 -15.86
C THR A 185 -20.01 -10.45 -16.03
N CYS A 186 -19.15 -9.45 -16.14
CA CYS A 186 -19.66 -8.10 -16.02
C CYS A 186 -20.29 -7.72 -17.35
N PRO A 187 -21.15 -6.70 -17.34
CA PRO A 187 -21.74 -6.22 -18.59
C PRO A 187 -20.67 -5.83 -19.62
N ALA A 188 -20.88 -6.18 -20.87
CA ALA A 188 -19.87 -5.93 -21.90
C ALA A 188 -20.50 -5.39 -23.16
N ILE A 189 -19.89 -4.33 -23.70
CA ILE A 189 -20.19 -3.87 -25.04
C ILE A 189 -18.92 -4.02 -25.86
N LEU A 190 -19.04 -4.73 -26.99
CA LEU A 190 -17.89 -5.01 -27.82
C LEU A 190 -17.99 -4.23 -29.12
N PHE A 191 -17.17 -3.20 -29.24
CA PHE A 191 -17.12 -2.42 -30.48
C PHE A 191 -16.28 -3.15 -31.51
N CYS A 192 -16.81 -3.26 -32.73
CA CYS A 192 -16.12 -3.97 -33.79
C CYS A 192 -16.23 -3.22 -35.08
N SER A 193 -15.07 -2.79 -35.61
CA SER A 193 -15.07 -2.20 -36.96
C SER A 193 -15.54 -3.22 -38.00
N ASP A 194 -16.37 -2.76 -38.93
CA ASP A 194 -16.86 -3.61 -40.02
C ASP A 194 -15.69 -4.11 -40.83
N GLU A 195 -14.82 -3.16 -41.21
CA GLU A 195 -13.58 -3.45 -41.92
C GLU A 195 -12.42 -3.14 -41.01
N ASP A 196 -11.64 -4.16 -40.68
CA ASP A 196 -10.51 -4.03 -39.79
C ASP A 196 -9.37 -4.81 -40.41
N HIS A 197 -8.30 -4.12 -40.75
CA HIS A 197 -7.23 -4.72 -41.53
C HIS A 197 -6.15 -5.27 -40.61
N VAL A 198 -6.46 -5.27 -39.32
CA VAL A 198 -5.50 -5.63 -38.28
C VAL A 198 -5.99 -6.82 -37.45
N VAL A 199 -7.14 -6.67 -36.83
CA VAL A 199 -7.74 -7.77 -36.09
C VAL A 199 -8.81 -8.47 -36.93
N PRO A 200 -8.71 -9.80 -37.05
CA PRO A 200 -9.75 -10.57 -37.73
C PRO A 200 -11.15 -10.26 -37.19
N PRO A 201 -12.14 -10.15 -38.08
CA PRO A 201 -13.52 -9.84 -37.72
C PRO A 201 -14.15 -10.90 -36.81
N ASP A 202 -13.66 -12.14 -36.88
CA ASP A 202 -14.21 -13.23 -36.09
C ASP A 202 -13.80 -13.16 -34.62
N ASN A 203 -12.92 -12.21 -34.26
CA ASN A 203 -12.51 -12.04 -32.88
C ASN A 203 -13.69 -11.55 -32.05
N ALA A 204 -14.37 -10.51 -32.53
CA ALA A 204 -15.49 -9.93 -31.79
C ALA A 204 -16.57 -10.96 -31.42
N PRO A 205 -17.11 -11.73 -32.40
CA PRO A 205 -18.15 -12.68 -31.97
C PRO A 205 -17.60 -13.77 -31.07
N PHE A 206 -16.37 -14.19 -31.33
CA PHE A 206 -15.72 -15.22 -30.52
C PHE A 206 -15.72 -14.83 -29.05
N ILE A 207 -15.22 -13.63 -28.76
CA ILE A 207 -15.31 -13.02 -27.43
C ILE A 207 -16.73 -12.99 -26.88
N TYR A 208 -17.68 -12.55 -27.72
CA TYR A 208 -19.10 -12.49 -27.36
C TYR A 208 -19.60 -13.87 -26.90
N ASP A 209 -19.16 -14.92 -27.59
CA ASP A 209 -19.65 -16.28 -27.35
C ASP A 209 -19.04 -16.92 -26.10
N HIS A 210 -17.81 -16.56 -25.76
CA HIS A 210 -17.12 -17.24 -24.65
C HIS A 210 -17.08 -16.50 -23.31
N ILE A 211 -17.54 -15.26 -23.25
CA ILE A 211 -17.69 -14.61 -21.96
C ILE A 211 -19.02 -15.07 -21.34
N ALA A 212 -19.13 -15.04 -20.01
CA ALA A 212 -20.30 -15.56 -19.31
C ALA A 212 -21.32 -14.46 -18.98
N SER A 213 -21.07 -13.25 -19.47
CA SER A 213 -21.93 -12.09 -19.19
C SER A 213 -23.38 -12.28 -19.61
N ALA A 214 -24.30 -11.91 -18.74
CA ALA A 214 -25.73 -11.91 -19.08
C ALA A 214 -26.10 -10.69 -19.91
N ASP A 215 -25.48 -9.55 -19.62
CA ASP A 215 -25.74 -8.36 -20.40
C ASP A 215 -24.55 -8.07 -21.32
N LYS A 216 -24.73 -8.38 -22.61
CA LYS A 216 -23.65 -8.24 -23.57
C LYS A 216 -24.19 -7.94 -24.95
N LYS A 217 -23.49 -7.07 -25.67
CA LYS A 217 -23.90 -6.65 -27.00
C LYS A 217 -22.68 -6.38 -27.86
N LEU A 218 -22.81 -6.67 -29.14
CA LEU A 218 -21.83 -6.27 -30.12
C LEU A 218 -22.29 -4.97 -30.76
N VAL A 219 -21.38 -4.00 -30.88
CA VAL A 219 -21.71 -2.72 -31.50
C VAL A 219 -20.81 -2.49 -32.72
N ARG A 220 -21.42 -2.39 -33.90
CA ARG A 220 -20.70 -2.21 -35.15
C ARG A 220 -20.21 -0.78 -35.33
N LEU A 221 -19.01 -0.65 -35.88
CA LEU A 221 -18.45 0.64 -36.28
C LEU A 221 -18.24 0.58 -37.79
N PRO A 222 -19.30 0.95 -38.55
CA PRO A 222 -19.40 0.72 -40.00
C PRO A 222 -18.50 1.59 -40.87
N ASP A 223 -18.11 2.77 -40.38
CA ASP A 223 -17.31 3.70 -41.16
C ASP A 223 -15.82 3.76 -40.76
N SER A 224 -15.38 2.78 -39.97
CA SER A 224 -14.06 2.83 -39.37
C SER A 224 -13.22 1.58 -39.60
N TYR A 225 -11.90 1.78 -39.62
CA TYR A 225 -10.93 0.70 -39.65
C TYR A 225 -10.45 0.36 -38.21
N HIS A 226 -9.30 -0.29 -38.07
CA HIS A 226 -8.82 -0.72 -36.75
C HIS A 226 -8.75 0.39 -35.69
N VAL A 227 -8.09 1.52 -35.95
CA VAL A 227 -7.90 2.42 -34.83
C VAL A 227 -9.11 3.33 -34.80
N ALA A 228 -10.15 2.86 -34.12
CA ALA A 228 -11.48 3.44 -34.38
C ALA A 228 -11.66 4.68 -33.56
N THR A 229 -10.82 4.84 -32.54
CA THR A 229 -10.96 5.96 -31.62
C THR A 229 -10.53 7.28 -32.25
N LEU A 230 -9.68 7.19 -33.27
CA LEU A 230 -9.26 8.33 -34.09
C LEU A 230 -10.01 8.37 -35.43
N ASP A 231 -10.99 7.47 -35.60
CA ASP A 231 -11.65 7.29 -36.90
C ASP A 231 -13.08 7.87 -36.93
N ASN A 232 -13.78 7.65 -38.05
CA ASN A 232 -15.11 8.23 -38.28
C ASN A 232 -16.15 7.99 -37.19
N ASP A 233 -16.04 6.84 -36.54
CA ASP A 233 -17.06 6.36 -35.59
C ASP A 233 -16.70 6.71 -34.15
N ARG A 234 -15.68 7.55 -34.00
CA ARG A 234 -15.21 8.04 -32.71
C ARG A 234 -16.34 8.48 -31.78
N GLN A 235 -17.27 9.28 -32.31
CA GLN A 235 -18.35 9.86 -31.52
C GLN A 235 -19.32 8.78 -31.12
N LYS A 236 -19.55 7.83 -32.03
CA LYS A 236 -20.42 6.72 -31.72
C LYS A 236 -19.88 5.90 -30.54
N ILE A 237 -18.57 5.70 -30.54
CA ILE A 237 -17.91 4.97 -29.45
C ILE A 237 -18.14 5.68 -28.12
N ILE A 238 -17.89 6.99 -28.12
CA ILE A 238 -18.06 7.83 -26.95
C ILE A 238 -19.51 7.83 -26.42
N ASP A 239 -20.45 8.08 -27.31
CA ASP A 239 -21.85 8.22 -26.93
C ASP A 239 -22.36 6.90 -26.42
N THR A 240 -21.99 5.82 -27.09
CA THR A 240 -22.48 4.51 -26.68
C THR A 240 -21.90 4.13 -25.29
N SER A 241 -20.63 4.46 -25.07
CA SER A 241 -19.92 4.10 -23.85
C SER A 241 -20.44 4.93 -22.68
N LEU A 242 -20.72 6.21 -22.92
CA LEU A 242 -21.37 7.05 -21.92
C LEU A 242 -22.75 6.52 -21.53
N ALA A 243 -23.54 6.10 -22.51
CA ALA A 243 -24.87 5.57 -22.21
C ALA A 243 -24.73 4.28 -21.39
N PHE A 244 -23.76 3.46 -21.78
CA PHE A 244 -23.42 2.22 -21.09
C PHE A 244 -22.97 2.48 -19.64
N PHE A 245 -22.11 3.48 -19.46
CA PHE A 245 -21.61 3.83 -18.13
C PHE A 245 -22.77 4.26 -17.23
N LYS A 246 -23.53 5.25 -17.70
CA LYS A 246 -24.73 5.76 -17.03
C LYS A 246 -25.71 4.65 -16.66
N LYS A 247 -26.02 3.79 -17.64
CA LYS A 247 -26.99 2.73 -17.47
C LYS A 247 -26.67 1.81 -16.28
N HIS A 248 -25.45 1.31 -16.24
CA HIS A 248 -25.07 0.39 -15.17
C HIS A 248 -24.74 1.11 -13.86
N ALA A 249 -24.34 2.37 -13.94
CA ALA A 249 -24.15 3.14 -12.72
C ALA A 249 -25.49 3.40 -12.02
N ASP A 250 -26.53 3.64 -12.82
CA ASP A 250 -27.88 3.90 -12.31
C ASP A 250 -28.48 2.64 -11.70
N ARG A 251 -28.10 1.48 -12.21
CA ARG A 251 -28.70 0.22 -11.77
C ARG A 251 -27.98 -0.42 -10.58
N HIS A 252 -26.82 0.09 -10.19
CA HIS A 252 -26.23 -0.36 -8.93
C HIS A 252 -26.57 0.63 -7.83
N MET B 1 -3.21 -27.19 -5.43
CA MET B 1 -4.17 -28.25 -5.14
C MET B 1 -3.58 -29.18 -4.11
N THR B 2 -4.33 -30.19 -3.69
CA THR B 2 -3.70 -31.28 -2.97
C THR B 2 -4.28 -32.58 -3.49
N GLU B 3 -3.46 -33.62 -3.51
CA GLU B 3 -3.89 -34.93 -3.98
C GLU B 3 -4.85 -35.57 -3.01
N THR B 4 -6.02 -35.98 -3.49
CA THR B 4 -6.91 -36.80 -2.68
C THR B 4 -6.62 -38.30 -2.75
N TYR B 5 -6.08 -38.77 -3.87
CA TYR B 5 -5.83 -40.20 -4.03
C TYR B 5 -4.43 -40.68 -3.63
N PRO B 6 -4.31 -41.96 -3.22
CA PRO B 6 -2.99 -42.52 -2.89
C PRO B 6 -2.14 -42.80 -4.12
N VAL B 7 -0.83 -42.81 -3.95
CA VAL B 7 0.06 -43.33 -4.99
C VAL B 7 -0.35 -44.76 -5.32
N VAL B 8 -0.47 -45.05 -6.62
CA VAL B 8 -0.84 -46.37 -7.11
C VAL B 8 0.40 -47.29 -7.05
N LYS B 9 0.21 -48.55 -6.65
CA LYS B 9 1.31 -49.50 -6.60
C LYS B 9 2.00 -49.62 -7.97
N GLY B 10 3.32 -49.46 -7.95
CA GLY B 10 4.10 -49.43 -9.16
C GLY B 10 4.42 -48.01 -9.59
N ALA B 11 3.63 -47.05 -9.12
CA ALA B 11 3.79 -45.65 -9.53
C ALA B 11 4.67 -44.84 -8.60
N GLU B 12 5.29 -45.51 -7.63
CA GLU B 12 6.14 -44.84 -6.64
C GLU B 12 7.39 -44.19 -7.25
N PRO B 13 7.78 -43.04 -6.70
CA PRO B 13 9.05 -42.42 -7.10
C PRO B 13 10.21 -43.30 -6.67
N PHE B 14 11.33 -43.26 -7.36
CA PHE B 14 12.43 -44.09 -6.90
C PHE B 14 13.58 -43.24 -6.45
N PHE B 15 14.25 -43.73 -5.41
CA PHE B 15 15.38 -43.08 -4.79
C PHE B 15 16.46 -44.13 -4.57
N PHE B 16 17.62 -43.92 -5.16
CA PHE B 16 18.71 -44.88 -5.06
C PHE B 16 19.97 -44.17 -4.60
N GLU B 17 20.47 -44.53 -3.41
CA GLU B 17 21.70 -43.92 -2.91
C GLU B 17 22.87 -44.49 -3.72
N GLY B 18 23.87 -43.66 -3.98
CA GLY B 18 24.94 -43.99 -4.90
C GLY B 18 26.15 -43.12 -4.73
N ASN B 19 27.01 -43.07 -5.75
CA ASN B 19 28.19 -42.20 -5.71
C ASN B 19 27.85 -40.72 -5.95
N ASP B 20 28.88 -39.91 -6.20
CA ASP B 20 28.75 -38.46 -6.21
C ASP B 20 28.20 -37.92 -7.52
N ILE B 21 27.82 -38.82 -8.44
CA ILE B 21 27.15 -38.41 -9.66
C ILE B 21 25.68 -38.86 -9.62
N GLY B 22 24.79 -37.89 -9.56
CA GLY B 22 23.38 -38.21 -9.57
C GLY B 22 22.74 -38.11 -10.93
N ILE B 23 21.72 -38.92 -11.13
CA ILE B 23 20.93 -38.80 -12.35
C ILE B 23 19.45 -38.52 -12.03
N LEU B 24 18.95 -37.39 -12.54
CA LEU B 24 17.53 -37.07 -12.43
C LEU B 24 16.75 -37.66 -13.61
N VAL B 25 15.76 -38.52 -13.31
CA VAL B 25 15.04 -39.26 -14.32
C VAL B 25 13.53 -38.93 -14.29
N LEU B 26 13.05 -38.22 -15.31
CA LEU B 26 11.70 -37.62 -15.31
C LEU B 26 10.68 -38.35 -16.19
N HIS B 27 9.52 -38.68 -15.64
CA HIS B 27 8.42 -39.25 -16.44
C HIS B 27 7.57 -38.13 -17.03
N GLY B 28 6.61 -38.49 -17.87
CA GLY B 28 5.79 -37.51 -18.57
C GLY B 28 4.32 -37.34 -18.18
N PHE B 29 3.64 -36.56 -19.03
CA PHE B 29 2.23 -36.18 -18.93
C PHE B 29 1.30 -37.44 -18.90
N THR B 30 0.52 -37.56 -17.80
CA THR B 30 -0.31 -38.75 -17.42
C THR B 30 0.47 -40.03 -17.06
N GLY B 31 1.79 -39.98 -17.14
CA GLY B 31 2.60 -41.13 -16.80
C GLY B 31 2.99 -41.15 -15.34
N SER B 32 4.07 -41.89 -15.05
CA SER B 32 4.51 -42.08 -13.68
C SER B 32 5.91 -42.68 -13.70
N PRO B 33 6.55 -42.79 -12.53
CA PRO B 33 7.91 -43.34 -12.58
C PRO B 33 8.07 -44.75 -13.15
N GLN B 34 7.01 -45.57 -13.19
CA GLN B 34 7.10 -46.95 -13.71
C GLN B 34 7.72 -47.03 -15.10
N SER B 35 7.41 -46.03 -15.95
CA SER B 35 7.95 -46.01 -17.30
C SER B 35 9.44 -45.66 -17.29
N MET B 36 9.90 -44.99 -16.24
CA MET B 36 11.31 -44.57 -16.12
C MET B 36 12.19 -45.51 -15.32
N ARG B 37 11.56 -46.44 -14.60
CA ARG B 37 12.23 -47.28 -13.61
C ARG B 37 13.33 -48.19 -14.22
N PRO B 38 13.11 -48.77 -15.41
CA PRO B 38 14.22 -49.52 -16.03
C PRO B 38 15.50 -48.69 -16.18
N LEU B 39 15.37 -47.43 -16.55
CA LEU B 39 16.54 -46.57 -16.70
C LEU B 39 17.19 -46.32 -15.34
N GLY B 40 16.35 -46.08 -14.34
CA GLY B 40 16.83 -45.77 -13.01
C GLY B 40 17.59 -46.94 -12.40
N GLU B 41 17.03 -48.15 -12.51
CA GLU B 41 17.68 -49.33 -11.94
C GLU B 41 19.01 -49.59 -12.62
N ALA B 42 19.04 -49.39 -13.94
CA ALA B 42 20.25 -49.54 -14.75
C ALA B 42 21.31 -48.54 -14.35
N TYR B 43 20.94 -47.28 -14.19
CA TYR B 43 21.93 -46.27 -13.80
C TYR B 43 22.40 -46.50 -12.37
N HIS B 44 21.52 -47.05 -11.56
CA HIS B 44 21.83 -47.30 -10.17
C HIS B 44 22.83 -48.43 -10.04
N GLU B 45 22.71 -49.41 -10.93
CA GLU B 45 23.59 -50.56 -10.88
C GLU B 45 24.95 -50.22 -11.43
N ALA B 46 25.05 -49.10 -12.13
CA ALA B 46 26.35 -48.60 -12.57
C ALA B 46 26.99 -47.80 -11.44
N GLY B 47 26.24 -47.60 -10.36
CA GLY B 47 26.79 -46.95 -9.17
C GLY B 47 26.34 -45.53 -8.94
N TYR B 48 25.47 -45.01 -9.80
CA TYR B 48 25.06 -43.62 -9.67
C TYR B 48 23.99 -43.43 -8.61
N THR B 49 23.92 -42.21 -8.07
CA THR B 49 22.77 -41.84 -7.25
C THR B 49 21.66 -41.51 -8.25
N VAL B 50 20.45 -42.01 -8.01
CA VAL B 50 19.37 -41.76 -8.94
C VAL B 50 18.09 -41.36 -8.21
N CYS B 51 17.38 -40.36 -8.74
CA CYS B 51 16.06 -39.98 -8.26
C CYS B 51 15.08 -39.87 -9.45
N GLY B 52 14.13 -40.80 -9.59
CA GLY B 52 12.92 -40.54 -10.34
C GLY B 52 11.78 -40.02 -9.50
N PRO B 53 11.44 -38.74 -9.65
CA PRO B 53 10.37 -38.12 -8.85
C PRO B 53 9.01 -38.40 -9.47
N ARG B 54 7.96 -38.26 -8.67
CA ARG B 54 6.59 -38.43 -9.14
C ARG B 54 5.98 -37.06 -9.32
N LEU B 55 5.55 -36.73 -10.55
CA LEU B 55 4.94 -35.44 -10.78
C LEU B 55 3.64 -35.35 -9.97
N LYS B 56 3.34 -34.19 -9.39
CA LYS B 56 2.10 -34.06 -8.61
C LYS B 56 0.90 -34.40 -9.49
N GLY B 57 -0.10 -35.01 -8.88
CA GLY B 57 -1.29 -35.43 -9.61
C GLY B 57 -1.03 -36.62 -10.49
N HIS B 58 0.22 -37.09 -10.53
CA HIS B 58 0.54 -38.25 -11.36
C HIS B 58 0.73 -39.46 -10.46
N GLY B 59 0.36 -40.63 -10.97
CA GLY B 59 0.48 -41.88 -10.23
C GLY B 59 -0.57 -42.06 -9.15
N THR B 60 -1.57 -41.19 -9.14
CA THR B 60 -2.65 -41.35 -8.15
C THR B 60 -3.99 -41.55 -8.83
N HIS B 61 -4.53 -40.47 -9.39
CA HIS B 61 -5.76 -40.53 -10.16
C HIS B 61 -5.72 -39.36 -11.11
N TYR B 62 -6.29 -39.53 -12.29
CA TYR B 62 -6.37 -38.42 -13.22
C TYR B 62 -7.26 -37.30 -12.68
N GLU B 63 -8.08 -37.58 -11.66
CA GLU B 63 -8.89 -36.52 -11.04
C GLU B 63 -7.99 -35.57 -10.26
N ASP B 64 -6.94 -36.10 -9.65
CA ASP B 64 -5.91 -35.27 -9.03
C ASP B 64 -5.12 -34.45 -10.06
N MET B 65 -4.67 -35.12 -11.13
CA MET B 65 -3.94 -34.47 -12.21
C MET B 65 -4.65 -33.20 -12.74
N GLU B 66 -5.95 -33.30 -12.94
CA GLU B 66 -6.77 -32.19 -13.44
C GLU B 66 -6.55 -30.90 -12.69
N LYS B 67 -6.32 -31.00 -11.40
CA LYS B 67 -6.19 -29.82 -10.57
C LYS B 67 -4.74 -29.28 -10.51
N THR B 68 -3.81 -29.95 -11.18
CA THR B 68 -2.40 -29.53 -11.11
C THR B 68 -2.02 -28.59 -12.25
N THR B 69 -1.07 -27.72 -11.97
CA THR B 69 -0.50 -26.82 -12.98
C THR B 69 0.89 -27.29 -13.45
N CYS B 70 1.46 -26.63 -14.46
CA CYS B 70 2.79 -27.02 -14.86
C CYS B 70 3.83 -26.53 -13.83
N GLN B 71 3.50 -25.49 -13.06
CA GLN B 71 4.35 -25.14 -11.93
C GLN B 71 4.41 -26.27 -10.89
N ASP B 72 3.27 -26.91 -10.63
CA ASP B 72 3.26 -28.09 -9.77
C ASP B 72 4.25 -29.16 -10.24
N TRP B 73 4.26 -29.41 -11.55
CA TRP B 73 5.12 -30.42 -12.13
C TRP B 73 6.58 -30.00 -12.01
N ILE B 74 6.83 -28.73 -12.32
CA ILE B 74 8.14 -28.12 -12.14
C ILE B 74 8.63 -28.28 -10.70
N ASP B 75 7.78 -27.97 -9.71
CA ASP B 75 8.14 -28.14 -8.31
C ASP B 75 8.50 -29.59 -7.97
N SER B 76 7.79 -30.57 -8.56
CA SER B 76 8.13 -31.98 -8.33
C SER B 76 9.54 -32.30 -8.87
N VAL B 77 9.83 -31.81 -10.07
CA VAL B 77 11.16 -31.99 -10.65
C VAL B 77 12.20 -31.30 -9.78
N GLU B 78 12.00 -30.00 -9.51
CA GLU B 78 12.92 -29.23 -8.68
C GLU B 78 13.20 -29.89 -7.33
N ALA B 79 12.18 -30.47 -6.71
CA ALA B 79 12.38 -31.19 -5.45
C ALA B 79 13.34 -32.36 -5.65
N GLY B 80 13.17 -33.10 -6.74
CA GLY B 80 14.01 -34.24 -7.03
C GLY B 80 15.45 -33.79 -7.20
N TYR B 81 15.63 -32.75 -7.98
CA TYR B 81 16.93 -32.13 -8.18
C TYR B 81 17.61 -31.78 -6.86
N GLU B 82 16.90 -31.04 -6.00
CA GLU B 82 17.47 -30.58 -4.74
C GLU B 82 17.80 -31.77 -3.84
N TRP B 83 16.97 -32.82 -3.91
CA TRP B 83 17.29 -34.05 -3.23
C TRP B 83 18.65 -34.62 -3.70
N LEU B 84 18.88 -34.60 -5.01
CA LEU B 84 20.15 -35.02 -5.59
C LEU B 84 21.29 -34.07 -5.25
N LYS B 85 21.01 -32.77 -5.28
CA LYS B 85 22.02 -31.74 -5.01
C LYS B 85 22.55 -31.84 -3.59
N ASN B 86 21.77 -32.48 -2.72
CA ASN B 86 22.20 -32.70 -1.36
C ASN B 86 23.16 -33.89 -1.31
N ARG B 87 23.01 -34.82 -2.24
CA ARG B 87 23.89 -35.99 -2.29
C ARG B 87 25.00 -35.99 -3.36
N CYS B 88 25.02 -35.01 -4.25
CA CYS B 88 25.84 -35.14 -5.46
C CYS B 88 26.43 -33.83 -5.92
N GLY B 89 27.69 -33.87 -6.36
CA GLY B 89 28.34 -32.69 -6.93
C GLY B 89 28.15 -32.59 -8.43
N THR B 90 27.79 -33.71 -9.06
CA THR B 90 27.56 -33.74 -10.51
C THR B 90 26.16 -34.32 -10.78
N ILE B 91 25.33 -33.58 -11.51
CA ILE B 91 23.98 -34.05 -11.81
C ILE B 91 23.70 -34.06 -13.31
N PHE B 92 23.15 -35.16 -13.82
CA PHE B 92 22.57 -35.22 -15.16
C PHE B 92 21.05 -35.31 -15.09
N VAL B 93 20.37 -34.74 -16.08
CA VAL B 93 18.91 -34.81 -16.13
C VAL B 93 18.43 -35.51 -17.38
N THR B 94 17.60 -36.53 -17.22
CA THR B 94 17.05 -37.25 -18.38
C THR B 94 15.54 -37.42 -18.16
N GLY B 95 14.77 -37.46 -19.25
CA GLY B 95 13.35 -37.63 -19.12
C GLY B 95 12.71 -37.98 -20.45
N LEU B 96 11.50 -38.53 -20.37
CA LEU B 96 10.68 -38.99 -21.49
C LEU B 96 9.48 -38.07 -21.74
N SER B 97 9.24 -37.72 -22.99
CA SER B 97 8.05 -36.98 -23.39
C SER B 97 7.98 -35.64 -22.68
N MET B 98 6.94 -35.37 -21.91
CA MET B 98 6.97 -34.16 -21.10
C MET B 98 8.09 -34.25 -20.06
N GLY B 99 8.55 -35.47 -19.76
CA GLY B 99 9.75 -35.67 -18.95
C GLY B 99 10.99 -35.14 -19.69
N GLY B 100 10.93 -35.17 -21.01
CA GLY B 100 11.98 -34.60 -21.82
C GLY B 100 11.83 -33.08 -21.88
N THR B 101 10.59 -32.61 -21.91
CA THR B 101 10.34 -31.19 -21.86
C THR B 101 10.88 -30.58 -20.58
N LEU B 102 10.68 -31.28 -19.46
CA LEU B 102 11.11 -30.77 -18.17
C LEU B 102 12.63 -30.89 -18.03
N THR B 103 13.21 -31.84 -18.77
CA THR B 103 14.67 -31.98 -18.80
C THR B 103 15.23 -30.70 -19.41
N LEU B 104 14.63 -30.28 -20.52
CA LEU B 104 15.06 -29.04 -21.19
C LEU B 104 14.85 -27.84 -20.28
N TYR B 105 13.71 -27.81 -19.59
CA TYR B 105 13.42 -26.72 -18.66
C TYR B 105 14.51 -26.57 -17.63
N MET B 106 14.92 -27.70 -17.06
CA MET B 106 15.91 -27.70 -16.00
C MET B 106 17.24 -27.14 -16.49
N ALA B 107 17.64 -27.54 -17.69
CA ALA B 107 18.88 -27.05 -18.28
C ALA B 107 18.79 -25.56 -18.63
N GLU B 108 17.56 -25.05 -18.76
CA GLU B 108 17.37 -23.63 -19.03
C GLU B 108 17.49 -22.76 -17.77
N HIS B 109 17.20 -23.33 -16.60
CA HIS B 109 17.31 -22.62 -15.32
C HIS B 109 18.43 -23.06 -14.37
N HIS B 110 19.23 -24.05 -14.77
CA HIS B 110 20.28 -24.58 -13.90
C HIS B 110 21.57 -24.89 -14.68
N PRO B 111 22.39 -23.88 -15.00
CA PRO B 111 23.62 -24.03 -15.79
C PRO B 111 24.62 -25.05 -15.20
N GLU B 112 24.48 -25.26 -13.91
CA GLU B 112 25.12 -26.27 -13.07
C GLU B 112 25.06 -27.72 -13.64
N ILE B 113 24.01 -28.01 -14.40
CA ILE B 113 23.71 -29.37 -14.82
C ILE B 113 24.79 -29.86 -15.77
N CYS B 114 25.27 -31.08 -15.56
CA CYS B 114 26.43 -31.54 -16.32
C CYS B 114 26.03 -31.90 -17.74
N GLY B 115 24.79 -32.36 -17.93
CA GLY B 115 24.30 -32.67 -19.25
C GLY B 115 22.89 -33.26 -19.24
N ILE B 116 22.27 -33.32 -20.42
CA ILE B 116 20.89 -33.76 -20.52
C ILE B 116 20.70 -34.79 -21.62
N ALA B 117 19.71 -35.65 -21.41
CA ALA B 117 19.34 -36.66 -22.37
C ALA B 117 17.82 -36.72 -22.48
N PRO B 118 17.20 -35.70 -23.09
CA PRO B 118 15.75 -35.88 -23.24
C PRO B 118 15.42 -37.01 -24.21
N ILE B 119 14.25 -37.62 -24.02
CA ILE B 119 13.80 -38.70 -24.86
C ILE B 119 12.42 -38.34 -25.41
N ASN B 120 12.35 -38.14 -26.72
CA ASN B 120 11.12 -37.68 -27.37
C ASN B 120 10.53 -36.50 -26.61
N ALA B 121 11.37 -35.52 -26.31
CA ALA B 121 10.90 -34.29 -25.70
C ALA B 121 9.88 -33.62 -26.62
N ALA B 122 8.88 -32.99 -26.01
CA ALA B 122 7.82 -32.31 -26.74
C ALA B 122 7.98 -30.80 -26.58
N ILE B 123 8.24 -30.09 -27.68
CA ILE B 123 8.03 -28.63 -27.73
C ILE B 123 6.88 -28.13 -28.65
N ASN B 124 6.47 -28.94 -29.61
CA ASN B 124 5.38 -28.57 -30.53
C ASN B 124 4.46 -29.75 -30.82
N MET B 125 3.19 -29.61 -30.46
CA MET B 125 2.23 -30.68 -30.70
C MET B 125 0.92 -30.13 -31.27
N PRO B 126 0.79 -30.09 -32.61
CA PRO B 126 -0.38 -29.56 -33.32
C PRO B 126 -1.71 -30.12 -32.81
N ALA B 127 -1.73 -31.41 -32.45
CA ALA B 127 -2.96 -32.05 -31.94
C ALA B 127 -3.55 -31.31 -30.74
N LEU B 128 -2.80 -31.26 -29.64
CA LEU B 128 -3.19 -30.53 -28.45
C LEU B 128 -3.41 -29.06 -28.71
N ALA B 129 -2.41 -28.42 -29.31
CA ALA B 129 -2.36 -26.97 -29.46
C ALA B 129 -3.61 -26.39 -30.11
N GLY B 130 -4.23 -27.15 -31.01
CA GLY B 130 -5.47 -26.72 -31.64
C GLY B 130 -6.67 -26.92 -30.74
N ALA B 131 -6.65 -28.03 -29.99
CA ALA B 131 -7.78 -28.45 -29.17
C ALA B 131 -8.16 -27.40 -28.14
N LEU B 132 -7.31 -26.39 -27.97
CA LEU B 132 -7.49 -25.42 -26.90
C LEU B 132 -8.50 -24.29 -27.19
N ALA B 133 -8.61 -23.83 -28.43
CA ALA B 133 -9.59 -22.77 -28.75
C ALA B 133 -11.00 -23.37 -28.68
N GLY B 134 -11.05 -24.69 -28.76
CA GLY B 134 -12.27 -25.46 -28.61
C GLY B 134 -12.46 -26.20 -27.28
N VAL B 135 -11.82 -25.75 -26.19
CA VAL B 135 -11.90 -26.39 -24.86
C VAL B 135 -13.32 -26.52 -24.26
N GLY B 136 -14.20 -25.59 -24.62
CA GLY B 136 -15.53 -25.58 -24.05
C GLY B 136 -16.24 -26.84 -24.49
N ASP B 137 -15.99 -27.15 -25.76
CA ASP B 137 -16.67 -28.19 -26.51
C ASP B 137 -16.15 -29.61 -26.18
N LEU B 138 -15.09 -29.67 -25.37
CA LEU B 138 -14.47 -30.94 -25.00
C LEU B 138 -15.10 -31.58 -23.76
N PRO B 139 -15.13 -32.91 -23.72
CA PRO B 139 -15.53 -33.57 -22.46
C PRO B 139 -14.56 -33.23 -21.35
N ARG B 140 -14.99 -33.39 -20.10
CA ARG B 140 -14.14 -33.05 -18.97
C ARG B 140 -12.92 -33.98 -18.92
N PHE B 141 -13.14 -35.23 -19.28
CA PHE B 141 -12.05 -36.19 -19.35
C PHE B 141 -12.00 -36.85 -20.71
N LEU B 142 -10.79 -36.93 -21.25
CA LEU B 142 -10.56 -37.31 -22.64
C LEU B 142 -9.81 -38.63 -22.68
N ASP B 143 -9.81 -39.27 -23.86
CA ASP B 143 -9.19 -40.57 -24.05
C ASP B 143 -7.74 -40.58 -23.56
N ALA B 144 -7.29 -41.76 -23.13
CA ALA B 144 -5.90 -41.99 -22.78
C ALA B 144 -4.91 -41.56 -23.87
N ILE B 145 -3.83 -40.94 -23.41
CA ILE B 145 -2.62 -40.61 -24.16
C ILE B 145 -1.55 -41.71 -24.19
N GLY B 146 -1.59 -42.62 -23.21
CA GLY B 146 -0.47 -43.51 -22.93
C GLY B 146 -0.30 -44.78 -23.75
N SER B 147 0.85 -45.43 -23.56
CA SER B 147 1.21 -46.71 -24.17
C SER B 147 1.32 -46.71 -25.69
N ASP B 148 1.95 -45.70 -26.25
CA ASP B 148 2.32 -45.81 -27.65
C ASP B 148 3.66 -46.50 -27.62
N ILE B 149 3.63 -47.80 -27.90
CA ILE B 149 4.80 -48.68 -27.79
C ILE B 149 4.77 -49.65 -28.96
N LYS B 150 5.86 -49.74 -29.73
CA LYS B 150 5.93 -50.69 -30.84
C LYS B 150 6.00 -52.13 -30.33
N LYS B 151 6.92 -52.36 -29.40
CA LYS B 151 7.05 -53.65 -28.74
C LYS B 151 5.73 -54.14 -28.14
N PRO B 152 5.26 -55.31 -28.62
CA PRO B 152 3.96 -55.82 -28.20
C PRO B 152 3.96 -56.39 -26.77
N GLY B 153 2.79 -56.40 -26.15
CA GLY B 153 2.60 -56.99 -24.83
C GLY B 153 3.24 -56.18 -23.70
N VAL B 154 3.50 -54.90 -23.99
CA VAL B 154 4.04 -54.02 -22.95
C VAL B 154 2.98 -53.05 -22.47
N LYS B 155 2.93 -52.90 -21.15
CA LYS B 155 1.94 -52.05 -20.49
C LYS B 155 2.62 -50.87 -19.82
N GLU B 156 2.16 -49.66 -20.15
CA GLU B 156 2.63 -48.48 -19.45
C GLU B 156 1.72 -48.19 -18.27
N LEU B 157 2.30 -47.85 -17.13
CA LEU B 157 1.48 -47.42 -16.02
C LEU B 157 1.27 -45.91 -16.18
N ALA B 158 0.06 -45.58 -16.60
CA ALA B 158 -0.36 -44.23 -16.96
C ALA B 158 -1.90 -44.15 -16.88
N TYR B 159 -2.42 -42.94 -16.71
CA TYR B 159 -3.87 -42.73 -16.62
C TYR B 159 -4.63 -43.12 -17.89
N GLU B 160 -5.80 -43.73 -17.73
CA GLU B 160 -6.59 -44.08 -18.91
C GLU B 160 -7.47 -42.93 -19.40
N LYS B 161 -7.44 -41.81 -18.68
CA LYS B 161 -8.05 -40.57 -19.12
C LYS B 161 -7.06 -39.41 -19.03
N THR B 162 -7.13 -38.51 -20.00
CA THR B 162 -6.44 -37.22 -19.94
C THR B 162 -7.38 -36.08 -19.58
N PRO B 163 -7.12 -35.41 -18.45
CA PRO B 163 -7.99 -34.29 -18.08
C PRO B 163 -7.93 -33.13 -19.12
N ALA B 164 -9.07 -32.64 -19.57
CA ALA B 164 -9.04 -31.62 -20.62
C ALA B 164 -8.35 -30.35 -20.14
N ALA B 165 -8.47 -30.04 -18.85
CA ALA B 165 -7.82 -28.86 -18.25
C ALA B 165 -6.29 -28.94 -18.20
N SER B 166 -5.73 -30.14 -18.33
CA SER B 166 -4.28 -30.31 -18.23
C SER B 166 -3.56 -29.97 -19.53
N ILE B 167 -4.32 -29.90 -20.62
CA ILE B 167 -3.76 -29.62 -21.92
C ILE B 167 -3.13 -28.22 -21.92
N ARG B 168 -3.81 -27.25 -21.33
CA ARG B 168 -3.29 -25.88 -21.38
C ARG B 168 -2.09 -25.74 -20.49
N GLN B 169 -1.99 -26.63 -19.51
CA GLN B 169 -0.84 -26.67 -18.63
C GLN B 169 0.38 -27.18 -19.38
N ILE B 170 0.22 -28.26 -20.14
CA ILE B 170 1.38 -28.78 -20.86
C ILE B 170 1.73 -27.88 -22.05
N VAL B 171 0.74 -27.24 -22.68
CA VAL B 171 1.03 -26.34 -23.80
C VAL B 171 1.81 -25.12 -23.32
N GLN B 172 1.38 -24.59 -22.18
CA GLN B 172 2.07 -23.49 -21.51
C GLN B 172 3.52 -23.84 -21.14
N LEU B 173 3.75 -25.06 -20.67
CA LEU B 173 5.10 -25.51 -20.35
C LEU B 173 5.91 -25.64 -21.63
N MET B 174 5.32 -26.22 -22.66
CA MET B 174 6.05 -26.36 -23.92
C MET B 174 6.45 -25.01 -24.52
N GLU B 175 5.51 -24.06 -24.50
CA GLU B 175 5.74 -22.75 -25.07
C GLU B 175 6.90 -22.08 -24.36
N ARG B 176 6.88 -22.10 -23.05
CA ARG B 176 7.95 -21.55 -22.24
C ARG B 176 9.29 -22.25 -22.49
N VAL B 177 9.30 -23.58 -22.60
CA VAL B 177 10.56 -24.30 -22.82
C VAL B 177 11.06 -24.02 -24.23
N LYS B 178 10.13 -23.89 -25.17
CA LYS B 178 10.48 -23.65 -26.56
C LYS B 178 11.17 -22.30 -26.76
N THR B 179 10.68 -21.26 -26.09
CA THR B 179 11.25 -19.94 -26.29
C THR B 179 12.60 -19.80 -25.61
N ASP B 180 12.86 -20.67 -24.62
CA ASP B 180 14.06 -20.62 -23.81
C ASP B 180 15.16 -21.57 -24.24
N LEU B 181 14.95 -22.29 -25.34
CA LEU B 181 15.93 -23.28 -25.77
C LEU B 181 17.33 -22.67 -25.96
N HIS B 182 17.38 -21.43 -26.46
CA HIS B 182 18.67 -20.78 -26.73
C HIS B 182 19.57 -20.68 -25.50
N LYS B 183 19.01 -20.69 -24.29
CA LYS B 183 19.84 -20.59 -23.10
C LYS B 183 20.55 -21.89 -22.73
N ILE B 184 20.25 -22.98 -23.42
CA ILE B 184 20.88 -24.25 -23.04
C ILE B 184 22.25 -24.36 -23.67
N THR B 185 23.27 -24.42 -22.81
CA THR B 185 24.67 -24.65 -23.22
C THR B 185 25.26 -26.03 -22.93
N CYS B 186 24.60 -26.80 -22.06
CA CYS B 186 25.20 -28.02 -21.53
C CYS B 186 25.21 -29.12 -22.57
N PRO B 187 26.04 -30.15 -22.37
CA PRO B 187 26.04 -31.26 -23.31
C PRO B 187 24.67 -31.96 -23.36
N ALA B 188 24.25 -32.35 -24.55
CA ALA B 188 22.91 -32.89 -24.73
C ALA B 188 22.91 -34.01 -25.74
N ILE B 189 22.26 -35.11 -25.40
CA ILE B 189 21.92 -36.11 -26.38
C ILE B 189 20.41 -36.12 -26.47
N LEU B 190 19.88 -36.03 -27.69
CA LEU B 190 18.45 -36.01 -27.89
C LEU B 190 17.96 -37.28 -28.57
N PHE B 191 17.31 -38.15 -27.80
CA PHE B 191 16.83 -39.41 -28.36
C PHE B 191 15.54 -39.18 -29.12
N CYS B 192 15.43 -39.75 -30.31
CA CYS B 192 14.25 -39.57 -31.13
C CYS B 192 13.80 -40.87 -31.79
N SER B 193 12.58 -41.31 -31.44
CA SER B 193 11.94 -42.44 -32.11
C SER B 193 11.62 -42.07 -33.56
N ASP B 194 11.90 -42.98 -34.49
CA ASP B 194 11.63 -42.71 -35.91
C ASP B 194 10.15 -42.61 -36.18
N GLU B 195 9.35 -43.37 -35.46
CA GLU B 195 7.91 -43.21 -35.55
C GLU B 195 7.33 -42.96 -34.16
N ASP B 196 6.62 -41.85 -34.03
CA ASP B 196 6.06 -41.44 -32.76
C ASP B 196 4.66 -40.88 -32.99
N HIS B 197 3.66 -41.51 -32.37
CA HIS B 197 2.27 -41.09 -32.60
C HIS B 197 1.77 -40.07 -31.60
N VAL B 198 2.64 -39.66 -30.70
CA VAL B 198 2.29 -38.71 -29.66
C VAL B 198 3.00 -37.40 -29.98
N VAL B 199 4.33 -37.48 -30.00
CA VAL B 199 5.15 -36.31 -30.30
C VAL B 199 5.72 -36.41 -31.68
N PRO B 200 5.43 -35.42 -32.54
CA PRO B 200 5.98 -35.45 -33.89
C PRO B 200 7.51 -35.42 -33.85
N PRO B 201 8.15 -36.40 -34.50
CA PRO B 201 9.61 -36.57 -34.47
C PRO B 201 10.39 -35.35 -35.00
N ASP B 202 9.72 -34.45 -35.72
CA ASP B 202 10.29 -33.16 -36.12
C ASP B 202 10.79 -32.34 -34.91
N ASN B 203 10.19 -32.58 -33.74
CA ASN B 203 10.56 -31.86 -32.53
C ASN B 203 12.03 -32.01 -32.18
N ALA B 204 12.59 -33.21 -32.35
CA ALA B 204 13.98 -33.43 -31.97
C ALA B 204 14.95 -32.60 -32.85
N PRO B 205 14.82 -32.66 -34.20
CA PRO B 205 15.54 -31.69 -35.04
C PRO B 205 15.39 -30.25 -34.60
N PHE B 206 14.15 -29.84 -34.30
CA PHE B 206 13.90 -28.48 -33.88
C PHE B 206 14.62 -28.10 -32.60
N ILE B 207 14.65 -29.02 -31.63
CA ILE B 207 15.32 -28.76 -30.35
C ILE B 207 16.82 -28.65 -30.57
N TYR B 208 17.34 -29.55 -31.39
CA TYR B 208 18.75 -29.59 -31.69
C TYR B 208 19.20 -28.24 -32.27
N ASP B 209 18.46 -27.77 -33.26
CA ASP B 209 18.80 -26.53 -33.95
C ASP B 209 18.84 -25.31 -33.04
N HIS B 210 17.93 -25.27 -32.06
CA HIS B 210 17.75 -24.07 -31.23
C HIS B 210 18.41 -24.04 -29.86
N ILE B 211 19.01 -25.15 -29.42
CA ILE B 211 19.82 -25.07 -28.20
C ILE B 211 21.18 -24.46 -28.57
N ALA B 212 21.88 -23.89 -27.58
CA ALA B 212 23.16 -23.23 -27.82
C ALA B 212 24.33 -24.16 -27.52
N SER B 213 24.00 -25.40 -27.19
CA SER B 213 24.98 -26.43 -26.91
C SER B 213 26.03 -26.63 -28.01
N ALA B 214 27.30 -26.68 -27.63
CA ALA B 214 28.38 -27.08 -28.53
C ALA B 214 28.48 -28.60 -28.63
N ASP B 215 28.17 -29.30 -27.55
CA ASP B 215 28.29 -30.76 -27.57
C ASP B 215 26.89 -31.36 -27.55
N LYS B 216 26.43 -31.76 -28.72
CA LYS B 216 25.05 -32.17 -28.87
C LYS B 216 24.91 -33.14 -30.01
N LYS B 217 23.98 -34.07 -29.82
CA LYS B 217 23.83 -35.19 -30.71
C LYS B 217 22.37 -35.62 -30.74
N LEU B 218 21.91 -35.99 -31.92
CA LEU B 218 20.63 -36.62 -32.08
C LEU B 218 20.85 -38.11 -32.16
N VAL B 219 20.18 -38.87 -31.30
CA VAL B 219 20.30 -40.32 -31.29
C VAL B 219 18.96 -40.93 -31.70
N ARG B 220 18.97 -41.69 -32.79
CA ARG B 220 17.74 -42.25 -33.32
C ARG B 220 17.35 -43.52 -32.57
N LEU B 221 16.04 -43.69 -32.42
CA LEU B 221 15.46 -44.91 -31.89
C LEU B 221 14.57 -45.45 -33.01
N PRO B 222 15.16 -46.27 -33.90
CA PRO B 222 14.49 -46.76 -35.13
C PRO B 222 13.39 -47.80 -34.92
N ASP B 223 13.47 -48.58 -33.86
CA ASP B 223 12.48 -49.63 -33.60
C ASP B 223 11.44 -49.27 -32.53
N SER B 224 11.42 -48.02 -32.07
CA SER B 224 10.49 -47.68 -31.00
C SER B 224 9.50 -46.59 -31.39
N TYR B 225 8.35 -46.62 -30.71
CA TYR B 225 7.36 -45.56 -30.75
C TYR B 225 7.58 -44.61 -29.57
N HIS B 226 6.56 -43.82 -29.22
CA HIS B 226 6.74 -42.76 -28.22
C HIS B 226 7.32 -43.16 -26.87
N VAL B 227 6.85 -44.26 -26.27
CA VAL B 227 7.30 -44.53 -24.90
C VAL B 227 8.49 -45.50 -25.03
N ALA B 228 9.66 -44.90 -25.21
CA ALA B 228 10.78 -45.65 -25.75
C ALA B 228 11.49 -46.41 -24.63
N THR B 229 11.37 -45.89 -23.42
CA THR B 229 11.99 -46.48 -22.25
C THR B 229 11.45 -47.88 -21.98
N LEU B 230 10.24 -48.16 -22.46
CA LEU B 230 9.62 -49.48 -22.36
C LEU B 230 9.64 -50.27 -23.70
N ASP B 231 10.27 -49.69 -24.72
CA ASP B 231 10.18 -50.20 -26.08
C ASP B 231 11.45 -50.96 -26.53
N ASN B 232 11.50 -51.32 -27.81
CA ASN B 232 12.59 -52.13 -28.36
C ASN B 232 14.01 -51.56 -28.22
N ASP B 233 14.12 -50.22 -28.21
CA ASP B 233 15.41 -49.50 -28.20
C ASP B 233 15.89 -49.10 -26.82
N ARG B 234 15.18 -49.58 -25.81
CA ARG B 234 15.41 -49.25 -24.42
C ARG B 234 16.87 -49.43 -23.99
N GLN B 235 17.48 -50.54 -24.38
CA GLN B 235 18.86 -50.84 -24.04
C GLN B 235 19.84 -49.85 -24.69
N LYS B 236 19.55 -49.41 -25.91
CA LYS B 236 20.32 -48.36 -26.57
C LYS B 236 20.25 -47.04 -25.83
N ILE B 237 19.05 -46.68 -25.37
CA ILE B 237 18.88 -45.52 -24.49
C ILE B 237 19.82 -45.62 -23.31
N ILE B 238 19.79 -46.77 -22.62
CA ILE B 238 20.60 -46.96 -21.42
C ILE B 238 22.11 -46.90 -21.69
N ASP B 239 22.56 -47.69 -22.67
CA ASP B 239 23.99 -47.77 -22.97
C ASP B 239 24.51 -46.44 -23.51
N THR B 240 23.73 -45.75 -24.34
CA THR B 240 24.17 -44.45 -24.87
C THR B 240 24.26 -43.42 -23.73
N SER B 241 23.24 -43.43 -22.88
CA SER B 241 23.22 -42.48 -21.76
C SER B 241 24.35 -42.80 -20.79
N LEU B 242 24.62 -44.08 -20.57
CA LEU B 242 25.68 -44.49 -19.64
C LEU B 242 27.05 -44.00 -20.10
N ALA B 243 27.34 -44.18 -21.38
CA ALA B 243 28.56 -43.66 -21.98
C ALA B 243 28.59 -42.12 -21.95
N PHE B 244 27.44 -41.49 -22.20
CA PHE B 244 27.31 -40.03 -22.10
C PHE B 244 27.65 -39.55 -20.67
N PHE B 245 27.03 -40.18 -19.68
CA PHE B 245 27.28 -39.82 -18.27
C PHE B 245 28.77 -39.95 -17.93
N LYS B 246 29.38 -41.08 -18.27
CA LYS B 246 30.79 -41.30 -18.02
C LYS B 246 31.67 -40.28 -18.78
N LYS B 247 31.49 -40.18 -20.08
CA LYS B 247 32.23 -39.25 -20.92
C LYS B 247 32.26 -37.82 -20.38
N HIS B 248 31.11 -37.26 -20.02
CA HIS B 248 31.07 -35.89 -19.54
C HIS B 248 31.27 -35.68 -18.04
N ALA B 249 31.15 -36.73 -17.23
CA ALA B 249 31.50 -36.60 -15.82
C ALA B 249 33.03 -36.60 -15.67
N ASP B 250 33.71 -37.25 -16.60
CA ASP B 250 35.19 -37.36 -16.60
C ASP B 250 35.90 -36.05 -16.93
N ARG B 251 35.42 -35.36 -17.95
CA ARG B 251 36.07 -34.15 -18.46
C ARG B 251 35.76 -32.93 -17.60
N MET C 1 -21.79 24.50 5.26
CA MET C 1 -20.41 25.03 5.18
C MET C 1 -19.48 24.11 4.42
N THR C 2 -18.29 24.64 4.14
CA THR C 2 -17.22 23.90 3.50
C THR C 2 -15.95 24.15 4.30
N GLU C 3 -15.18 23.08 4.51
CA GLU C 3 -13.89 23.17 5.19
C GLU C 3 -12.86 23.78 4.25
N THR C 4 -12.21 24.85 4.68
CA THR C 4 -11.10 25.38 3.89
C THR C 4 -9.79 24.65 4.20
N TYR C 5 -9.59 24.21 5.44
CA TYR C 5 -8.31 23.59 5.84
C TYR C 5 -8.25 22.05 5.70
N PRO C 6 -7.06 21.51 5.45
CA PRO C 6 -6.88 20.07 5.28
C PRO C 6 -6.94 19.31 6.62
N VAL C 7 -7.09 17.99 6.53
CA VAL C 7 -7.13 17.17 7.74
C VAL C 7 -5.73 17.04 8.34
N VAL C 8 -5.60 17.50 9.59
CA VAL C 8 -4.34 17.50 10.31
C VAL C 8 -3.90 16.06 10.50
N LYS C 9 -2.60 15.84 10.39
CA LYS C 9 -2.03 14.50 10.52
C LYS C 9 -2.34 13.86 11.86
N GLY C 10 -2.95 12.68 11.81
CA GLY C 10 -3.40 12.04 13.03
C GLY C 10 -4.86 12.28 13.35
N ALA C 11 -5.52 13.20 12.64
CA ALA C 11 -6.94 13.46 12.91
C ALA C 11 -7.85 12.72 11.93
N GLU C 12 -7.27 11.92 11.04
CA GLU C 12 -8.03 11.13 10.08
C GLU C 12 -9.02 10.14 10.74
N PRO C 13 -10.23 10.02 10.17
CA PRO C 13 -11.21 9.04 10.64
C PRO C 13 -10.65 7.64 10.44
N PHE C 14 -11.07 6.67 11.25
CA PHE C 14 -10.62 5.31 11.03
C PHE C 14 -11.75 4.37 10.62
N PHE C 15 -11.45 3.53 9.64
CA PHE C 15 -12.37 2.52 9.15
C PHE C 15 -11.69 1.15 9.18
N PHE C 16 -12.18 0.23 10.02
CA PHE C 16 -11.60 -1.11 10.06
C PHE C 16 -12.60 -2.17 9.65
N GLU C 17 -12.24 -2.97 8.65
CA GLU C 17 -13.05 -4.13 8.25
C GLU C 17 -12.98 -5.24 9.30
N GLY C 18 -14.04 -6.02 9.39
CA GLY C 18 -14.19 -6.96 10.48
C GLY C 18 -15.43 -7.83 10.31
N ASN C 19 -15.92 -8.36 11.44
CA ASN C 19 -17.07 -9.26 11.44
C ASN C 19 -18.43 -8.55 11.33
N ASP C 20 -19.50 -9.29 11.55
CA ASP C 20 -20.84 -8.78 11.32
C ASP C 20 -21.31 -7.80 12.41
N ILE C 21 -20.51 -7.67 13.46
CA ILE C 21 -20.81 -6.69 14.50
C ILE C 21 -19.95 -5.43 14.31
N GLY C 22 -20.61 -4.30 14.09
CA GLY C 22 -19.93 -3.02 14.00
C GLY C 22 -19.94 -2.11 15.22
N ILE C 23 -18.90 -1.29 15.34
CA ILE C 23 -18.81 -0.35 16.46
C ILE C 23 -18.54 1.07 15.95
N LEU C 24 -19.46 1.98 16.28
CA LEU C 24 -19.33 3.38 15.94
C LEU C 24 -18.68 4.06 17.12
N VAL C 25 -17.53 4.71 16.89
CA VAL C 25 -16.74 5.32 17.94
C VAL C 25 -16.59 6.83 17.69
N LEU C 26 -17.19 7.62 18.57
CA LEU C 26 -17.35 9.06 18.32
C LEU C 26 -16.49 9.94 19.23
N HIS C 27 -15.72 10.85 18.62
CA HIS C 27 -14.96 11.81 19.40
C HIS C 27 -15.82 13.00 19.71
N GLY C 28 -15.30 13.93 20.52
CA GLY C 28 -16.09 15.06 20.95
C GLY C 28 -15.70 16.44 20.41
N PHE C 29 -16.15 17.44 21.16
CA PHE C 29 -16.14 18.85 20.81
C PHE C 29 -14.73 19.43 20.80
N THR C 30 -14.33 19.99 19.64
CA THR C 30 -12.98 20.47 19.34
C THR C 30 -11.94 19.36 19.21
N GLY C 31 -12.37 18.12 19.43
CA GLY C 31 -11.47 16.99 19.35
C GLY C 31 -11.34 16.34 17.99
N SER C 32 -10.90 15.09 17.97
CA SER C 32 -10.68 14.41 16.70
C SER C 32 -10.64 12.90 16.91
N PRO C 33 -10.60 12.11 15.80
CA PRO C 33 -10.53 10.65 15.97
C PRO C 33 -9.30 10.15 16.73
N GLN C 34 -8.28 10.99 16.88
CA GLN C 34 -7.06 10.64 17.59
C GLN C 34 -7.33 10.27 19.07
N SER C 35 -8.31 10.90 19.70
CA SER C 35 -8.66 10.53 21.06
C SER C 35 -9.38 9.18 21.12
N MET C 36 -10.00 8.78 20.01
CA MET C 36 -10.77 7.55 19.99
C MET C 36 -10.03 6.34 19.44
N ARG C 37 -8.89 6.59 18.81
CA ARG C 37 -8.19 5.55 18.04
C ARG C 37 -7.73 4.34 18.87
N PRO C 38 -7.20 4.57 20.09
CA PRO C 38 -6.93 3.42 20.97
C PRO C 38 -8.12 2.47 21.15
N LEU C 39 -9.31 3.01 21.36
CA LEU C 39 -10.51 2.17 21.51
C LEU C 39 -10.81 1.43 20.23
N GLY C 40 -10.80 2.18 19.14
CA GLY C 40 -11.13 1.64 17.84
C GLY C 40 -10.16 0.55 17.42
N GLU C 41 -8.87 0.75 17.67
CA GLU C 41 -7.87 -0.28 17.38
C GLU C 41 -8.09 -1.52 18.26
N ALA C 42 -8.37 -1.32 19.54
CA ALA C 42 -8.60 -2.45 20.46
C ALA C 42 -9.86 -3.25 20.10
N TYR C 43 -10.91 -2.57 19.65
CA TYR C 43 -12.12 -3.27 19.24
C TYR C 43 -11.91 -3.90 17.86
N HIS C 44 -10.98 -3.35 17.09
CA HIS C 44 -10.61 -3.92 15.80
C HIS C 44 -9.82 -5.23 16.05
N GLU C 45 -8.88 -5.17 16.99
CA GLU C 45 -8.07 -6.34 17.35
C GLU C 45 -8.92 -7.48 17.93
N ALA C 46 -10.13 -7.16 18.38
CA ALA C 46 -11.04 -8.17 18.91
C ALA C 46 -11.88 -8.77 17.80
N GLY C 47 -11.70 -8.26 16.58
CA GLY C 47 -12.35 -8.83 15.43
C GLY C 47 -13.52 -8.05 14.87
N TYR C 48 -13.94 -7.01 15.59
CA TYR C 48 -15.10 -6.22 15.19
C TYR C 48 -14.84 -5.28 14.03
N THR C 49 -15.91 -4.94 13.32
CA THR C 49 -15.87 -3.84 12.36
C THR C 49 -16.00 -2.50 13.10
N VAL C 50 -15.08 -1.57 12.85
CA VAL C 50 -15.08 -0.32 13.60
C VAL C 50 -15.10 0.87 12.66
N CYS C 51 -15.89 1.88 13.01
CA CYS C 51 -15.80 3.17 12.34
C CYS C 51 -15.70 4.32 13.35
N GLY C 52 -14.52 4.95 13.47
CA GLY C 52 -14.46 6.30 14.02
C GLY C 52 -14.55 7.39 12.98
N PRO C 53 -15.68 8.10 12.92
CA PRO C 53 -15.76 9.17 11.93
C PRO C 53 -15.11 10.47 12.42
N ARG C 54 -14.76 11.34 11.48
CA ARG C 54 -14.32 12.70 11.82
C ARG C 54 -15.53 13.67 11.79
N LEU C 55 -15.83 14.34 12.90
CA LEU C 55 -16.90 15.37 12.89
C LEU C 55 -16.49 16.52 11.99
N LYS C 56 -17.46 17.03 11.22
CA LYS C 56 -17.23 18.13 10.31
C LYS C 56 -16.73 19.36 11.07
N GLY C 57 -15.74 20.04 10.49
CA GLY C 57 -15.12 21.18 11.16
C GLY C 57 -14.08 20.80 12.21
N HIS C 58 -13.92 19.51 12.45
CA HIS C 58 -12.97 19.02 13.44
C HIS C 58 -11.75 18.43 12.76
N GLY C 59 -10.58 18.55 13.38
CA GLY C 59 -9.37 17.94 12.86
C GLY C 59 -8.82 18.66 11.63
N THR C 60 -9.27 19.90 11.44
CA THR C 60 -8.72 20.75 10.39
C THR C 60 -8.27 22.07 11.01
N HIS C 61 -9.23 22.93 11.34
CA HIS C 61 -8.93 24.21 11.95
C HIS C 61 -10.15 24.63 12.73
N TYR C 62 -9.96 25.31 13.85
CA TYR C 62 -11.11 25.78 14.63
C TYR C 62 -11.93 26.84 13.85
N GLU C 63 -11.35 27.39 12.80
CA GLU C 63 -12.05 28.31 11.91
C GLU C 63 -13.05 27.55 11.02
N ASP C 64 -12.75 26.30 10.68
CA ASP C 64 -13.76 25.47 10.03
C ASP C 64 -14.88 25.13 11.02
N MET C 65 -14.51 24.66 12.20
CA MET C 65 -15.49 24.36 13.24
C MET C 65 -16.50 25.50 13.55
N GLU C 66 -16.03 26.73 13.57
CA GLU C 66 -16.89 27.90 13.82
C GLU C 66 -18.09 27.95 12.86
N LYS C 67 -17.87 27.49 11.63
CA LYS C 67 -18.89 27.51 10.59
C LYS C 67 -19.85 26.31 10.62
N THR C 68 -19.56 25.30 11.44
CA THR C 68 -20.39 24.09 11.43
C THR C 68 -21.47 24.20 12.45
N THR C 69 -22.57 23.51 12.19
CA THR C 69 -23.65 23.39 13.16
C THR C 69 -23.65 22.01 13.78
N CYS C 70 -24.54 21.79 14.74
CA CYS C 70 -24.67 20.46 15.31
C CYS C 70 -25.27 19.41 14.33
N GLN C 71 -26.08 19.87 13.36
CA GLN C 71 -26.60 19.00 12.30
C GLN C 71 -25.48 18.51 11.43
N ASP C 72 -24.52 19.38 11.16
CA ASP C 72 -23.30 18.99 10.49
C ASP C 72 -22.64 17.83 11.22
N TRP C 73 -22.48 17.97 12.53
CA TRP C 73 -21.79 16.96 13.32
C TRP C 73 -22.59 15.67 13.30
N ILE C 74 -23.91 15.81 13.41
CA ILE C 74 -24.84 14.69 13.31
C ILE C 74 -24.73 14.03 11.93
N ASP C 75 -24.59 14.83 10.87
CA ASP C 75 -24.40 14.28 9.52
C ASP C 75 -23.12 13.44 9.42
N SER C 76 -22.09 13.83 10.17
CA SER C 76 -20.85 13.06 10.17
C SER C 76 -21.07 11.72 10.87
N VAL C 77 -21.82 11.77 11.96
CA VAL C 77 -22.07 10.58 12.74
C VAL C 77 -22.93 9.64 11.92
N GLU C 78 -23.95 10.19 11.26
CA GLU C 78 -24.87 9.35 10.50
C GLU C 78 -24.16 8.66 9.35
N ALA C 79 -23.17 9.33 8.74
CA ALA C 79 -22.41 8.77 7.61
C ALA C 79 -21.51 7.59 8.01
N GLY C 80 -20.98 7.65 9.23
CA GLY C 80 -20.23 6.53 9.75
C GLY C 80 -21.20 5.40 10.07
N TYR C 81 -22.35 5.77 10.60
CA TYR C 81 -23.39 4.79 10.91
C TYR C 81 -23.78 4.00 9.66
N GLU C 82 -24.04 4.71 8.56
CA GLU C 82 -24.47 4.08 7.31
C GLU C 82 -23.41 3.17 6.72
N TRP C 83 -22.16 3.60 6.83
CA TRP C 83 -21.02 2.80 6.38
C TRP C 83 -21.00 1.44 7.10
N LEU C 84 -21.38 1.43 8.38
CA LEU C 84 -21.42 0.21 9.19
C LEU C 84 -22.65 -0.64 8.89
N LYS C 85 -23.79 0.02 8.70
CA LYS C 85 -25.03 -0.71 8.42
C LYS C 85 -24.88 -1.50 7.13
N ASN C 86 -24.06 -1.01 6.21
CA ASN C 86 -23.74 -1.77 5.02
C ASN C 86 -22.92 -3.03 5.29
N ARG C 87 -21.96 -2.93 6.20
CA ARG C 87 -21.07 -4.04 6.53
C ARG C 87 -21.49 -4.91 7.73
N CYS C 88 -22.48 -4.44 8.49
CA CYS C 88 -22.80 -5.09 9.77
C CYS C 88 -24.28 -5.14 10.06
N GLY C 89 -24.72 -6.26 10.62
CA GLY C 89 -26.10 -6.42 11.02
C GLY C 89 -26.28 -6.08 12.48
N THR C 90 -25.17 -5.94 13.20
CA THR C 90 -25.19 -5.58 14.62
C THR C 90 -24.25 -4.40 14.88
N ILE C 91 -24.77 -3.36 15.52
CA ILE C 91 -24.02 -2.11 15.68
C ILE C 91 -24.16 -1.57 17.09
N PHE C 92 -23.03 -1.26 17.70
CA PHE C 92 -22.95 -0.55 18.97
C PHE C 92 -22.39 0.86 18.75
N VAL C 93 -22.78 1.81 19.60
CA VAL C 93 -22.23 3.15 19.48
C VAL C 93 -21.57 3.56 20.79
N THR C 94 -20.34 4.04 20.70
CA THR C 94 -19.64 4.54 21.88
C THR C 94 -18.99 5.88 21.54
N GLY C 95 -18.86 6.75 22.53
CA GLY C 95 -18.32 8.07 22.29
C GLY C 95 -17.89 8.78 23.55
N LEU C 96 -16.98 9.73 23.37
CA LEU C 96 -16.43 10.50 24.49
C LEU C 96 -16.99 11.92 24.52
N SER C 97 -17.46 12.35 25.70
CA SER C 97 -17.92 13.72 25.90
C SER C 97 -19.06 14.09 24.95
N MET C 98 -18.87 15.04 24.04
CA MET C 98 -19.94 15.33 23.07
C MET C 98 -20.13 14.12 22.15
N GLY C 99 -19.11 13.28 22.05
CA GLY C 99 -19.25 12.00 21.36
C GLY C 99 -20.20 11.10 22.15
N GLY C 100 -20.22 11.28 23.47
CA GLY C 100 -21.16 10.58 24.32
C GLY C 100 -22.56 11.10 24.05
N THR C 101 -22.65 12.43 23.94
CA THR C 101 -23.92 13.07 23.65
C THR C 101 -24.48 12.56 22.32
N LEU C 102 -23.61 12.47 21.32
CA LEU C 102 -24.00 12.03 19.99
C LEU C 102 -24.29 10.52 19.98
N THR C 103 -23.79 9.80 20.97
CA THR C 103 -24.03 8.36 21.06
C THR C 103 -25.48 8.18 21.53
N LEU C 104 -25.86 8.95 22.54
CA LEU C 104 -27.24 9.03 23.02
C LEU C 104 -28.19 9.51 21.91
N TYR C 105 -27.80 10.55 21.17
CA TYR C 105 -28.61 11.04 20.08
C TYR C 105 -28.98 9.89 19.16
N MET C 106 -27.96 9.11 18.77
CA MET C 106 -28.16 8.00 17.85
C MET C 106 -29.07 6.90 18.42
N ALA C 107 -28.93 6.58 19.69
CA ALA C 107 -29.86 5.64 20.34
C ALA C 107 -31.27 6.23 20.45
N GLU C 108 -31.37 7.55 20.37
CA GLU C 108 -32.68 8.18 20.39
C GLU C 108 -33.41 8.04 19.05
N HIS C 109 -32.66 8.02 17.96
CA HIS C 109 -33.24 7.98 16.61
C HIS C 109 -33.19 6.65 15.87
N HIS C 110 -32.47 5.67 16.40
CA HIS C 110 -32.26 4.41 15.70
C HIS C 110 -32.48 3.24 16.65
N PRO C 111 -33.74 2.75 16.73
CA PRO C 111 -34.10 1.64 17.63
C PRO C 111 -33.32 0.35 17.35
N GLU C 112 -32.70 0.29 16.18
CA GLU C 112 -31.87 -0.83 15.74
C GLU C 112 -30.57 -1.02 16.53
N ILE C 113 -30.13 0.03 17.22
CA ILE C 113 -28.81 0.01 17.82
C ILE C 113 -28.78 -0.93 19.02
N CYS C 114 -27.83 -1.87 18.98
CA CYS C 114 -27.78 -2.97 19.92
C CYS C 114 -27.52 -2.56 21.38
N GLY C 115 -26.81 -1.45 21.55
CA GLY C 115 -26.39 -0.95 22.86
C GLY C 115 -25.46 0.25 22.71
N ILE C 116 -25.31 1.02 23.76
CA ILE C 116 -24.50 2.24 23.66
C ILE C 116 -23.56 2.33 24.85
N ALA C 117 -22.40 2.90 24.62
CA ALA C 117 -21.40 3.07 25.67
C ALA C 117 -20.85 4.49 25.69
N PRO C 118 -21.65 5.45 26.19
CA PRO C 118 -21.16 6.83 26.33
C PRO C 118 -20.13 7.01 27.46
N ILE C 119 -19.15 7.86 27.20
CA ILE C 119 -18.06 8.10 28.13
C ILE C 119 -18.02 9.58 28.48
N ASN C 120 -18.26 9.85 29.76
CA ASN C 120 -18.35 11.21 30.28
C ASN C 120 -19.19 12.11 29.39
N ALA C 121 -20.36 11.60 29.00
CA ALA C 121 -21.27 12.29 28.10
C ALA C 121 -21.84 13.54 28.74
N ALA C 122 -21.96 14.60 27.94
CA ALA C 122 -22.42 15.89 28.42
C ALA C 122 -23.89 16.09 28.07
N ILE C 123 -24.79 16.02 29.05
CA ILE C 123 -26.17 16.47 28.82
C ILE C 123 -26.61 17.76 29.51
N ASN C 124 -25.91 18.15 30.57
CA ASN C 124 -26.20 19.42 31.22
C ASN C 124 -24.93 20.06 31.77
N MET C 125 -24.59 21.23 31.25
CA MET C 125 -23.41 21.94 31.72
C MET C 125 -23.81 23.38 31.90
N PRO C 126 -24.26 23.73 33.11
CA PRO C 126 -24.86 25.05 33.37
C PRO C 126 -23.92 26.22 33.06
N ALA C 127 -22.62 25.97 33.14
CA ALA C 127 -21.63 26.99 32.82
C ALA C 127 -21.76 27.45 31.37
N LEU C 128 -21.75 26.50 30.44
CA LEU C 128 -21.87 26.81 29.00
C LEU C 128 -23.11 27.62 28.72
N ALA C 129 -24.24 27.21 29.30
CA ALA C 129 -25.47 27.97 29.16
C ALA C 129 -25.24 29.39 29.66
N GLY C 130 -24.53 29.49 30.77
CA GLY C 130 -24.26 30.78 31.39
C GLY C 130 -23.50 31.69 30.45
N ALA C 131 -22.60 31.11 29.67
CA ALA C 131 -21.82 31.85 28.69
C ALA C 131 -22.73 32.44 27.62
N LEU C 132 -23.83 31.74 27.33
CA LEU C 132 -24.77 32.16 26.30
C LEU C 132 -25.61 33.37 26.73
N ALA C 133 -25.71 33.60 28.04
CA ALA C 133 -26.34 34.81 28.59
C ALA C 133 -25.53 36.02 28.11
N GLY C 134 -24.22 35.81 28.03
CA GLY C 134 -23.27 36.68 27.36
C GLY C 134 -23.16 36.18 25.92
N VAL C 135 -21.91 36.10 25.44
CA VAL C 135 -21.43 35.63 24.10
C VAL C 135 -21.45 36.77 23.09
N GLY C 136 -22.16 37.86 23.41
CA GLY C 136 -21.90 39.13 22.76
C GLY C 136 -20.56 39.56 23.32
N ASP C 137 -20.40 39.31 24.63
CA ASP C 137 -19.21 39.72 25.37
C ASP C 137 -18.05 38.72 25.25
N LEU C 138 -18.32 37.51 24.76
CA LEU C 138 -17.28 36.49 24.62
C LEU C 138 -16.35 36.80 23.45
N PRO C 139 -15.07 36.40 23.57
CA PRO C 139 -14.12 36.50 22.47
C PRO C 139 -14.53 35.57 21.33
N ARG C 140 -14.29 35.95 20.09
CA ARG C 140 -14.67 35.12 18.95
C ARG C 140 -14.07 33.73 19.08
N PHE C 141 -12.82 33.66 19.50
CA PHE C 141 -12.20 32.37 19.79
C PHE C 141 -11.67 32.36 21.21
N LEU C 142 -12.16 31.40 22.01
CA LEU C 142 -11.76 31.25 23.41
C LEU C 142 -10.54 30.34 23.53
N ASP C 143 -9.60 30.70 24.38
CA ASP C 143 -8.49 29.80 24.69
C ASP C 143 -9.06 28.49 25.25
N ALA C 144 -8.53 27.35 24.78
CA ALA C 144 -8.85 26.05 25.35
C ALA C 144 -8.00 25.81 26.60
N ILE C 145 -8.62 25.28 27.65
CA ILE C 145 -7.92 25.01 28.90
C ILE C 145 -6.76 24.03 28.70
N GLY C 146 -6.90 23.14 27.73
CA GLY C 146 -5.95 22.06 27.55
C GLY C 146 -6.53 20.79 28.16
N SER C 147 -6.20 19.67 27.54
CA SER C 147 -6.86 18.41 27.81
C SER C 147 -6.86 17.97 29.27
N ASP C 148 -8.03 17.59 29.75
CA ASP C 148 -8.17 17.24 31.14
C ASP C 148 -7.87 15.74 31.24
N ILE C 149 -6.63 15.43 31.62
CA ILE C 149 -6.10 14.09 31.66
C ILE C 149 -5.23 13.95 32.91
N LYS C 150 -5.52 12.95 33.73
CA LYS C 150 -4.75 12.73 34.94
C LYS C 150 -3.35 12.18 34.60
N LYS C 151 -3.32 11.08 33.86
CA LYS C 151 -2.07 10.46 33.40
C LYS C 151 -1.15 11.48 32.72
N PRO C 152 0.07 11.65 33.26
CA PRO C 152 1.01 12.68 32.80
C PRO C 152 1.64 12.35 31.46
N GLY C 153 1.96 13.40 30.70
CA GLY C 153 2.70 13.25 29.46
C GLY C 153 1.89 12.84 28.25
N VAL C 154 0.57 12.98 28.34
CA VAL C 154 -0.33 12.57 27.25
C VAL C 154 -0.87 13.77 26.46
N LYS C 155 -0.69 13.73 25.15
CA LYS C 155 -1.21 14.78 24.27
C LYS C 155 -2.55 14.35 23.67
N GLU C 156 -3.55 15.21 23.75
CA GLU C 156 -4.74 14.98 22.94
C GLU C 156 -4.62 15.84 21.68
N LEU C 157 -5.04 15.31 20.54
CA LEU C 157 -5.10 16.13 19.35
C LEU C 157 -6.48 16.80 19.30
N ALA C 158 -6.48 18.10 19.56
CA ALA C 158 -7.70 18.88 19.63
C ALA C 158 -7.33 20.36 19.47
N TYR C 159 -8.31 21.19 19.13
CA TYR C 159 -8.02 22.61 18.87
C TYR C 159 -7.55 23.34 20.13
N GLU C 160 -6.67 24.31 19.95
CA GLU C 160 -6.25 25.14 21.06
C GLU C 160 -7.22 26.29 21.30
N LYS C 161 -8.18 26.45 20.39
CA LYS C 161 -9.21 27.46 20.51
C LYS C 161 -10.62 26.87 20.35
N THR C 162 -11.56 27.49 21.05
CA THR C 162 -12.96 27.12 20.99
C THR C 162 -13.77 28.27 20.39
N PRO C 163 -14.37 28.06 19.20
CA PRO C 163 -15.19 29.13 18.63
C PRO C 163 -16.38 29.41 19.54
N ALA C 164 -16.56 30.67 19.91
CA ALA C 164 -17.65 31.03 20.79
C ALA C 164 -18.98 30.65 20.13
N ALA C 165 -19.03 30.77 18.81
CA ALA C 165 -20.23 30.50 18.04
C ALA C 165 -20.64 29.03 18.13
N SER C 166 -19.66 28.16 18.33
CA SER C 166 -19.91 26.72 18.43
C SER C 166 -20.60 26.33 19.73
N ILE C 167 -20.54 27.22 20.71
CA ILE C 167 -21.14 26.97 22.01
C ILE C 167 -22.66 26.76 21.93
N ARG C 168 -23.38 27.63 21.21
CA ARG C 168 -24.82 27.44 21.15
C ARG C 168 -25.16 26.18 20.36
N GLN C 169 -24.23 25.70 19.54
CA GLN C 169 -24.45 24.46 18.78
C GLN C 169 -24.39 23.23 19.68
N ILE C 170 -23.37 23.14 20.53
CA ILE C 170 -23.31 22.01 21.46
C ILE C 170 -24.43 22.13 22.52
N VAL C 171 -24.75 23.36 22.93
CA VAL C 171 -25.83 23.55 23.88
C VAL C 171 -27.15 23.11 23.25
N GLN C 172 -27.45 23.56 22.03
CA GLN C 172 -28.65 23.10 21.33
C GLN C 172 -28.71 21.56 21.20
N LEU C 173 -27.57 20.95 20.88
CA LEU C 173 -27.50 19.49 20.73
C LEU C 173 -27.81 18.86 22.07
N MET C 174 -27.19 19.38 23.12
CA MET C 174 -27.30 18.75 24.43
C MET C 174 -28.73 18.81 24.95
N GLU C 175 -29.36 19.98 24.80
CA GLU C 175 -30.71 20.16 25.32
C GLU C 175 -31.67 19.22 24.59
N ARG C 176 -31.50 19.12 23.27
CA ARG C 176 -32.26 18.19 22.44
C ARG C 176 -32.08 16.74 22.89
N VAL C 177 -30.83 16.29 22.96
CA VAL C 177 -30.54 14.94 23.41
C VAL C 177 -31.05 14.73 24.81
N LYS C 178 -31.02 15.78 25.62
CA LYS C 178 -31.49 15.69 26.99
C LYS C 178 -32.99 15.38 27.06
N THR C 179 -33.81 16.15 26.35
CA THR C 179 -35.26 15.92 26.42
C THR C 179 -35.67 14.57 25.82
N ASP C 180 -34.83 14.05 24.93
CA ASP C 180 -35.17 12.84 24.19
C ASP C 180 -34.70 11.57 24.88
N LEU C 181 -34.14 11.72 26.09
CA LEU C 181 -33.48 10.60 26.74
C LEU C 181 -34.45 9.44 26.94
N HIS C 182 -35.72 9.74 27.15
CA HIS C 182 -36.73 8.73 27.45
C HIS C 182 -36.94 7.80 26.25
N LYS C 183 -36.61 8.27 25.06
CA LYS C 183 -36.77 7.41 23.89
C LYS C 183 -35.77 6.26 23.89
N ILE C 184 -34.77 6.31 24.76
CA ILE C 184 -33.68 5.34 24.68
C ILE C 184 -34.03 4.06 25.40
N THR C 185 -34.17 2.98 24.65
CA THR C 185 -34.38 1.66 25.24
C THR C 185 -33.24 0.65 25.15
N CYS C 186 -32.20 0.96 24.39
CA CYS C 186 -31.21 -0.06 24.15
C CYS C 186 -30.37 -0.21 25.40
N PRO C 187 -29.71 -1.35 25.58
CA PRO C 187 -28.81 -1.53 26.74
C PRO C 187 -27.75 -0.44 26.78
N ALA C 188 -27.38 0.01 27.97
CA ALA C 188 -26.39 1.08 28.08
C ALA C 188 -25.39 0.82 29.19
N ILE C 189 -24.14 1.16 28.95
CA ILE C 189 -23.17 1.33 30.04
C ILE C 189 -22.70 2.77 29.95
N LEU C 190 -22.71 3.44 31.10
CA LEU C 190 -22.37 4.84 31.17
C LEU C 190 -21.07 5.01 31.95
N PHE C 191 -19.98 5.28 31.24
CA PHE C 191 -18.65 5.49 31.85
C PHE C 191 -18.56 6.89 32.44
N CYS C 192 -18.19 6.98 33.71
CA CYS C 192 -18.12 8.27 34.40
C CYS C 192 -16.84 8.37 35.23
N SER C 193 -16.00 9.33 34.89
CA SER C 193 -14.80 9.59 35.67
C SER C 193 -15.21 10.13 37.04
N ASP C 194 -14.57 9.62 38.09
CA ASP C 194 -14.83 10.12 39.45
C ASP C 194 -14.61 11.62 39.48
N GLU C 195 -13.40 12.02 39.11
CA GLU C 195 -13.05 13.43 39.04
C GLU C 195 -13.01 13.83 37.58
N ASP C 196 -13.93 14.70 37.18
CA ASP C 196 -14.03 15.18 35.82
C ASP C 196 -14.09 16.71 35.93
N HIS C 197 -13.18 17.39 35.26
CA HIS C 197 -13.08 18.85 35.39
C HIS C 197 -13.81 19.59 34.26
N VAL C 198 -14.56 18.84 33.46
CA VAL C 198 -15.26 19.36 32.29
C VAL C 198 -16.77 19.13 32.38
N VAL C 199 -17.17 17.87 32.43
CA VAL C 199 -18.56 17.50 32.58
C VAL C 199 -18.90 17.22 34.04
N PRO C 200 -19.98 17.84 34.56
CA PRO C 200 -20.37 17.64 35.96
C PRO C 200 -20.72 16.18 36.26
N PRO C 201 -20.28 15.67 37.43
CA PRO C 201 -20.45 14.28 37.86
C PRO C 201 -21.91 13.81 37.88
N ASP C 202 -22.84 14.75 38.05
CA ASP C 202 -24.25 14.41 38.08
C ASP C 202 -24.85 14.15 36.70
N ASN C 203 -24.07 14.35 35.64
CA ASN C 203 -24.58 14.11 34.29
C ASN C 203 -24.80 12.63 34.01
N ALA C 204 -23.89 11.78 34.48
CA ALA C 204 -24.05 10.36 34.23
C ALA C 204 -25.23 9.76 35.04
N PRO C 205 -25.36 10.07 36.35
CA PRO C 205 -26.60 9.68 37.04
C PRO C 205 -27.86 10.23 36.39
N PHE C 206 -27.83 11.50 35.97
CA PHE C 206 -28.99 12.10 35.31
C PHE C 206 -29.36 11.31 34.06
N ILE C 207 -28.36 10.96 33.24
CA ILE C 207 -28.64 10.14 32.05
C ILE C 207 -29.25 8.81 32.45
N TYR C 208 -28.59 8.13 33.39
CA TYR C 208 -29.08 6.84 33.90
C TYR C 208 -30.56 6.90 34.26
N ASP C 209 -30.93 7.91 35.05
CA ASP C 209 -32.28 8.03 35.55
C ASP C 209 -33.32 8.32 34.48
N HIS C 210 -32.94 9.01 33.39
CA HIS C 210 -33.93 9.38 32.39
C HIS C 210 -34.02 8.51 31.12
N ILE C 211 -33.10 7.58 30.91
CA ILE C 211 -33.25 6.63 29.80
C ILE C 211 -34.16 5.48 30.21
N ALA C 212 -34.83 4.86 29.24
CA ALA C 212 -35.86 3.85 29.51
C ALA C 212 -35.29 2.44 29.41
N SER C 213 -33.99 2.36 29.16
CA SER C 213 -33.28 1.10 29.11
C SER C 213 -33.55 0.26 30.35
N ALA C 214 -33.92 -1.00 30.15
CA ALA C 214 -34.04 -1.98 31.24
C ALA C 214 -32.66 -2.41 31.71
N ASP C 215 -31.74 -2.56 30.77
CA ASP C 215 -30.36 -2.94 31.08
C ASP C 215 -29.48 -1.71 31.00
N LYS C 216 -29.05 -1.23 32.16
CA LYS C 216 -28.22 -0.03 32.22
C LYS C 216 -27.32 -0.10 33.44
N LYS C 217 -26.13 0.48 33.32
CA LYS C 217 -25.17 0.45 34.42
C LYS C 217 -24.24 1.66 34.40
N LEU C 218 -23.96 2.19 35.58
CA LEU C 218 -22.95 3.23 35.74
C LEU C 218 -21.61 2.56 36.01
N VAL C 219 -20.61 2.91 35.20
CA VAL C 219 -19.25 2.38 35.33
C VAL C 219 -18.25 3.47 35.71
N ARG C 220 -17.78 3.44 36.95
CA ARG C 220 -16.85 4.47 37.42
C ARG C 220 -15.46 4.31 36.80
N LEU C 221 -14.80 5.45 36.56
CA LEU C 221 -13.41 5.45 36.12
C LEU C 221 -12.60 6.23 37.13
N PRO C 222 -12.13 5.53 38.20
CA PRO C 222 -11.56 6.14 39.42
C PRO C 222 -10.22 6.88 39.24
N ASP C 223 -9.34 6.41 38.36
CA ASP C 223 -8.03 7.05 38.16
C ASP C 223 -7.95 8.01 36.93
N SER C 224 -9.09 8.32 36.33
CA SER C 224 -9.11 9.19 35.14
C SER C 224 -9.96 10.46 35.31
N TYR C 225 -9.53 11.52 34.62
CA TYR C 225 -10.28 12.76 34.45
C TYR C 225 -11.18 12.63 33.20
N HIS C 226 -11.62 13.77 32.70
CA HIS C 226 -12.55 13.83 31.58
C HIS C 226 -12.21 13.05 30.30
N VAL C 227 -10.99 13.18 29.79
CA VAL C 227 -10.68 12.56 28.52
C VAL C 227 -10.12 11.19 28.86
N ALA C 228 -11.01 10.20 28.95
CA ALA C 228 -10.70 8.99 29.70
C ALA C 228 -10.12 7.94 28.80
N THR C 229 -10.33 8.14 27.50
CA THR C 229 -9.84 7.22 26.49
C THR C 229 -8.31 7.33 26.38
N LEU C 230 -7.78 8.48 26.76
CA LEU C 230 -6.34 8.71 26.78
C LEU C 230 -5.77 8.63 28.20
N ASP C 231 -6.62 8.34 29.17
CA ASP C 231 -6.21 8.42 30.57
C ASP C 231 -5.91 7.04 31.18
N ASN C 232 -5.56 7.02 32.47
CA ASN C 232 -5.27 5.79 33.22
C ASN C 232 -6.29 4.63 33.11
N ASP C 233 -7.57 4.95 32.93
CA ASP C 233 -8.60 3.91 32.92
C ASP C 233 -8.95 3.41 31.52
N ARG C 234 -8.17 3.83 30.53
CA ARG C 234 -8.37 3.44 29.14
C ARG C 234 -8.62 1.94 28.94
N GLN C 235 -7.79 1.11 29.57
CA GLN C 235 -7.96 -0.36 29.47
C GLN C 235 -9.27 -0.85 30.09
N LYS C 236 -9.69 -0.26 31.21
CA LYS C 236 -10.97 -0.62 31.79
C LYS C 236 -12.12 -0.27 30.85
N ILE C 237 -12.04 0.89 30.20
CA ILE C 237 -13.05 1.23 29.18
C ILE C 237 -13.11 0.13 28.11
N ILE C 238 -11.95 -0.21 27.55
CA ILE C 238 -11.85 -1.19 26.50
C ILE C 238 -12.42 -2.55 26.93
N ASP C 239 -11.99 -3.04 28.09
CA ASP C 239 -12.40 -4.36 28.56
C ASP C 239 -13.90 -4.38 28.92
N THR C 240 -14.35 -3.35 29.63
CA THR C 240 -15.77 -3.21 29.97
C THR C 240 -16.63 -3.16 28.70
N SER C 241 -16.25 -2.31 27.76
CA SER C 241 -16.92 -2.21 26.45
C SER C 241 -16.96 -3.54 25.72
N LEU C 242 -15.80 -4.15 25.55
CA LEU C 242 -15.71 -5.45 24.88
C LEU C 242 -16.64 -6.47 25.53
N ALA C 243 -16.76 -6.42 26.85
CA ALA C 243 -17.60 -7.35 27.59
C ALA C 243 -19.09 -7.05 27.36
N PHE C 244 -19.40 -5.78 27.20
CA PHE C 244 -20.74 -5.30 26.97
C PHE C 244 -21.15 -5.64 25.54
N PHE C 245 -20.18 -5.59 24.61
CA PHE C 245 -20.44 -5.93 23.21
C PHE C 245 -20.81 -7.43 22.99
N LYS C 246 -20.05 -8.36 23.59
CA LYS C 246 -20.32 -9.80 23.50
C LYS C 246 -21.68 -10.15 24.10
N LYS C 247 -21.91 -9.68 25.33
CA LYS C 247 -23.08 -10.01 26.11
C LYS C 247 -24.38 -9.71 25.37
N HIS C 248 -24.44 -8.54 24.75
CA HIS C 248 -25.68 -8.10 24.13
C HIS C 248 -25.80 -8.43 22.65
N ALA C 249 -24.71 -8.90 22.06
CA ALA C 249 -24.80 -9.48 20.74
C ALA C 249 -25.30 -10.91 20.86
N ASP C 250 -24.70 -11.67 21.78
CA ASP C 250 -25.07 -13.08 21.96
C ASP C 250 -26.57 -13.21 22.30
N ARG C 251 -27.09 -12.29 23.11
CA ARG C 251 -28.50 -12.30 23.52
C ARG C 251 -29.44 -12.21 22.33
N HIS C 252 -28.93 -11.76 21.19
CA HIS C 252 -29.69 -11.81 19.94
C HIS C 252 -29.75 -13.22 19.34
N MET D 1 39.83 -0.66 43.73
CA MET D 1 40.78 0.21 43.06
C MET D 1 40.75 1.64 43.62
N THR D 2 41.63 2.50 43.11
CA THR D 2 41.54 3.92 43.41
C THR D 2 41.55 4.70 42.12
N GLU D 3 40.75 5.76 42.07
CA GLU D 3 40.67 6.61 40.89
C GLU D 3 41.91 7.52 40.79
N THR D 4 42.61 7.50 39.66
CA THR D 4 43.73 8.42 39.47
C THR D 4 43.36 9.71 38.72
N TYR D 5 42.20 9.76 38.10
CA TYR D 5 41.71 11.02 37.52
C TYR D 5 40.71 11.77 38.41
N PRO D 6 40.73 13.11 38.35
CA PRO D 6 39.73 13.90 39.07
C PRO D 6 38.38 13.89 38.36
N VAL D 7 37.34 14.24 39.11
CA VAL D 7 35.97 14.33 38.60
C VAL D 7 35.76 15.52 37.65
N VAL D 8 35.29 15.20 36.45
CA VAL D 8 35.02 16.17 35.38
C VAL D 8 33.85 17.10 35.72
N LYS D 9 33.94 18.37 35.34
CA LYS D 9 32.91 19.32 35.72
C LYS D 9 31.52 18.91 35.19
N GLY D 10 30.50 18.98 36.05
CA GLY D 10 29.16 18.53 35.69
C GLY D 10 28.91 17.05 35.93
N ALA D 11 29.96 16.30 36.24
CA ALA D 11 29.86 14.88 36.54
C ALA D 11 29.74 14.65 38.05
N GLU D 12 29.61 15.73 38.81
CA GLU D 12 29.56 15.64 40.26
C GLU D 12 28.27 14.98 40.78
N PRO D 13 28.40 14.14 41.80
CA PRO D 13 27.23 13.56 42.44
C PRO D 13 26.40 14.68 43.06
N PHE D 14 25.10 14.46 43.28
CA PHE D 14 24.28 15.51 43.86
C PHE D 14 23.50 15.06 45.07
N PHE D 15 23.42 15.95 46.04
CA PHE D 15 22.75 15.71 47.30
C PHE D 15 21.77 16.85 47.59
N PHE D 16 20.50 16.53 47.75
CA PHE D 16 19.52 17.56 48.08
C PHE D 16 18.78 17.23 49.38
N GLU D 17 18.93 18.11 50.36
CA GLU D 17 18.23 17.94 51.64
C GLU D 17 16.75 18.26 51.44
N GLY D 18 15.88 17.56 52.15
CA GLY D 18 14.46 17.65 51.91
C GLY D 18 13.70 16.97 53.02
N ASN D 19 12.47 16.58 52.74
CA ASN D 19 11.66 15.86 53.71
C ASN D 19 12.08 14.40 53.88
N ASP D 20 11.23 13.65 54.59
CA ASP D 20 11.53 12.31 55.06
C ASP D 20 11.30 11.25 53.99
N ILE D 21 10.99 11.70 52.78
CA ILE D 21 10.97 10.82 51.63
C ILE D 21 12.19 11.07 50.75
N GLY D 22 13.09 10.08 50.72
CA GLY D 22 14.25 10.17 49.86
C GLY D 22 14.08 9.51 48.51
N ILE D 23 14.72 10.08 47.49
CA ILE D 23 14.71 9.43 46.19
C ILE D 23 16.15 9.22 45.76
N LEU D 24 16.47 7.97 45.52
CA LEU D 24 17.79 7.59 45.02
C LEU D 24 17.78 7.57 43.49
N VAL D 25 18.66 8.37 42.87
CA VAL D 25 18.69 8.52 41.41
C VAL D 25 20.01 8.06 40.75
N LEU D 26 19.97 6.92 40.04
CA LEU D 26 21.20 6.26 39.56
C LEU D 26 21.49 6.47 38.07
N HIS D 27 22.76 6.72 37.72
CA HIS D 27 23.13 6.86 36.31
C HIS D 27 23.66 5.57 35.78
N GLY D 28 23.95 5.53 34.48
CA GLY D 28 24.37 4.31 33.82
C GLY D 28 25.85 4.16 33.51
N PHE D 29 26.12 3.13 32.75
CA PHE D 29 27.42 2.56 32.42
C PHE D 29 28.16 3.42 31.39
N THR D 30 29.34 3.87 31.81
CA THR D 30 30.16 4.94 31.17
C THR D 30 29.56 6.34 31.34
N GLY D 31 28.41 6.43 32.00
CA GLY D 31 27.75 7.71 32.28
C GLY D 31 28.19 8.44 33.55
N SER D 32 27.46 9.49 33.90
CA SER D 32 27.73 10.29 35.09
C SER D 32 26.42 10.80 35.67
N PRO D 33 26.46 11.47 36.83
CA PRO D 33 25.22 12.07 37.34
C PRO D 33 24.60 13.11 36.41
N GLN D 34 25.36 13.63 35.45
CA GLN D 34 24.87 14.69 34.59
C GLN D 34 23.55 14.30 33.91
N SER D 35 23.43 13.04 33.54
CA SER D 35 22.27 12.56 32.81
C SER D 35 21.05 12.47 33.71
N MET D 36 21.28 12.35 35.02
CA MET D 36 20.21 12.23 36.01
C MET D 36 19.82 13.53 36.72
N ARG D 37 20.63 14.56 36.54
CA ARG D 37 20.45 15.80 37.29
C ARG D 37 19.07 16.47 37.07
N PRO D 38 18.60 16.55 35.81
CA PRO D 38 17.26 17.14 35.62
C PRO D 38 16.17 16.49 36.48
N LEU D 39 16.16 15.16 36.53
CA LEU D 39 15.24 14.44 37.40
C LEU D 39 15.45 14.83 38.86
N GLY D 40 16.71 14.90 39.27
CA GLY D 40 17.04 15.14 40.66
C GLY D 40 16.64 16.55 41.08
N GLU D 41 16.81 17.50 40.17
CA GLU D 41 16.42 18.87 40.44
C GLU D 41 14.91 18.97 40.59
N ALA D 42 14.19 18.41 39.62
CA ALA D 42 12.73 18.40 39.67
C ALA D 42 12.19 17.73 40.93
N TYR D 43 12.83 16.68 41.41
CA TYR D 43 12.36 16.01 42.62
C TYR D 43 12.76 16.80 43.88
N HIS D 44 13.87 17.51 43.80
CA HIS D 44 14.25 18.45 44.85
C HIS D 44 13.14 19.50 45.03
N GLU D 45 12.76 20.13 43.91
CA GLU D 45 11.74 21.17 43.96
C GLU D 45 10.40 20.66 44.46
N ALA D 46 10.12 19.38 44.25
CA ALA D 46 8.88 18.83 44.78
C ALA D 46 8.96 18.71 46.30
N GLY D 47 10.14 18.96 46.86
CA GLY D 47 10.36 18.95 48.28
C GLY D 47 11.10 17.75 48.84
N TYR D 48 11.28 16.71 48.02
CA TYR D 48 11.91 15.47 48.47
C TYR D 48 13.40 15.57 48.79
N THR D 49 13.89 14.65 49.61
CA THR D 49 15.34 14.47 49.75
C THR D 49 15.84 13.62 48.56
N VAL D 50 16.95 14.05 47.96
CA VAL D 50 17.46 13.40 46.74
C VAL D 50 18.96 13.15 46.79
N CYS D 51 19.38 11.96 46.37
CA CYS D 51 20.80 11.65 46.13
C CYS D 51 21.01 10.99 44.75
N GLY D 52 21.65 11.67 43.80
CA GLY D 52 22.34 10.99 42.71
C GLY D 52 23.80 10.67 42.97
N PRO D 53 24.15 9.39 43.18
CA PRO D 53 25.55 9.10 43.43
C PRO D 53 26.33 8.97 42.14
N ARG D 54 27.63 9.22 42.22
CA ARG D 54 28.56 8.99 41.13
C ARG D 54 29.17 7.61 41.29
N LEU D 55 28.95 6.74 40.31
CA LEU D 55 29.48 5.38 40.35
C LEU D 55 31.00 5.43 40.30
N LYS D 56 31.66 4.51 40.99
CA LYS D 56 33.12 4.54 41.05
C LYS D 56 33.73 4.35 39.68
N GLY D 57 34.77 5.10 39.37
CA GLY D 57 35.40 5.05 38.07
C GLY D 57 34.57 5.74 36.99
N HIS D 58 33.45 6.36 37.38
CA HIS D 58 32.59 7.09 36.44
C HIS D 58 32.71 8.58 36.68
N GLY D 59 32.73 9.36 35.60
CA GLY D 59 32.84 10.80 35.70
C GLY D 59 34.26 11.30 35.91
N THR D 60 35.23 10.46 35.59
CA THR D 60 36.62 10.89 35.73
C THR D 60 37.40 10.60 34.47
N HIS D 61 37.66 9.31 34.20
CA HIS D 61 38.29 8.91 32.95
C HIS D 61 37.92 7.45 32.70
N TYR D 62 37.74 7.05 31.44
CA TYR D 62 37.45 5.64 31.21
C TYR D 62 38.60 4.69 31.68
N GLU D 63 39.80 5.24 31.92
CA GLU D 63 40.90 4.43 32.45
C GLU D 63 40.66 4.01 33.89
N ASP D 64 40.04 4.90 34.64
CA ASP D 64 39.62 4.58 35.97
C ASP D 64 38.52 3.51 35.91
N MET D 65 37.52 3.75 35.06
CA MET D 65 36.41 2.81 34.90
C MET D 65 36.88 1.40 34.61
N GLU D 66 37.90 1.27 33.76
CA GLU D 66 38.48 -0.04 33.43
C GLU D 66 38.85 -0.88 34.65
N LYS D 67 39.24 -0.21 35.72
CA LYS D 67 39.71 -0.84 36.93
C LYS D 67 38.59 -1.19 37.92
N THR D 68 37.40 -0.64 37.71
CA THR D 68 36.29 -0.89 38.64
C THR D 68 35.57 -2.22 38.35
N THR D 69 34.90 -2.74 39.38
CA THR D 69 34.04 -3.92 39.23
C THR D 69 32.58 -3.54 39.43
N CYS D 70 31.67 -4.49 39.24
CA CYS D 70 30.28 -4.18 39.49
C CYS D 70 29.99 -4.10 40.99
N GLN D 71 30.81 -4.74 41.85
CA GLN D 71 30.71 -4.46 43.32
C GLN D 71 31.06 -3.04 43.64
N ASP D 72 32.11 -2.52 43.01
CA ASP D 72 32.45 -1.09 43.11
C ASP D 72 31.24 -0.19 42.85
N TRP D 73 30.53 -0.46 41.75
CA TRP D 73 29.38 0.36 41.38
C TRP D 73 28.25 0.17 42.39
N ILE D 74 27.98 -1.08 42.75
CA ILE D 74 27.05 -1.41 43.84
C ILE D 74 27.39 -0.67 45.16
N ASP D 75 28.68 -0.65 45.54
CA ASP D 75 29.13 0.04 46.75
C ASP D 75 28.76 1.53 46.66
N SER D 76 29.07 2.15 45.54
CA SER D 76 28.70 3.55 45.31
C SER D 76 27.17 3.78 45.48
N VAL D 77 26.36 2.84 44.98
CA VAL D 77 24.91 2.96 45.09
C VAL D 77 24.48 2.75 46.54
N GLU D 78 25.06 1.74 47.19
CA GLU D 78 24.74 1.46 48.59
C GLU D 78 25.11 2.65 49.50
N ALA D 79 26.26 3.28 49.26
CA ALA D 79 26.64 4.50 49.96
C ALA D 79 25.57 5.60 49.83
N GLY D 80 25.07 5.80 48.62
CA GLY D 80 24.04 6.80 48.39
C GLY D 80 22.76 6.44 49.11
N TYR D 81 22.49 5.14 49.20
CA TYR D 81 21.29 4.66 49.86
C TYR D 81 21.31 4.89 51.39
N GLU D 82 22.45 4.62 52.02
CA GLU D 82 22.58 4.78 53.47
C GLU D 82 22.54 6.26 53.87
N TRP D 83 23.12 7.12 53.04
CA TRP D 83 22.99 8.56 53.19
C TRP D 83 21.50 8.93 53.28
N LEU D 84 20.74 8.47 52.30
CA LEU D 84 19.29 8.65 52.33
C LEU D 84 18.63 7.97 53.54
N LYS D 85 19.12 6.79 53.90
CA LYS D 85 18.47 6.00 54.96
C LYS D 85 18.56 6.64 56.35
N ASN D 86 19.53 7.53 56.52
CA ASN D 86 19.67 8.29 57.73
C ASN D 86 18.71 9.48 57.80
N ARG D 87 18.42 10.05 56.63
CA ARG D 87 17.52 11.19 56.53
C ARG D 87 16.04 10.85 56.26
N CYS D 88 15.76 9.58 55.95
CA CYS D 88 14.43 9.27 55.41
C CYS D 88 13.85 7.94 55.88
N GLY D 89 12.54 7.93 56.11
CA GLY D 89 11.84 6.72 56.50
C GLY D 89 11.20 6.03 55.31
N THR D 90 11.09 6.77 54.21
CA THR D 90 10.53 6.25 52.96
C THR D 90 11.50 6.56 51.83
N ILE D 91 11.95 5.53 51.10
CA ILE D 91 12.91 5.74 50.03
C ILE D 91 12.47 5.12 48.73
N PHE D 92 12.52 5.88 47.65
CA PHE D 92 12.32 5.31 46.34
C PHE D 92 13.65 5.34 45.60
N VAL D 93 13.84 4.35 44.73
CA VAL D 93 15.03 4.29 43.91
C VAL D 93 14.62 4.37 42.43
N THR D 94 15.37 5.14 41.65
CA THR D 94 15.07 5.31 40.23
C THR D 94 16.40 5.39 39.48
N GLY D 95 16.45 4.88 38.26
CA GLY D 95 17.69 4.88 37.54
C GLY D 95 17.57 4.62 36.06
N LEU D 96 18.57 5.12 35.32
CA LEU D 96 18.65 4.99 33.88
C LEU D 96 19.68 3.93 33.42
N SER D 97 19.28 3.08 32.48
CA SER D 97 20.15 2.07 31.87
C SER D 97 20.72 1.12 32.92
N MET D 98 22.05 1.04 33.07
CA MET D 98 22.61 0.22 34.15
C MET D 98 22.19 0.81 35.50
N GLY D 99 21.91 2.11 35.53
CA GLY D 99 21.33 2.73 36.71
C GLY D 99 19.96 2.12 37.03
N GLY D 100 19.26 1.65 36.00
CA GLY D 100 18.00 0.95 36.19
C GLY D 100 18.24 -0.49 36.56
N THR D 101 19.33 -1.06 36.06
CA THR D 101 19.73 -2.38 36.48
C THR D 101 20.05 -2.34 37.96
N LEU D 102 20.73 -1.28 38.39
CA LEU D 102 21.10 -1.19 39.79
C LEU D 102 19.85 -0.87 40.64
N THR D 103 18.85 -0.25 40.02
CA THR D 103 17.57 0.01 40.69
C THR D 103 16.90 -1.31 41.05
N LEU D 104 16.80 -2.19 40.06
CA LEU D 104 16.30 -3.54 40.30
C LEU D 104 17.15 -4.25 41.37
N TYR D 105 18.47 -4.17 41.25
CA TYR D 105 19.37 -4.77 42.25
C TYR D 105 18.98 -4.39 43.67
N MET D 106 18.74 -3.09 43.89
CA MET D 106 18.45 -2.61 45.21
C MET D 106 17.13 -3.16 45.76
N ALA D 107 16.10 -3.26 44.93
CA ALA D 107 14.84 -3.80 45.41
C ALA D 107 14.99 -5.30 45.69
N GLU D 108 15.96 -5.93 45.01
CA GLU D 108 16.17 -7.37 45.20
C GLU D 108 16.87 -7.65 46.53
N HIS D 109 17.68 -6.70 47.01
CA HIS D 109 18.40 -6.87 48.26
C HIS D 109 17.85 -6.09 49.47
N HIS D 110 16.82 -5.27 49.26
CA HIS D 110 16.30 -4.41 50.32
C HIS D 110 14.77 -4.28 50.33
N PRO D 111 14.08 -5.26 50.92
CA PRO D 111 12.61 -5.25 51.00
C PRO D 111 12.02 -3.93 51.56
N GLU D 112 12.83 -3.18 52.31
CA GLU D 112 12.46 -1.87 52.87
C GLU D 112 12.07 -0.85 51.81
N ILE D 113 12.47 -1.09 50.57
CA ILE D 113 12.34 -0.05 49.56
C ILE D 113 10.89 0.10 49.10
N CYS D 114 10.36 1.32 49.21
CA CYS D 114 8.93 1.55 49.02
C CYS D 114 8.45 1.56 47.57
N GLY D 115 9.37 1.74 46.63
CA GLY D 115 9.02 1.57 45.23
C GLY D 115 10.20 1.89 44.32
N ILE D 116 10.13 1.39 43.08
CA ILE D 116 11.19 1.64 42.11
C ILE D 116 10.68 2.18 40.77
N ALA D 117 11.55 2.91 40.09
CA ALA D 117 11.25 3.47 38.78
C ALA D 117 12.47 3.34 37.87
N PRO D 118 12.72 2.11 37.40
CA PRO D 118 13.81 1.97 36.41
C PRO D 118 13.44 2.55 35.05
N ILE D 119 14.42 3.16 34.40
CA ILE D 119 14.27 3.71 33.04
C ILE D 119 15.17 2.96 32.07
N ASN D 120 14.56 2.20 31.15
CA ASN D 120 15.33 1.42 30.18
C ASN D 120 16.40 0.53 30.85
N ALA D 121 16.01 -0.11 31.96
CA ALA D 121 16.88 -1.01 32.69
C ALA D 121 17.35 -2.12 31.79
N ALA D 122 18.64 -2.44 31.87
CA ALA D 122 19.25 -3.51 31.10
C ALA D 122 19.38 -4.80 31.91
N ILE D 123 18.63 -5.84 31.56
CA ILE D 123 18.92 -7.19 32.08
C ILE D 123 19.42 -8.23 31.06
N ASN D 124 19.32 -7.94 29.78
CA ASN D 124 19.85 -8.85 28.76
C ASN D 124 20.35 -8.15 27.50
N MET D 125 21.61 -8.38 27.17
CA MET D 125 22.19 -7.78 25.96
C MET D 125 23.05 -8.83 25.29
N PRO D 126 22.42 -9.69 24.47
CA PRO D 126 23.05 -10.85 23.83
C PRO D 126 24.34 -10.52 23.08
N ALA D 127 24.36 -9.37 22.42
CA ALA D 127 25.52 -8.96 21.61
C ALA D 127 26.75 -8.67 22.48
N LEU D 128 26.55 -8.02 23.62
CA LEU D 128 27.66 -7.69 24.52
C LEU D 128 28.15 -8.94 25.21
N ALA D 129 27.22 -9.87 25.43
CA ALA D 129 27.61 -11.22 25.83
C ALA D 129 28.44 -11.88 24.72
N GLY D 130 28.12 -11.57 23.47
CA GLY D 130 28.83 -12.12 22.32
C GLY D 130 30.28 -11.70 22.28
N ALA D 131 30.54 -10.49 22.73
CA ALA D 131 31.92 -9.98 22.82
C ALA D 131 32.71 -10.72 23.89
N LEU D 132 32.02 -11.50 24.71
CA LEU D 132 32.67 -12.18 25.84
C LEU D 132 33.24 -13.56 25.46
N ALA D 133 32.93 -14.03 24.27
CA ALA D 133 33.65 -15.18 23.72
C ALA D 133 35.01 -14.66 23.27
N GLY D 134 35.03 -13.35 23.05
CA GLY D 134 36.20 -12.56 22.72
C GLY D 134 36.84 -11.94 23.97
N VAL D 135 37.22 -10.67 23.80
CA VAL D 135 37.85 -9.73 24.75
C VAL D 135 39.36 -9.88 24.78
N GLY D 136 39.86 -11.00 24.28
CA GLY D 136 41.29 -11.10 24.07
C GLY D 136 41.55 -10.29 22.83
N ASP D 137 40.71 -10.56 21.83
CA ASP D 137 40.87 -10.11 20.46
C ASP D 137 40.18 -8.77 20.27
N LEU D 138 39.63 -8.25 21.36
CA LEU D 138 39.05 -6.92 21.38
C LEU D 138 40.09 -5.84 21.63
N PRO D 139 39.93 -4.68 21.00
CA PRO D 139 40.78 -3.55 21.41
C PRO D 139 40.55 -3.21 22.88
N ARG D 140 41.58 -2.74 23.59
CA ARG D 140 41.45 -2.48 25.01
C ARG D 140 40.36 -1.45 25.33
N PHE D 141 40.20 -0.46 24.45
CA PHE D 141 39.17 0.56 24.60
C PHE D 141 38.33 0.60 23.35
N LEU D 142 37.02 0.53 23.54
CA LEU D 142 36.07 0.45 22.43
C LEU D 142 35.35 1.78 22.21
N ASP D 143 34.51 1.82 21.18
CA ASP D 143 33.78 3.04 20.87
C ASP D 143 32.76 3.36 21.94
N ALA D 144 32.48 4.64 22.09
CA ALA D 144 31.51 5.12 23.07
C ALA D 144 30.13 4.51 22.84
N ILE D 145 29.44 4.19 23.93
CA ILE D 145 28.03 3.78 23.87
C ILE D 145 27.08 4.93 24.25
N GLY D 146 27.63 6.08 24.59
CA GLY D 146 26.83 7.19 25.06
C GLY D 146 26.05 7.96 24.00
N SER D 147 25.11 8.78 24.47
CA SER D 147 24.32 9.69 23.63
C SER D 147 23.44 9.05 22.56
N ASP D 148 22.67 8.02 22.94
CA ASP D 148 21.58 7.60 22.09
C ASP D 148 20.37 8.43 22.54
N ILE D 149 20.12 9.51 21.80
CA ILE D 149 19.16 10.54 22.20
C ILE D 149 18.39 11.02 20.97
N LYS D 150 17.06 11.02 21.01
CA LYS D 150 16.25 11.41 19.85
C LYS D 150 16.21 12.92 19.67
N LYS D 151 16.00 13.63 20.77
CA LYS D 151 16.09 15.09 20.78
C LYS D 151 17.46 15.54 20.29
N PRO D 152 17.49 16.29 19.18
CA PRO D 152 18.76 16.74 18.59
C PRO D 152 19.43 17.82 19.42
N GLY D 153 20.72 18.02 19.19
CA GLY D 153 21.44 19.07 19.88
C GLY D 153 21.54 18.83 21.36
N VAL D 154 21.61 17.55 21.75
CA VAL D 154 21.80 17.22 23.16
C VAL D 154 23.02 16.33 23.37
N LYS D 155 23.84 16.73 24.34
CA LYS D 155 25.08 16.03 24.64
C LYS D 155 24.96 15.34 26.00
N GLU D 156 25.24 14.03 26.04
CA GLU D 156 25.33 13.33 27.31
C GLU D 156 26.76 13.41 27.82
N LEU D 157 26.95 13.67 29.10
CA LEU D 157 28.30 13.65 29.64
C LEU D 157 28.58 12.20 30.01
N ALA D 158 29.41 11.56 29.17
CA ALA D 158 29.74 10.15 29.29
C ALA D 158 31.05 9.91 28.55
N TYR D 159 31.73 8.82 28.86
CA TYR D 159 33.04 8.52 28.24
C TYR D 159 32.98 8.35 26.72
N GLU D 160 34.03 8.82 26.06
CA GLU D 160 34.12 8.68 24.61
C GLU D 160 34.69 7.32 24.24
N LYS D 161 35.16 6.57 25.24
CA LYS D 161 35.58 5.17 25.07
C LYS D 161 34.91 4.27 26.11
N THR D 162 34.59 3.03 25.70
CA THR D 162 34.12 1.97 26.60
C THR D 162 35.22 0.94 26.85
N PRO D 163 35.68 0.81 28.10
CA PRO D 163 36.68 -0.24 28.38
C PRO D 163 36.14 -1.65 28.14
N ALA D 164 36.86 -2.43 27.34
CA ALA D 164 36.42 -3.78 27.00
C ALA D 164 36.32 -4.66 28.26
N ALA D 165 37.18 -4.37 29.24
CA ALA D 165 37.23 -5.15 30.47
C ALA D 165 36.00 -4.87 31.34
N SER D 166 35.30 -3.78 31.08
CA SER D 166 34.13 -3.41 31.85
C SER D 166 32.87 -4.12 31.36
N ILE D 167 32.94 -4.66 30.15
CA ILE D 167 31.81 -5.40 29.60
C ILE D 167 31.46 -6.62 30.49
N ARG D 168 32.46 -7.35 30.93
CA ARG D 168 32.20 -8.53 31.73
C ARG D 168 31.59 -8.16 33.09
N GLN D 169 31.82 -6.92 33.54
CA GLN D 169 31.32 -6.46 34.84
C GLN D 169 29.81 -6.17 34.77
N ILE D 170 29.36 -5.49 33.72
CA ILE D 170 27.94 -5.22 33.61
C ILE D 170 27.19 -6.49 33.23
N VAL D 171 27.82 -7.34 32.43
CA VAL D 171 27.21 -8.62 32.09
C VAL D 171 27.01 -9.43 33.37
N GLN D 172 28.04 -9.50 34.21
CA GLN D 172 27.91 -10.16 35.51
C GLN D 172 26.80 -9.53 36.34
N LEU D 173 26.79 -8.21 36.45
CA LEU D 173 25.72 -7.51 37.18
C LEU D 173 24.35 -7.87 36.62
N MET D 174 24.20 -7.81 35.30
CA MET D 174 22.92 -8.07 34.66
C MET D 174 22.43 -9.52 34.86
N GLU D 175 23.34 -10.49 34.75
CA GLU D 175 23.01 -11.88 34.99
C GLU D 175 22.47 -12.03 36.41
N ARG D 176 23.16 -11.45 37.38
CA ARG D 176 22.75 -11.56 38.78
C ARG D 176 21.36 -10.96 38.99
N VAL D 177 21.18 -9.74 38.47
CA VAL D 177 19.94 -9.01 38.67
C VAL D 177 18.80 -9.69 37.91
N LYS D 178 19.11 -10.26 36.75
CA LYS D 178 18.11 -11.00 35.99
C LYS D 178 17.62 -12.23 36.76
N THR D 179 18.52 -13.04 37.28
CA THR D 179 18.05 -14.24 37.97
C THR D 179 17.32 -13.91 39.28
N ASP D 180 17.57 -12.73 39.85
CA ASP D 180 16.97 -12.36 41.14
C ASP D 180 15.66 -11.58 41.03
N LEU D 181 15.15 -11.41 39.81
CA LEU D 181 13.96 -10.56 39.61
C LEU D 181 12.74 -11.02 40.41
N HIS D 182 12.58 -12.34 40.53
CA HIS D 182 11.46 -12.92 41.27
C HIS D 182 11.37 -12.40 42.71
N LYS D 183 12.48 -11.89 43.25
CA LYS D 183 12.50 -11.37 44.61
C LYS D 183 11.94 -9.95 44.76
N ILE D 184 11.56 -9.30 43.67
CA ILE D 184 11.07 -7.92 43.77
C ILE D 184 9.56 -7.88 43.99
N THR D 185 9.16 -7.48 45.20
CA THR D 185 7.74 -7.30 45.50
C THR D 185 7.24 -5.85 45.60
N CYS D 186 8.13 -4.88 45.59
CA CYS D 186 7.73 -3.50 45.84
C CYS D 186 7.05 -2.91 44.59
N PRO D 187 6.32 -1.78 44.74
CA PRO D 187 5.71 -1.10 43.60
C PRO D 187 6.73 -0.63 42.57
N ALA D 188 6.49 -0.96 41.30
CA ALA D 188 7.42 -0.61 40.23
C ALA D 188 6.68 0.05 39.07
N ILE D 189 7.27 1.12 38.54
CA ILE D 189 6.91 1.63 37.22
C ILE D 189 8.12 1.43 36.32
N LEU D 190 7.94 0.72 35.22
CA LEU D 190 9.07 0.49 34.34
C LEU D 190 9.03 1.39 33.11
N PHE D 191 9.85 2.44 33.09
CA PHE D 191 9.85 3.34 31.94
C PHE D 191 10.57 2.67 30.78
N CYS D 192 9.97 2.76 29.60
CA CYS D 192 10.53 2.09 28.43
C CYS D 192 10.45 2.95 27.15
N SER D 193 11.59 3.23 26.54
CA SER D 193 11.59 3.95 25.26
C SER D 193 11.09 3.04 24.15
N ASP D 194 10.15 3.53 23.33
CA ASP D 194 9.64 2.73 22.20
C ASP D 194 10.74 2.24 21.28
N GLU D 195 11.70 3.12 21.00
CA GLU D 195 12.89 2.77 20.22
C GLU D 195 14.14 3.02 21.05
N ASP D 196 15.00 2.02 21.18
CA ASP D 196 16.19 2.11 22.01
C ASP D 196 17.31 1.41 21.26
N HIS D 197 18.41 2.13 20.99
CA HIS D 197 19.51 1.58 20.19
C HIS D 197 20.61 0.95 21.03
N VAL D 198 20.38 0.84 22.33
CA VAL D 198 21.38 0.29 23.23
C VAL D 198 20.85 -0.97 23.91
N VAL D 199 19.79 -0.78 24.67
CA VAL D 199 19.12 -1.86 25.37
C VAL D 199 17.87 -2.28 24.61
N PRO D 200 17.76 -3.57 24.27
CA PRO D 200 16.56 -4.03 23.58
C PRO D 200 15.30 -3.65 24.33
N PRO D 201 14.33 -2.99 23.67
CA PRO D 201 13.06 -2.70 24.32
C PRO D 201 12.35 -3.95 24.88
N ASP D 202 12.69 -5.17 24.44
CA ASP D 202 12.04 -6.35 25.02
C ASP D 202 12.52 -6.63 26.45
N ASN D 203 13.51 -5.89 26.92
CA ASN D 203 13.99 -6.05 28.30
C ASN D 203 12.95 -5.65 29.31
N ALA D 204 12.20 -4.60 28.98
CA ALA D 204 11.20 -4.08 29.92
C ALA D 204 10.02 -5.04 30.16
N PRO D 205 9.40 -5.61 29.10
CA PRO D 205 8.33 -6.56 29.42
C PRO D 205 8.86 -7.78 30.18
N PHE D 206 10.07 -8.21 29.85
CA PHE D 206 10.72 -9.31 30.56
C PHE D 206 10.77 -9.03 32.06
N ILE D 207 11.17 -7.80 32.42
CA ILE D 207 11.26 -7.38 33.82
C ILE D 207 9.89 -7.32 34.47
N TYR D 208 8.92 -6.83 33.68
CA TYR D 208 7.54 -6.77 34.11
C TYR D 208 7.05 -8.17 34.43
N ASP D 209 7.34 -9.10 33.52
CA ASP D 209 6.86 -10.47 33.66
C ASP D 209 7.48 -11.23 34.81
N HIS D 210 8.74 -10.93 35.14
CA HIS D 210 9.42 -11.69 36.19
C HIS D 210 9.52 -11.07 37.59
N ILE D 211 9.14 -9.82 37.79
CA ILE D 211 9.11 -9.29 39.17
C ILE D 211 7.79 -9.69 39.87
N ALA D 212 7.86 -9.98 41.16
CA ALA D 212 6.71 -10.47 41.92
C ALA D 212 5.83 -9.32 42.42
N SER D 213 6.17 -8.10 42.03
CA SER D 213 5.42 -6.93 42.45
C SER D 213 3.95 -7.05 42.08
N ALA D 214 3.09 -6.82 43.06
CA ALA D 214 1.64 -6.81 42.83
C ALA D 214 1.27 -5.59 42.01
N ASP D 215 1.83 -4.45 42.40
CA ASP D 215 1.55 -3.18 41.75
C ASP D 215 2.68 -2.77 40.79
N LYS D 216 2.43 -2.93 39.50
CA LYS D 216 3.48 -2.75 38.50
C LYS D 216 2.91 -2.28 37.17
N LYS D 217 3.63 -1.39 36.51
CA LYS D 217 3.18 -0.86 35.23
C LYS D 217 4.36 -0.58 34.33
N LEU D 218 4.14 -0.80 33.03
CA LEU D 218 5.04 -0.32 31.99
C LEU D 218 4.57 1.04 31.54
N VAL D 219 5.50 1.98 31.40
CA VAL D 219 5.18 3.32 30.91
C VAL D 219 6.06 3.66 29.71
N ARG D 220 5.42 3.79 28.55
CA ARG D 220 6.14 4.03 27.31
C ARG D 220 6.61 5.46 27.19
N LEU D 221 7.77 5.62 26.57
CA LEU D 221 8.29 6.94 26.23
C LEU D 221 8.39 6.94 24.71
N PRO D 222 7.29 7.26 24.03
CA PRO D 222 7.22 7.03 22.58
C PRO D 222 8.20 7.88 21.76
N ASP D 223 8.56 9.05 22.30
CA ASP D 223 9.37 10.05 21.60
C ASP D 223 10.88 10.05 21.96
N SER D 224 11.34 9.07 22.71
CA SER D 224 12.72 9.10 23.19
C SER D 224 13.54 7.88 22.81
N TYR D 225 14.85 8.05 22.72
CA TYR D 225 15.77 6.89 22.60
C TYR D 225 16.27 6.48 23.99
N HIS D 226 17.35 5.70 24.03
CA HIS D 226 17.86 5.16 25.29
C HIS D 226 18.07 6.17 26.44
N VAL D 227 18.71 7.31 26.16
CA VAL D 227 19.05 8.19 27.27
C VAL D 227 17.88 9.15 27.46
N ALA D 228 16.89 8.66 28.21
CA ALA D 228 15.56 9.25 28.09
C ALA D 228 15.41 10.45 28.99
N THR D 229 16.24 10.48 30.03
CA THR D 229 16.25 11.56 30.99
C THR D 229 16.72 12.86 30.35
N LEU D 230 17.48 12.76 29.27
CA LEU D 230 17.94 13.93 28.51
C LEU D 230 17.07 14.17 27.27
N ASP D 231 16.03 13.33 27.11
CA ASP D 231 15.30 13.23 25.86
C ASP D 231 13.91 13.87 25.88
N ASN D 232 13.18 13.70 24.79
CA ASN D 232 11.87 14.33 24.62
C ASN D 232 10.86 14.03 25.72
N ASP D 233 10.88 12.79 26.23
CA ASP D 233 9.89 12.34 27.22
C ASP D 233 10.33 12.59 28.68
N ARG D 234 11.40 13.36 28.85
CA ARG D 234 11.96 13.59 30.17
C ARG D 234 10.95 14.20 31.20
N GLN D 235 10.07 15.12 30.79
CA GLN D 235 9.08 15.67 31.73
C GLN D 235 7.96 14.66 32.03
N LYS D 236 7.71 13.74 31.11
CA LYS D 236 6.80 12.64 31.36
C LYS D 236 7.37 11.69 32.41
N ILE D 237 8.66 11.33 32.28
CA ILE D 237 9.36 10.58 33.33
C ILE D 237 9.19 11.27 34.68
N ILE D 238 9.55 12.55 34.70
CA ILE D 238 9.51 13.35 35.91
C ILE D 238 8.10 13.36 36.52
N ASP D 239 7.10 13.77 35.74
CA ASP D 239 5.73 13.91 36.27
C ASP D 239 5.09 12.57 36.65
N THR D 240 5.31 11.54 35.85
CA THR D 240 4.84 10.20 36.20
C THR D 240 5.50 9.73 37.51
N SER D 241 6.77 10.05 37.69
CA SER D 241 7.50 9.60 38.88
C SER D 241 7.07 10.40 40.10
N LEU D 242 6.75 11.68 39.89
CA LEU D 242 6.24 12.54 40.96
C LEU D 242 4.90 12.07 41.50
N ALA D 243 4.05 11.57 40.60
CA ALA D 243 2.77 11.02 41.00
C ALA D 243 2.97 9.66 41.66
N PHE D 244 3.90 8.87 41.13
CA PHE D 244 4.20 7.54 41.67
C PHE D 244 4.69 7.63 43.11
N PHE D 245 5.59 8.57 43.37
CA PHE D 245 6.13 8.75 44.70
C PHE D 245 5.02 9.13 45.66
N LYS D 246 4.18 10.08 45.26
CA LYS D 246 3.15 10.61 46.15
C LYS D 246 2.07 9.58 46.49
N LYS D 247 1.63 8.81 45.50
CA LYS D 247 0.67 7.73 45.75
C LYS D 247 1.16 6.71 46.77
N HIS D 248 2.40 6.26 46.60
CA HIS D 248 2.89 5.14 47.40
C HIS D 248 3.56 5.54 48.70
N ALA D 249 3.89 6.81 48.89
CA ALA D 249 4.38 7.26 50.19
C ALA D 249 3.22 7.70 51.08
N ASP D 250 2.03 7.83 50.50
CA ASP D 250 0.85 8.27 51.25
C ASP D 250 -0.05 7.10 51.67
N ARG D 251 0.31 5.89 51.22
CA ARG D 251 -0.40 4.69 51.66
C ARG D 251 0.59 3.69 52.24
N MET E 1 45.53 -7.69 -12.56
CA MET E 1 45.88 -9.08 -12.86
C MET E 1 44.89 -9.76 -13.81
N THR E 2 45.15 -11.03 -14.11
CA THR E 2 44.17 -11.83 -14.81
C THR E 2 44.12 -13.23 -14.21
N GLU E 3 42.92 -13.78 -14.09
CA GLU E 3 42.72 -15.09 -13.49
C GLU E 3 43.17 -16.22 -14.41
N THR E 4 44.09 -17.04 -13.93
CA THR E 4 44.52 -18.19 -14.69
C THR E 4 43.71 -19.43 -14.32
N TYR E 5 42.98 -19.36 -13.23
CA TYR E 5 42.15 -20.50 -12.85
C TYR E 5 40.71 -20.35 -13.30
N PRO E 6 40.06 -21.49 -13.62
CA PRO E 6 38.65 -21.48 -14.03
C PRO E 6 37.74 -21.35 -12.83
N VAL E 7 36.50 -20.90 -13.06
CA VAL E 7 35.55 -20.75 -11.99
C VAL E 7 35.14 -22.13 -11.50
N VAL E 8 35.27 -22.34 -10.19
CA VAL E 8 34.85 -23.58 -9.54
C VAL E 8 33.34 -23.75 -9.67
N LYS E 9 32.87 -25.00 -9.81
CA LYS E 9 31.44 -25.26 -9.87
C LYS E 9 30.73 -24.69 -8.64
N GLY E 10 29.68 -23.92 -8.86
CA GLY E 10 28.93 -23.36 -7.75
C GLY E 10 29.33 -21.93 -7.41
N ALA E 11 30.45 -21.48 -7.97
CA ALA E 11 31.00 -20.14 -7.69
C ALA E 11 30.64 -19.07 -8.77
N GLU E 12 29.83 -19.43 -9.75
CA GLU E 12 29.52 -18.53 -10.86
C GLU E 12 28.56 -17.44 -10.40
N PRO E 13 28.71 -16.22 -10.95
CA PRO E 13 27.77 -15.14 -10.65
C PRO E 13 26.35 -15.53 -11.01
N PHE E 14 25.35 -14.91 -10.39
CA PHE E 14 23.98 -15.17 -10.83
C PHE E 14 23.34 -13.89 -11.33
N PHE E 15 22.55 -14.04 -12.37
CA PHE E 15 21.81 -12.94 -12.94
C PHE E 15 20.39 -13.41 -13.18
N PHE E 16 19.42 -12.67 -12.66
CA PHE E 16 18.02 -12.95 -12.94
C PHE E 16 17.36 -11.70 -13.47
N GLU E 17 16.75 -11.82 -14.65
CA GLU E 17 16.01 -10.72 -15.25
C GLU E 17 14.68 -10.51 -14.54
N GLY E 18 14.23 -9.26 -14.47
CA GLY E 18 13.15 -8.92 -13.56
C GLY E 18 12.48 -7.60 -13.89
N ASN E 19 11.76 -7.04 -12.92
CA ASN E 19 11.11 -5.75 -13.11
C ASN E 19 12.04 -4.55 -12.92
N ASP E 20 11.44 -3.36 -12.83
CA ASP E 20 12.16 -2.08 -12.80
C ASP E 20 13.02 -1.87 -11.55
N ILE E 21 12.96 -2.82 -10.61
CA ILE E 21 13.73 -2.74 -9.37
C ILE E 21 14.88 -3.76 -9.35
N GLY E 22 16.11 -3.26 -9.24
CA GLY E 22 17.24 -4.16 -9.07
C GLY E 22 17.76 -4.39 -7.66
N ILE E 23 18.30 -5.57 -7.44
CA ILE E 23 19.00 -5.88 -6.20
C ILE E 23 20.39 -6.42 -6.52
N LEU E 24 21.40 -5.71 -6.03
CA LEU E 24 22.78 -6.12 -6.15
C LEU E 24 23.19 -6.86 -4.88
N VAL E 25 23.57 -8.13 -5.02
CA VAL E 25 23.84 -9.01 -3.90
C VAL E 25 25.32 -9.47 -3.84
N LEU E 26 26.03 -9.01 -2.80
CA LEU E 26 27.49 -9.12 -2.78
C LEU E 26 28.03 -10.11 -1.77
N HIS E 27 28.96 -10.95 -2.20
CA HIS E 27 29.59 -11.92 -1.30
C HIS E 27 30.86 -11.37 -0.68
N GLY E 28 31.43 -12.13 0.24
CA GLY E 28 32.51 -11.60 1.05
C GLY E 28 33.89 -12.11 0.72
N PHE E 29 34.84 -11.73 1.58
CA PHE E 29 36.26 -12.05 1.49
C PHE E 29 36.53 -13.55 1.42
N THR E 30 37.28 -13.98 0.41
CA THR E 30 37.64 -15.39 0.18
C THR E 30 36.42 -16.26 -0.16
N GLY E 31 35.24 -15.66 -0.14
CA GLY E 31 34.01 -16.38 -0.44
C GLY E 31 33.67 -16.36 -1.91
N SER E 32 32.40 -16.63 -2.21
CA SER E 32 31.90 -16.68 -3.58
C SER E 32 30.40 -16.38 -3.59
N PRO E 33 29.79 -16.23 -4.79
CA PRO E 33 28.35 -15.99 -4.87
C PRO E 33 27.49 -17.10 -4.25
N GLN E 34 28.10 -18.26 -4.00
CA GLN E 34 27.39 -19.42 -3.46
C GLN E 34 26.70 -19.07 -2.16
N SER E 35 27.39 -18.30 -1.32
CA SER E 35 26.90 -17.95 0.00
C SER E 35 25.70 -17.01 -0.10
N MET E 36 25.59 -16.30 -1.22
CA MET E 36 24.54 -15.31 -1.40
C MET E 36 23.30 -15.79 -2.16
N ARG E 37 23.39 -16.97 -2.76
CA ARG E 37 22.38 -17.38 -3.75
C ARG E 37 20.96 -17.57 -3.20
N PRO E 38 20.80 -18.10 -1.98
CA PRO E 38 19.44 -18.11 -1.42
C PRO E 38 18.76 -16.74 -1.45
N LEU E 39 19.49 -15.69 -1.06
CA LEU E 39 18.92 -14.35 -1.07
C LEU E 39 18.49 -13.96 -2.49
N GLY E 40 19.41 -14.16 -3.44
CA GLY E 40 19.19 -13.81 -4.83
C GLY E 40 18.01 -14.53 -5.43
N GLU E 41 17.88 -15.80 -5.08
CA GLU E 41 16.75 -16.60 -5.51
C GLU E 41 15.43 -16.13 -4.90
N ALA E 42 15.46 -15.80 -3.63
CA ALA E 42 14.28 -15.26 -2.99
C ALA E 42 13.88 -13.94 -3.64
N TYR E 43 14.87 -13.10 -3.95
CA TYR E 43 14.56 -11.78 -4.51
C TYR E 43 14.11 -11.91 -5.96
N HIS E 44 14.64 -12.92 -6.64
CA HIS E 44 14.19 -13.28 -7.99
C HIS E 44 12.72 -13.71 -7.93
N GLU E 45 12.39 -14.61 -7.02
CA GLU E 45 11.00 -15.07 -6.88
C GLU E 45 10.00 -13.96 -6.52
N ALA E 46 10.49 -12.85 -5.95
CA ALA E 46 9.62 -11.71 -5.66
C ALA E 46 9.34 -10.89 -6.90
N GLY E 47 10.08 -11.17 -7.98
CA GLY E 47 9.91 -10.47 -9.23
C GLY E 47 10.98 -9.42 -9.49
N TYR E 48 11.98 -9.35 -8.61
CA TYR E 48 13.03 -8.32 -8.76
C TYR E 48 14.13 -8.75 -9.74
N THR E 49 14.70 -7.78 -10.44
CA THR E 49 15.96 -8.02 -11.15
C THR E 49 17.06 -8.24 -10.10
N VAL E 50 17.93 -9.23 -10.31
CA VAL E 50 18.97 -9.58 -9.33
C VAL E 50 20.33 -9.81 -9.99
N CYS E 51 21.37 -9.22 -9.44
CA CYS E 51 22.73 -9.59 -9.81
C CYS E 51 23.57 -9.87 -8.57
N GLY E 52 23.91 -11.12 -8.28
CA GLY E 52 25.09 -11.41 -7.49
C GLY E 52 26.33 -11.52 -8.33
N PRO E 53 27.24 -10.55 -8.23
CA PRO E 53 28.49 -10.67 -9.00
C PRO E 53 29.53 -11.54 -8.28
N ARG E 54 30.45 -12.14 -9.04
CA ARG E 54 31.59 -12.84 -8.46
C ARG E 54 32.77 -11.87 -8.43
N LEU E 55 33.36 -11.67 -7.25
CA LEU E 55 34.48 -10.74 -7.13
C LEU E 55 35.70 -11.34 -7.83
N LYS E 56 36.43 -10.49 -8.55
CA LYS E 56 37.62 -10.92 -9.27
C LYS E 56 38.58 -11.66 -8.33
N GLY E 57 39.12 -12.79 -8.80
CA GLY E 57 40.05 -13.56 -8.01
C GLY E 57 39.36 -14.40 -6.97
N HIS E 58 38.04 -14.34 -6.93
CA HIS E 58 37.25 -15.18 -6.02
C HIS E 58 36.57 -16.31 -6.77
N GLY E 59 36.39 -17.45 -6.10
CA GLY E 59 35.73 -18.59 -6.71
C GLY E 59 36.56 -19.26 -7.79
N THR E 60 37.86 -19.00 -7.83
CA THR E 60 38.70 -19.77 -8.73
C THR E 60 39.82 -20.47 -7.97
N HIS E 61 40.85 -19.73 -7.58
CA HIS E 61 41.88 -20.29 -6.74
C HIS E 61 42.46 -19.17 -5.88
N TYR E 62 42.92 -19.49 -4.67
CA TYR E 62 43.42 -18.43 -3.80
C TYR E 62 44.71 -17.81 -4.37
N GLU E 63 45.40 -18.53 -5.25
CA GLU E 63 46.53 -17.94 -5.98
C GLU E 63 46.11 -16.78 -6.89
N ASP E 64 44.91 -16.89 -7.47
CA ASP E 64 44.33 -15.78 -8.22
C ASP E 64 44.02 -14.64 -7.26
N MET E 65 43.35 -14.96 -6.17
CA MET E 65 42.97 -13.96 -5.17
C MET E 65 44.15 -13.12 -4.73
N GLU E 66 45.29 -13.79 -4.51
CA GLU E 66 46.52 -13.15 -4.06
C GLU E 66 46.92 -12.01 -4.98
N LYS E 67 46.55 -12.10 -6.25
CA LYS E 67 46.92 -11.08 -7.23
C LYS E 67 45.95 -9.91 -7.35
N THR E 68 44.80 -9.98 -6.69
CA THR E 68 43.80 -8.93 -6.83
C THR E 68 43.94 -7.86 -5.76
N THR E 69 43.61 -6.63 -6.13
CA THR E 69 43.57 -5.48 -5.22
C THR E 69 42.12 -5.23 -4.76
N CYS E 70 41.89 -4.22 -3.92
CA CYS E 70 40.52 -3.97 -3.51
C CYS E 70 39.76 -3.24 -4.62
N GLN E 71 40.48 -2.49 -5.47
CA GLN E 71 39.86 -1.87 -6.65
C GLN E 71 39.32 -2.93 -7.59
N ASP E 72 40.03 -4.05 -7.71
CA ASP E 72 39.56 -5.15 -8.55
C ASP E 72 38.16 -5.56 -8.09
N TRP E 73 37.98 -5.64 -6.78
CA TRP E 73 36.73 -6.11 -6.20
C TRP E 73 35.63 -5.06 -6.36
N ILE E 74 36.01 -3.80 -6.19
CA ILE E 74 35.15 -2.67 -6.54
C ILE E 74 34.71 -2.74 -8.00
N ASP E 75 35.69 -2.97 -8.89
CA ASP E 75 35.44 -3.13 -10.32
C ASP E 75 34.39 -4.20 -10.57
N SER E 76 34.46 -5.28 -9.80
CA SER E 76 33.48 -6.36 -9.92
C SER E 76 32.10 -5.89 -9.47
N VAL E 77 32.08 -5.21 -8.32
CA VAL E 77 30.84 -4.66 -7.80
C VAL E 77 30.24 -3.69 -8.80
N GLU E 78 31.04 -2.74 -9.25
CA GLU E 78 30.59 -1.74 -10.22
C GLU E 78 30.05 -2.31 -11.52
N ALA E 79 30.60 -3.43 -11.99
CA ALA E 79 30.06 -4.10 -13.18
C ALA E 79 28.68 -4.68 -12.89
N GLY E 80 28.49 -5.24 -11.70
CA GLY E 80 27.17 -5.72 -11.29
C GLY E 80 26.20 -4.56 -11.23
N TYR E 81 26.69 -3.40 -10.81
CA TYR E 81 25.87 -2.22 -10.67
C TYR E 81 25.46 -1.63 -12.01
N GLU E 82 26.42 -1.52 -12.92
CA GLU E 82 26.12 -0.99 -14.25
C GLU E 82 25.19 -1.93 -15.00
N TRP E 83 25.32 -3.23 -14.75
CA TRP E 83 24.40 -4.25 -15.28
C TRP E 83 22.94 -3.95 -14.88
N LEU E 84 22.71 -3.68 -13.60
CA LEU E 84 21.37 -3.40 -13.11
C LEU E 84 20.85 -2.06 -13.63
N LYS E 85 21.70 -1.05 -13.70
CA LYS E 85 21.24 0.26 -14.11
C LYS E 85 20.84 0.32 -15.58
N ASN E 86 21.27 -0.66 -16.36
CA ASN E 86 20.79 -0.78 -17.73
C ASN E 86 19.43 -1.45 -17.76
N ARG E 87 19.15 -2.25 -16.73
CA ARG E 87 17.87 -2.93 -16.61
C ARG E 87 16.88 -2.33 -15.60
N CYS E 88 17.29 -1.31 -14.86
CA CYS E 88 16.53 -0.88 -13.67
C CYS E 88 16.67 0.59 -13.34
N GLY E 89 15.60 1.18 -12.83
CA GLY E 89 15.61 2.57 -12.40
C GLY E 89 15.67 2.73 -10.90
N THR E 90 15.39 1.64 -10.19
CA THR E 90 15.41 1.62 -8.73
C THR E 90 16.30 0.47 -8.25
N ILE E 91 17.35 0.79 -7.52
CA ILE E 91 18.35 -0.21 -7.19
C ILE E 91 18.74 -0.22 -5.72
N PHE E 92 18.62 -1.41 -5.13
CA PHE E 92 19.03 -1.65 -3.75
C PHE E 92 20.32 -2.47 -3.72
N VAL E 93 21.18 -2.21 -2.73
CA VAL E 93 22.38 -3.02 -2.56
C VAL E 93 22.48 -3.70 -1.21
N THR E 94 22.74 -4.99 -1.22
CA THR E 94 22.91 -5.72 0.03
C THR E 94 24.11 -6.64 -0.07
N GLY E 95 24.70 -7.02 1.06
CA GLY E 95 25.86 -7.88 1.02
C GLY E 95 26.40 -8.35 2.35
N LEU E 96 27.16 -9.44 2.32
CA LEU E 96 27.65 -10.11 3.51
C LEU E 96 29.13 -9.86 3.76
N SER E 97 29.46 -9.54 5.01
CA SER E 97 30.83 -9.33 5.47
C SER E 97 31.51 -8.27 4.65
N MET E 98 32.59 -8.65 3.94
CA MET E 98 33.20 -7.70 3.01
C MET E 98 32.18 -7.28 1.94
N GLY E 99 31.20 -8.14 1.67
CA GLY E 99 30.05 -7.76 0.84
C GLY E 99 29.30 -6.57 1.43
N GLY E 100 29.15 -6.56 2.75
CA GLY E 100 28.60 -5.40 3.45
C GLY E 100 29.46 -4.17 3.25
N THR E 101 30.76 -4.34 3.40
CA THR E 101 31.72 -3.26 3.25
C THR E 101 31.56 -2.62 1.87
N LEU E 102 31.54 -3.48 0.87
CA LEU E 102 31.37 -3.06 -0.52
C LEU E 102 30.01 -2.40 -0.75
N THR E 103 29.00 -2.88 -0.03
CA THR E 103 27.68 -2.28 -0.08
C THR E 103 27.73 -0.85 0.46
N LEU E 104 28.47 -0.66 1.54
CA LEU E 104 28.64 0.65 2.15
C LEU E 104 29.39 1.55 1.17
N TYR E 105 30.42 0.99 0.55
CA TYR E 105 31.19 1.71 -0.46
C TYR E 105 30.30 2.27 -1.56
N MET E 106 29.37 1.46 -2.03
CA MET E 106 28.55 1.90 -3.13
C MET E 106 27.70 3.08 -2.66
N ALA E 107 27.07 2.94 -1.50
CA ALA E 107 26.25 4.02 -0.94
C ALA E 107 27.05 5.32 -0.78
N GLU E 108 28.37 5.20 -0.68
CA GLU E 108 29.21 6.39 -0.55
C GLU E 108 29.45 7.09 -1.89
N HIS E 109 29.55 6.32 -2.96
CA HIS E 109 29.76 6.94 -4.26
C HIS E 109 28.56 7.02 -5.21
N HIS E 110 27.42 6.46 -4.83
CA HIS E 110 26.28 6.42 -5.75
C HIS E 110 25.00 6.93 -5.13
N PRO E 111 24.73 8.23 -5.32
CA PRO E 111 23.56 8.96 -4.76
C PRO E 111 22.21 8.44 -5.24
N GLU E 112 22.18 7.71 -6.36
CA GLU E 112 20.94 7.19 -6.91
C GLU E 112 20.50 5.86 -6.28
N ILE E 113 21.40 5.20 -5.55
CA ILE E 113 21.05 3.96 -4.86
C ILE E 113 19.91 4.18 -3.88
N CYS E 114 18.87 3.36 -3.99
CA CYS E 114 17.63 3.70 -3.30
C CYS E 114 17.59 3.15 -1.89
N GLY E 115 18.49 2.22 -1.58
CA GLY E 115 18.66 1.76 -0.22
C GLY E 115 19.65 0.61 -0.11
N ILE E 116 20.14 0.38 1.11
CA ILE E 116 21.15 -0.64 1.35
C ILE E 116 20.78 -1.56 2.51
N ALA E 117 21.16 -2.83 2.40
CA ALA E 117 20.95 -3.79 3.49
C ALA E 117 22.20 -4.61 3.81
N PRO E 118 23.24 -3.95 4.36
CA PRO E 118 24.44 -4.69 4.78
C PRO E 118 24.13 -5.70 5.85
N ILE E 119 24.85 -6.82 5.80
CA ILE E 119 24.71 -7.91 6.74
C ILE E 119 26.09 -8.23 7.32
N ASN E 120 26.27 -7.97 8.61
CA ASN E 120 27.56 -8.12 9.30
C ASN E 120 28.70 -7.45 8.54
N ALA E 121 28.45 -6.25 8.02
CA ALA E 121 29.44 -5.52 7.26
C ALA E 121 30.68 -5.22 8.11
N ALA E 122 31.87 -5.40 7.55
CA ALA E 122 33.10 -5.15 8.31
C ALA E 122 33.71 -3.78 8.00
N ILE E 123 33.62 -2.83 8.95
CA ILE E 123 34.45 -1.63 8.91
C ILE E 123 35.66 -1.61 9.89
N ASN E 124 35.67 -2.53 10.84
CA ASN E 124 36.78 -2.64 11.79
C ASN E 124 37.13 -4.07 12.08
N MET E 125 38.34 -4.47 11.75
CA MET E 125 38.74 -5.83 12.03
C MET E 125 40.10 -5.86 12.70
N PRO E 126 40.10 -5.66 14.03
CA PRO E 126 41.32 -5.74 14.85
C PRO E 126 42.19 -6.98 14.61
N ALA E 127 41.60 -8.15 14.41
CA ALA E 127 42.38 -9.34 14.08
C ALA E 127 43.22 -9.09 12.82
N LEU E 128 42.65 -8.42 11.84
CA LEU E 128 43.34 -8.16 10.59
C LEU E 128 44.39 -7.07 10.73
N ALA E 129 44.13 -6.10 11.60
CA ALA E 129 45.10 -5.05 11.88
C ALA E 129 46.27 -5.63 12.65
N GLY E 130 46.01 -6.72 13.38
CA GLY E 130 47.02 -7.37 14.18
C GLY E 130 47.91 -8.29 13.36
N ALA E 131 47.35 -8.84 12.28
CA ALA E 131 48.12 -9.65 11.34
C ALA E 131 49.08 -8.77 10.53
N LEU E 132 48.68 -7.53 10.28
CA LEU E 132 49.51 -6.56 9.57
C LEU E 132 50.43 -5.77 10.50
N ALA E 133 50.34 -6.07 11.80
CA ALA E 133 51.04 -5.30 12.83
C ALA E 133 52.55 -5.04 12.55
N GLY E 134 53.34 -6.04 12.15
CA GLY E 134 52.96 -7.43 12.10
C GLY E 134 53.51 -8.23 13.26
N VAL E 135 54.54 -7.69 13.92
CA VAL E 135 55.38 -8.45 14.85
C VAL E 135 55.83 -9.73 14.14
N GLY E 136 56.47 -9.56 12.99
CA GLY E 136 56.86 -10.68 12.16
C GLY E 136 55.92 -10.79 10.97
N ASP E 137 56.37 -11.41 9.88
CA ASP E 137 55.50 -11.64 8.73
C ASP E 137 54.54 -12.81 8.94
N LEU E 138 53.48 -12.83 8.13
CA LEU E 138 52.57 -13.96 8.08
C LEU E 138 53.13 -15.03 7.17
N PRO E 139 52.44 -16.19 7.08
CA PRO E 139 52.75 -17.03 5.92
C PRO E 139 52.34 -16.34 4.61
N ARG E 140 52.68 -16.95 3.47
CA ARG E 140 52.17 -16.44 2.20
C ARG E 140 50.66 -16.67 2.20
N PHE E 141 50.26 -17.84 2.71
CA PHE E 141 48.87 -18.23 2.80
C PHE E 141 48.52 -18.75 4.20
N LEU E 142 47.57 -18.09 4.85
CA LEU E 142 47.07 -18.52 6.15
C LEU E 142 46.03 -19.60 5.97
N ASP E 143 45.99 -20.55 6.90
CA ASP E 143 44.92 -21.55 6.87
C ASP E 143 43.60 -20.87 7.22
N ALA E 144 42.62 -20.97 6.33
CA ALA E 144 41.41 -20.13 6.41
C ALA E 144 40.32 -20.68 7.32
N ILE E 145 40.57 -21.85 7.91
CA ILE E 145 39.57 -22.54 8.72
C ILE E 145 39.00 -21.63 9.82
N GLY E 146 37.67 -21.55 9.94
CA GLY E 146 36.69 -22.13 9.01
C GLY E 146 35.42 -21.31 9.20
N SER E 147 34.46 -21.35 8.26
CA SER E 147 33.40 -20.32 8.23
C SER E 147 32.42 -20.47 9.36
N ASP E 148 31.92 -19.33 9.83
CA ASP E 148 31.28 -19.23 11.12
C ASP E 148 29.76 -19.25 10.99
N ILE E 149 29.17 -20.40 11.32
CA ILE E 149 27.73 -20.65 11.13
C ILE E 149 27.21 -21.50 12.27
N LYS E 150 26.06 -21.14 12.82
CA LYS E 150 25.49 -21.84 13.97
C LYS E 150 24.84 -23.15 13.55
N LYS E 151 23.85 -23.07 12.67
CA LYS E 151 23.17 -24.24 12.12
C LYS E 151 24.19 -25.25 11.57
N PRO E 152 24.16 -26.49 12.09
CA PRO E 152 25.15 -27.54 11.82
C PRO E 152 24.98 -28.14 10.44
N GLY E 153 26.04 -28.76 9.90
CA GLY E 153 25.96 -29.42 8.61
C GLY E 153 25.90 -28.44 7.46
N VAL E 154 25.97 -27.15 7.77
CA VAL E 154 26.05 -26.13 6.74
C VAL E 154 27.52 -25.79 6.51
N LYS E 155 27.90 -25.61 5.26
CA LYS E 155 29.17 -24.98 4.94
C LYS E 155 29.11 -24.27 3.59
N GLU E 156 30.01 -23.30 3.47
CA GLU E 156 30.05 -22.28 2.44
C GLU E 156 31.17 -22.57 1.44
N LEU E 157 30.97 -22.18 0.18
CA LEU E 157 32.05 -22.34 -0.79
C LEU E 157 32.97 -21.14 -0.64
N ALA E 158 34.20 -21.41 -0.22
CA ALA E 158 35.17 -20.37 0.05
C ALA E 158 36.56 -20.99 0.00
N TYR E 159 37.59 -20.16 -0.06
CA TYR E 159 38.96 -20.65 -0.10
C TYR E 159 39.40 -21.28 1.23
N GLU E 160 40.13 -22.39 1.16
CA GLU E 160 40.67 -23.03 2.36
C GLU E 160 41.92 -22.32 2.87
N LYS E 161 42.51 -21.49 2.02
CA LYS E 161 43.59 -20.60 2.46
C LYS E 161 43.21 -19.14 2.28
N THR E 162 43.77 -18.27 3.10
CA THR E 162 43.62 -16.83 2.93
C THR E 162 44.97 -16.19 2.62
N PRO E 163 45.16 -15.69 1.39
CA PRO E 163 46.46 -15.10 1.05
C PRO E 163 46.77 -13.82 1.84
N ALA E 164 47.95 -13.76 2.43
CA ALA E 164 48.35 -12.65 3.28
C ALA E 164 48.26 -11.31 2.56
N ALA E 165 48.70 -11.29 1.29
CA ALA E 165 48.66 -10.07 0.50
C ALA E 165 47.24 -9.49 0.40
N SER E 166 46.24 -10.37 0.48
CA SER E 166 44.84 -9.95 0.36
C SER E 166 44.31 -9.25 1.62
N ILE E 167 44.86 -9.62 2.78
CA ILE E 167 44.55 -8.95 4.05
C ILE E 167 44.84 -7.46 3.99
N ARG E 168 45.92 -7.09 3.33
CA ARG E 168 46.30 -5.70 3.16
C ARG E 168 45.28 -4.97 2.32
N GLN E 169 44.72 -5.67 1.33
CA GLN E 169 43.78 -5.08 0.40
C GLN E 169 42.39 -4.86 1.04
N ILE E 170 41.95 -5.79 1.89
CA ILE E 170 40.67 -5.63 2.56
C ILE E 170 40.75 -4.61 3.71
N VAL E 171 41.92 -4.47 4.31
CA VAL E 171 42.09 -3.49 5.37
C VAL E 171 42.13 -2.08 4.78
N GLN E 172 42.75 -1.95 3.61
CA GLN E 172 42.79 -0.65 2.95
C GLN E 172 41.37 -0.25 2.52
N LEU E 173 40.63 -1.19 1.95
CA LEU E 173 39.23 -0.96 1.59
C LEU E 173 38.41 -0.52 2.80
N MET E 174 38.53 -1.24 3.91
CA MET E 174 37.74 -0.98 5.11
C MET E 174 38.02 0.41 5.69
N GLU E 175 39.29 0.79 5.69
CA GLU E 175 39.70 2.10 6.18
C GLU E 175 39.13 3.26 5.36
N ARG E 176 39.07 3.11 4.04
CA ARG E 176 38.53 4.18 3.20
C ARG E 176 37.00 4.21 3.25
N VAL E 177 36.38 3.04 3.37
CA VAL E 177 34.93 3.00 3.52
C VAL E 177 34.53 3.58 4.88
N LYS E 178 35.31 3.26 5.92
CA LYS E 178 35.04 3.80 7.25
C LYS E 178 35.04 5.34 7.28
N THR E 179 36.06 5.96 6.69
CA THR E 179 36.19 7.41 6.75
C THR E 179 35.23 8.12 5.78
N ASP E 180 34.63 7.38 4.87
CA ASP E 180 33.65 7.98 3.96
C ASP E 180 32.20 7.74 4.42
N LEU E 181 32.04 7.12 5.57
CA LEU E 181 30.70 6.73 6.04
C LEU E 181 29.67 7.86 6.11
N HIS E 182 30.15 9.10 6.24
CA HIS E 182 29.27 10.27 6.32
C HIS E 182 28.55 10.57 5.01
N LYS E 183 28.99 9.95 3.92
CA LYS E 183 28.47 10.24 2.58
C LYS E 183 27.23 9.42 2.27
N ILE E 184 26.83 8.58 3.21
CA ILE E 184 25.68 7.72 2.98
C ILE E 184 24.42 8.46 3.46
N THR E 185 23.61 8.91 2.51
CA THR E 185 22.30 9.50 2.83
C THR E 185 21.11 8.58 2.54
N CYS E 186 21.36 7.38 2.02
CA CYS E 186 20.26 6.55 1.56
C CYS E 186 19.74 5.64 2.67
N PRO E 187 18.47 5.23 2.56
CA PRO E 187 17.89 4.33 3.57
C PRO E 187 18.77 3.11 3.82
N ALA E 188 18.81 2.70 5.08
CA ALA E 188 19.76 1.69 5.52
C ALA E 188 19.13 0.75 6.53
N ILE E 189 19.42 -0.53 6.35
CA ILE E 189 19.08 -1.57 7.32
C ILE E 189 20.32 -2.40 7.55
N LEU E 190 20.82 -2.41 8.78
CA LEU E 190 22.04 -3.13 9.10
C LEU E 190 21.74 -4.39 9.90
N PHE E 191 21.88 -5.54 9.26
CA PHE E 191 21.74 -6.82 9.94
C PHE E 191 23.02 -7.13 10.69
N CYS E 192 22.89 -7.58 11.94
CA CYS E 192 24.05 -7.99 12.72
C CYS E 192 23.74 -9.22 13.58
N SER E 193 24.59 -10.23 13.45
CA SER E 193 24.52 -11.44 14.28
C SER E 193 25.01 -11.14 15.71
N ASP E 194 24.23 -11.53 16.71
CA ASP E 194 24.61 -11.33 18.11
C ASP E 194 25.96 -11.95 18.43
N GLU E 195 26.18 -13.16 17.94
CA GLU E 195 27.48 -13.81 18.10
C GLU E 195 28.20 -13.89 16.77
N ASP E 196 29.19 -13.02 16.60
CA ASP E 196 29.94 -13.00 15.36
C ASP E 196 31.40 -13.24 15.69
N HIS E 197 31.89 -14.35 15.18
CA HIS E 197 33.21 -14.83 15.50
C HIS E 197 34.19 -14.36 14.44
N VAL E 198 33.71 -13.46 13.58
CA VAL E 198 34.53 -12.90 12.50
C VAL E 198 34.59 -11.37 12.56
N VAL E 199 33.43 -10.72 12.42
CA VAL E 199 33.34 -9.27 12.54
C VAL E 199 32.93 -8.90 13.96
N PRO E 200 33.62 -7.92 14.58
CA PRO E 200 33.11 -7.46 15.87
C PRO E 200 31.70 -6.88 15.68
N PRO E 201 30.74 -7.37 16.48
CA PRO E 201 29.36 -6.90 16.34
C PRO E 201 29.20 -5.38 16.56
N ASP E 202 30.20 -4.73 17.17
CA ASP E 202 30.16 -3.29 17.40
C ASP E 202 30.35 -2.49 16.11
N ASN E 203 30.70 -3.20 15.04
CA ASN E 203 30.79 -2.60 13.71
C ASN E 203 29.49 -1.93 13.31
N ALA E 204 28.39 -2.65 13.47
CA ALA E 204 27.08 -2.14 13.05
C ALA E 204 26.67 -0.81 13.72
N PRO E 205 26.72 -0.74 15.08
CA PRO E 205 26.35 0.54 15.70
C PRO E 205 27.24 1.69 15.26
N PHE E 206 28.53 1.40 15.05
CA PHE E 206 29.47 2.38 14.52
C PHE E 206 28.99 2.93 13.18
N ILE E 207 28.66 2.01 12.27
CA ILE E 207 28.13 2.36 10.96
C ILE E 207 26.82 3.10 11.10
N TYR E 208 25.99 2.62 12.01
CA TYR E 208 24.69 3.24 12.26
C TYR E 208 24.81 4.72 12.65
N ASP E 209 25.72 5.05 13.56
CA ASP E 209 25.83 6.43 14.03
C ASP E 209 26.66 7.33 13.12
N HIS E 210 27.54 6.76 12.31
CA HIS E 210 28.40 7.58 11.44
C HIS E 210 27.89 7.80 10.01
N ILE E 211 26.84 7.10 9.61
CA ILE E 211 26.20 7.41 8.34
C ILE E 211 25.24 8.60 8.49
N ALA E 212 25.01 9.33 7.40
CA ALA E 212 24.14 10.51 7.42
C ALA E 212 22.69 10.16 7.12
N SER E 213 22.40 8.86 7.01
CA SER E 213 21.06 8.40 6.61
C SER E 213 19.92 8.81 7.55
N ALA E 214 18.89 9.42 6.99
CA ALA E 214 17.70 9.82 7.76
C ALA E 214 16.94 8.63 8.35
N ASP E 215 16.64 7.61 7.54
CA ASP E 215 16.02 6.40 8.11
C ASP E 215 16.94 5.16 8.08
N LYS E 216 17.30 4.74 9.27
CA LYS E 216 18.26 3.66 9.46
C LYS E 216 17.84 2.81 10.66
N LYS E 217 18.06 1.51 10.53
CA LYS E 217 17.64 0.57 11.55
C LYS E 217 18.68 -0.52 11.69
N LEU E 218 18.89 -1.00 12.91
CA LEU E 218 19.67 -2.21 13.10
C LEU E 218 18.70 -3.36 13.28
N VAL E 219 19.03 -4.50 12.68
CA VAL E 219 18.25 -5.71 12.83
C VAL E 219 19.16 -6.80 13.38
N ARG E 220 18.82 -7.31 14.56
CA ARG E 220 19.61 -8.31 15.26
C ARG E 220 19.38 -9.71 14.72
N LEU E 221 20.43 -10.52 14.65
CA LEU E 221 20.30 -11.89 14.16
C LEU E 221 20.70 -12.86 15.26
N PRO E 222 19.76 -13.22 16.16
CA PRO E 222 20.02 -13.93 17.43
C PRO E 222 20.57 -15.36 17.29
N ASP E 223 20.05 -16.13 16.34
CA ASP E 223 20.45 -17.53 16.20
C ASP E 223 21.54 -17.77 15.13
N SER E 224 22.12 -16.70 14.58
CA SER E 224 23.18 -16.86 13.57
C SER E 224 24.56 -16.36 14.00
N TYR E 225 25.57 -16.99 13.43
CA TYR E 225 26.95 -16.51 13.47
C TYR E 225 27.24 -15.65 12.23
N HIS E 226 28.51 -15.42 11.95
CA HIS E 226 28.92 -14.51 10.88
C HIS E 226 28.26 -14.70 9.50
N VAL E 227 28.29 -15.92 8.96
CA VAL E 227 27.75 -16.11 7.62
C VAL E 227 26.30 -16.44 7.82
N ALA E 228 25.46 -15.42 7.73
CA ALA E 228 24.09 -15.53 8.23
C ALA E 228 23.15 -15.92 7.10
N THR E 229 23.68 -15.86 5.89
CA THR E 229 22.91 -16.11 4.70
C THR E 229 22.79 -17.61 4.47
N LEU E 230 23.70 -18.37 5.07
CA LEU E 230 23.57 -19.83 5.14
C LEU E 230 23.09 -20.33 6.52
N ASP E 231 22.81 -19.39 7.43
CA ASP E 231 22.54 -19.71 8.84
C ASP E 231 21.06 -19.62 9.24
N ASN E 232 20.80 -19.79 10.53
CA ASN E 232 19.45 -19.95 11.06
C ASN E 232 18.48 -18.85 10.67
N ASP E 233 18.98 -17.62 10.66
CA ASP E 233 18.16 -16.42 10.52
C ASP E 233 18.00 -16.02 9.05
N ARG E 234 18.42 -16.90 8.15
CA ARG E 234 18.38 -16.63 6.72
C ARG E 234 17.04 -16.03 6.25
N GLN E 235 15.94 -16.63 6.69
CA GLN E 235 14.61 -16.19 6.28
C GLN E 235 14.31 -14.80 6.83
N LYS E 236 14.79 -14.55 8.03
CA LYS E 236 14.62 -13.25 8.68
C LYS E 236 15.23 -12.16 7.81
N ILE E 237 16.49 -12.36 7.42
CA ILE E 237 17.16 -11.50 6.45
C ILE E 237 16.32 -11.31 5.21
N ILE E 238 15.84 -12.41 4.64
CA ILE E 238 15.10 -12.33 3.38
C ILE E 238 13.78 -11.59 3.57
N ASP E 239 13.03 -11.93 4.62
CA ASP E 239 11.74 -11.28 4.83
C ASP E 239 11.87 -9.78 5.11
N THR E 240 12.81 -9.43 5.97
CA THR E 240 13.04 -8.04 6.32
C THR E 240 13.46 -7.20 5.10
N SER E 241 14.35 -7.75 4.29
CA SER E 241 14.82 -7.04 3.10
C SER E 241 13.67 -6.82 2.11
N LEU E 242 12.86 -7.85 1.88
CA LEU E 242 11.75 -7.77 0.94
C LEU E 242 10.78 -6.69 1.40
N ALA E 243 10.49 -6.69 2.70
CA ALA E 243 9.72 -5.61 3.30
C ALA E 243 10.39 -4.26 3.05
N PHE E 244 11.72 -4.24 3.21
CA PHE E 244 12.50 -3.04 3.01
C PHE E 244 12.46 -2.53 1.57
N PHE E 245 12.69 -3.43 0.60
CA PHE E 245 12.61 -3.05 -0.82
C PHE E 245 11.23 -2.55 -1.21
N LYS E 246 10.20 -3.30 -0.82
CA LYS E 246 8.82 -2.87 -1.05
C LYS E 246 8.61 -1.46 -0.52
N LYS E 247 9.01 -1.25 0.73
CA LYS E 247 8.90 0.03 1.40
C LYS E 247 9.37 1.19 0.51
N HIS E 248 10.66 1.24 0.24
CA HIS E 248 11.24 2.45 -0.33
C HIS E 248 11.13 2.53 -1.85
N ALA E 249 10.81 1.41 -2.50
CA ALA E 249 10.58 1.44 -3.95
C ALA E 249 9.16 1.90 -4.32
N ASP E 250 8.19 1.73 -3.41
CA ASP E 250 6.85 2.29 -3.64
C ASP E 250 6.78 3.69 -3.03
N ARG E 251 7.93 4.19 -2.59
CA ARG E 251 8.11 5.57 -2.13
C ARG E 251 7.49 5.76 -0.75
N MET F 1 -24.34 50.51 -15.78
CA MET F 1 -25.31 51.48 -15.23
C MET F 1 -25.24 51.51 -13.69
N THR F 2 -26.07 52.37 -13.09
CA THR F 2 -26.30 52.34 -11.65
C THR F 2 -27.81 52.41 -11.40
N GLU F 3 -28.30 51.58 -10.50
CA GLU F 3 -29.73 51.57 -10.19
C GLU F 3 -30.05 52.87 -9.47
N THR F 4 -30.99 53.64 -10.00
CA THR F 4 -31.47 54.83 -9.28
C THR F 4 -32.62 54.52 -8.28
N TYR F 5 -33.38 53.44 -8.52
CA TYR F 5 -34.50 53.08 -7.66
C TYR F 5 -34.17 52.02 -6.57
N PRO F 6 -34.88 52.07 -5.43
CA PRO F 6 -34.71 51.05 -4.40
C PRO F 6 -35.39 49.72 -4.76
N VAL F 7 -34.93 48.65 -4.14
CA VAL F 7 -35.54 47.34 -4.30
C VAL F 7 -36.93 47.31 -3.70
N VAL F 8 -37.89 46.88 -4.50
CA VAL F 8 -39.28 46.73 -4.07
C VAL F 8 -39.38 45.63 -3.02
N LYS F 9 -40.26 45.82 -2.03
CA LYS F 9 -40.44 44.84 -0.97
C LYS F 9 -40.96 43.54 -1.57
N GLY F 10 -40.25 42.45 -1.34
CA GLY F 10 -40.54 41.18 -1.97
C GLY F 10 -39.56 40.78 -3.06
N ALA F 11 -38.75 41.73 -3.54
CA ALA F 11 -37.81 41.45 -4.63
C ALA F 11 -36.40 41.21 -4.12
N GLU F 12 -36.22 41.23 -2.81
CA GLU F 12 -34.88 41.01 -2.26
C GLU F 12 -34.40 39.61 -2.64
N PRO F 13 -33.09 39.49 -2.97
CA PRO F 13 -32.48 38.18 -3.17
C PRO F 13 -32.54 37.36 -1.88
N PHE F 14 -32.64 36.04 -1.99
CA PHE F 14 -32.57 35.20 -0.79
C PHE F 14 -31.24 34.47 -0.74
N PHE F 15 -30.73 34.34 0.49
CA PHE F 15 -29.49 33.67 0.77
C PHE F 15 -29.79 32.77 1.95
N PHE F 16 -29.58 31.46 1.80
CA PHE F 16 -29.81 30.49 2.89
C PHE F 16 -28.57 29.69 3.21
N GLU F 17 -28.10 29.75 4.45
CA GLU F 17 -26.96 28.94 4.83
C GLU F 17 -27.41 27.48 5.01
N GLY F 18 -26.52 26.54 4.74
CA GLY F 18 -26.88 25.14 4.67
C GLY F 18 -25.65 24.27 4.51
N ASN F 19 -25.84 23.08 3.95
CA ASN F 19 -24.77 22.12 3.87
C ASN F 19 -23.82 22.40 2.69
N ASP F 20 -22.97 21.44 2.41
CA ASP F 20 -21.88 21.57 1.44
C ASP F 20 -22.34 21.64 -0.03
N ILE F 21 -23.61 21.34 -0.26
CA ILE F 21 -24.20 21.38 -1.60
C ILE F 21 -24.98 22.69 -1.76
N GLY F 22 -24.59 23.51 -2.74
CA GLY F 22 -25.32 24.72 -3.05
C GLY F 22 -26.26 24.68 -4.23
N ILE F 23 -27.29 25.52 -4.18
CA ILE F 23 -28.24 25.58 -5.27
C ILE F 23 -28.47 27.03 -5.66
N LEU F 24 -28.12 27.36 -6.91
CA LEU F 24 -28.30 28.70 -7.46
C LEU F 24 -29.63 28.78 -8.22
N VAL F 25 -30.50 29.67 -7.75
CA VAL F 25 -31.87 29.76 -8.22
C VAL F 25 -32.11 31.13 -8.89
N LEU F 26 -32.37 31.10 -10.20
CA LEU F 26 -32.38 32.29 -11.05
C LEU F 26 -33.75 32.66 -11.59
N HIS F 27 -34.12 33.92 -11.44
CA HIS F 27 -35.40 34.41 -11.96
C HIS F 27 -35.23 34.96 -13.38
N GLY F 28 -36.35 35.34 -14.00
CA GLY F 28 -36.33 35.73 -15.38
C GLY F 28 -36.49 37.21 -15.65
N PHE F 29 -36.65 37.48 -16.94
CA PHE F 29 -36.78 38.79 -17.60
C PHE F 29 -38.01 39.58 -17.13
N THR F 30 -37.77 40.81 -16.66
CA THR F 30 -38.77 41.66 -15.98
C THR F 30 -39.22 41.10 -14.61
N GLY F 31 -38.77 39.90 -14.25
CA GLY F 31 -39.17 39.29 -13.01
C GLY F 31 -38.32 39.69 -11.81
N SER F 32 -38.38 38.86 -10.76
CA SER F 32 -37.69 39.09 -9.50
C SER F 32 -37.49 37.77 -8.75
N PRO F 33 -36.75 37.80 -7.63
CA PRO F 33 -36.64 36.56 -6.85
C PRO F 33 -37.96 36.07 -6.27
N GLN F 34 -38.97 36.94 -6.16
CA GLN F 34 -40.27 36.52 -5.61
C GLN F 34 -40.83 35.27 -6.30
N SER F 35 -40.57 35.13 -7.60
CA SER F 35 -41.14 34.02 -8.36
C SER F 35 -40.38 32.72 -8.10
N MET F 36 -39.13 32.83 -7.67
CA MET F 36 -38.26 31.69 -7.35
C MET F 36 -38.20 31.30 -5.85
N ARG F 37 -38.73 32.19 -5.01
CA ARG F 37 -38.62 32.06 -3.57
C ARG F 37 -39.24 30.75 -3.04
N PRO F 38 -40.38 30.29 -3.60
CA PRO F 38 -40.84 28.97 -3.14
C PRO F 38 -39.84 27.83 -3.39
N LEU F 39 -39.26 27.75 -4.58
CA LEU F 39 -38.20 26.76 -4.82
C LEU F 39 -37.08 26.92 -3.77
N GLY F 40 -36.51 28.12 -3.69
CA GLY F 40 -35.38 28.37 -2.81
C GLY F 40 -35.60 27.91 -1.37
N GLU F 41 -36.80 28.13 -0.85
CA GLU F 41 -37.04 27.73 0.54
C GLU F 41 -37.10 26.22 0.69
N ALA F 42 -37.81 25.59 -0.23
CA ALA F 42 -37.91 24.13 -0.28
C ALA F 42 -36.52 23.48 -0.31
N TYR F 43 -35.61 24.06 -1.08
CA TYR F 43 -34.27 23.50 -1.18
C TYR F 43 -33.49 23.78 0.09
N HIS F 44 -33.67 24.98 0.63
CA HIS F 44 -33.12 25.32 1.94
C HIS F 44 -33.66 24.36 3.02
N GLU F 45 -34.96 24.12 2.99
CA GLU F 45 -35.60 23.21 3.95
C GLU F 45 -35.10 21.77 3.82
N ALA F 46 -34.68 21.37 2.62
CA ALA F 46 -34.04 20.07 2.46
C ALA F 46 -32.60 20.07 3.02
N GLY F 47 -32.07 21.24 3.39
CA GLY F 47 -30.74 21.34 4.00
C GLY F 47 -29.64 21.92 3.12
N TYR F 48 -29.99 22.22 1.88
CA TYR F 48 -29.05 22.82 0.95
C TYR F 48 -28.81 24.28 1.24
N THR F 49 -27.57 24.71 0.97
CA THR F 49 -27.26 26.12 0.85
C THR F 49 -27.98 26.62 -0.42
N VAL F 50 -28.52 27.83 -0.37
CA VAL F 50 -29.31 28.33 -1.51
C VAL F 50 -29.10 29.82 -1.70
N CYS F 51 -28.95 30.25 -2.96
CA CYS F 51 -28.90 31.66 -3.27
C CYS F 51 -29.78 31.96 -4.48
N GLY F 52 -30.89 32.66 -4.30
CA GLY F 52 -31.49 33.34 -5.43
C GLY F 52 -31.03 34.77 -5.60
N PRO F 53 -30.23 35.05 -6.63
CA PRO F 53 -29.78 36.43 -6.78
C PRO F 53 -30.82 37.33 -7.44
N ARG F 54 -30.73 38.63 -7.20
CA ARG F 54 -31.56 39.63 -7.88
C ARG F 54 -30.80 40.18 -9.10
N LEU F 55 -31.36 40.02 -10.30
CA LEU F 55 -30.69 40.52 -11.49
C LEU F 55 -30.71 42.06 -11.51
N LYS F 56 -29.59 42.65 -11.90
CA LYS F 56 -29.48 44.11 -11.92
C LYS F 56 -30.57 44.73 -12.80
N GLY F 57 -31.12 45.85 -12.33
CA GLY F 57 -32.21 46.48 -13.02
C GLY F 57 -33.54 45.80 -12.81
N HIS F 58 -33.54 44.71 -12.05
CA HIS F 58 -34.77 43.96 -11.80
C HIS F 58 -35.23 44.17 -10.36
N GLY F 59 -36.54 44.21 -10.14
CA GLY F 59 -37.06 44.31 -8.79
C GLY F 59 -36.87 45.70 -8.21
N THR F 60 -36.55 46.67 -9.08
CA THR F 60 -36.48 48.05 -8.65
C THR F 60 -37.53 48.85 -9.44
N HIS F 61 -37.20 49.17 -10.70
CA HIS F 61 -38.13 49.87 -11.59
C HIS F 61 -37.76 49.54 -13.04
N TYR F 62 -38.73 49.51 -13.96
CA TYR F 62 -38.41 49.19 -15.36
C TYR F 62 -37.54 50.27 -15.99
N GLU F 63 -37.51 51.47 -15.40
CA GLU F 63 -36.55 52.49 -15.85
C GLU F 63 -35.10 52.10 -15.53
N ASP F 64 -34.89 51.34 -14.46
CA ASP F 64 -33.55 50.82 -14.16
C ASP F 64 -33.15 49.69 -15.12
N MET F 65 -34.07 48.77 -15.34
CA MET F 65 -33.86 47.63 -16.22
C MET F 65 -33.46 48.09 -17.60
N GLU F 66 -34.10 49.16 -18.07
CA GLU F 66 -33.87 49.71 -19.40
C GLU F 66 -32.41 49.97 -19.65
N LYS F 67 -31.70 50.44 -18.62
CA LYS F 67 -30.28 50.76 -18.76
C LYS F 67 -29.37 49.56 -18.57
N THR F 68 -29.93 48.39 -18.32
CA THR F 68 -29.08 47.24 -18.05
C THR F 68 -28.79 46.46 -19.33
N THR F 69 -27.58 45.93 -19.42
CA THR F 69 -27.24 45.00 -20.48
C THR F 69 -27.41 43.54 -19.98
N CYS F 70 -27.15 42.57 -20.87
CA CYS F 70 -27.25 41.16 -20.51
C CYS F 70 -26.02 40.72 -19.72
N GLN F 71 -24.91 41.42 -19.94
CA GLN F 71 -23.72 41.24 -19.12
C GLN F 71 -23.95 41.72 -17.70
N ASP F 72 -24.84 42.69 -17.51
CA ASP F 72 -25.25 43.10 -16.17
C ASP F 72 -25.91 41.93 -15.45
N TRP F 73 -26.78 41.23 -16.16
CA TRP F 73 -27.56 40.15 -15.60
C TRP F 73 -26.67 38.94 -15.34
N ILE F 74 -25.68 38.74 -16.20
CA ILE F 74 -24.66 37.71 -15.99
C ILE F 74 -23.84 37.97 -14.73
N ASP F 75 -23.40 39.22 -14.56
CA ASP F 75 -22.64 39.62 -13.37
C ASP F 75 -23.36 39.24 -12.09
N SER F 76 -24.68 39.45 -12.07
CA SER F 76 -25.49 39.18 -10.90
C SER F 76 -25.52 37.70 -10.60
N VAL F 77 -25.62 36.90 -11.65
CA VAL F 77 -25.60 35.46 -11.53
C VAL F 77 -24.25 34.99 -10.99
N GLU F 78 -23.17 35.52 -11.57
CA GLU F 78 -21.81 35.17 -11.12
C GLU F 78 -21.57 35.52 -9.64
N ALA F 79 -22.05 36.69 -9.21
CA ALA F 79 -21.93 37.08 -7.82
C ALA F 79 -22.59 36.04 -6.89
N GLY F 80 -23.81 35.60 -7.23
CA GLY F 80 -24.46 34.53 -6.49
C GLY F 80 -23.64 33.25 -6.55
N TYR F 81 -23.13 32.95 -7.73
CA TYR F 81 -22.29 31.76 -7.95
C TYR F 81 -21.07 31.74 -7.05
N GLU F 82 -20.34 32.84 -7.01
CA GLU F 82 -19.16 32.95 -6.16
C GLU F 82 -19.53 32.89 -4.66
N TRP F 83 -20.72 33.36 -4.30
CA TRP F 83 -21.18 33.26 -2.92
C TRP F 83 -21.37 31.80 -2.50
N LEU F 84 -21.90 30.98 -3.42
CA LEU F 84 -22.07 29.54 -3.16
C LEU F 84 -20.72 28.83 -3.14
N LYS F 85 -19.82 29.24 -4.02
CA LYS F 85 -18.52 28.60 -4.15
C LYS F 85 -17.66 28.78 -2.90
N ASN F 86 -17.89 29.86 -2.17
CA ASN F 86 -17.21 30.06 -0.89
C ASN F 86 -17.76 29.13 0.18
N ARG F 87 -19.04 28.80 0.09
CA ARG F 87 -19.66 27.88 1.04
C ARG F 87 -19.90 26.43 0.58
N CYS F 88 -19.59 26.09 -0.67
CA CYS F 88 -20.02 24.76 -1.17
C CYS F 88 -18.98 24.07 -2.08
N GLY F 89 -18.87 22.75 -1.94
CA GLY F 89 -17.99 21.97 -2.81
C GLY F 89 -18.73 21.41 -4.02
N THR F 90 -20.05 21.49 -3.97
CA THR F 90 -20.93 20.95 -5.00
C THR F 90 -22.04 21.96 -5.27
N ILE F 91 -22.23 22.35 -6.53
CA ILE F 91 -23.19 23.38 -6.87
C ILE F 91 -24.08 22.99 -8.04
N PHE F 92 -25.39 23.15 -7.86
CA PHE F 92 -26.36 22.99 -8.92
C PHE F 92 -26.91 24.37 -9.29
N VAL F 93 -27.24 24.55 -10.56
CA VAL F 93 -27.88 25.80 -10.99
C VAL F 93 -29.24 25.49 -11.60
N THR F 94 -30.25 26.29 -11.24
CA THR F 94 -31.58 26.12 -11.80
C THR F 94 -32.20 27.50 -12.03
N GLY F 95 -33.16 27.59 -12.94
CA GLY F 95 -33.71 28.87 -13.30
C GLY F 95 -34.96 28.82 -14.18
N LEU F 96 -35.74 29.91 -14.15
CA LEU F 96 -36.99 30.02 -14.90
C LEU F 96 -36.85 31.02 -16.04
N SER F 97 -37.26 30.59 -17.24
CA SER F 97 -37.33 31.45 -18.41
C SER F 97 -35.96 32.01 -18.73
N MET F 98 -35.78 33.32 -18.67
CA MET F 98 -34.42 33.83 -18.87
C MET F 98 -33.52 33.35 -17.72
N GLY F 99 -34.11 32.96 -16.60
CA GLY F 99 -33.36 32.36 -15.51
C GLY F 99 -32.82 31.01 -15.95
N GLY F 100 -33.59 30.33 -16.82
CA GLY F 100 -33.14 29.09 -17.43
C GLY F 100 -32.08 29.33 -18.50
N THR F 101 -32.24 30.40 -19.27
CA THR F 101 -31.20 30.81 -20.21
C THR F 101 -29.87 31.02 -19.50
N LEU F 102 -29.96 31.63 -18.31
CA LEU F 102 -28.79 32.01 -17.52
C LEU F 102 -28.15 30.78 -16.90
N THR F 103 -28.99 29.83 -16.51
CA THR F 103 -28.57 28.50 -16.09
C THR F 103 -27.71 27.82 -17.20
N LEU F 104 -28.21 27.86 -18.44
CA LEU F 104 -27.51 27.24 -19.55
C LEU F 104 -26.18 27.96 -19.78
N TYR F 105 -26.22 29.29 -19.75
CA TYR F 105 -24.99 30.08 -19.83
C TYR F 105 -23.97 29.64 -18.79
N MET F 106 -24.41 29.47 -17.54
CA MET F 106 -23.50 29.09 -16.47
C MET F 106 -22.85 27.74 -16.80
N ALA F 107 -23.68 26.78 -17.23
CA ALA F 107 -23.20 25.45 -17.55
C ALA F 107 -22.27 25.46 -18.75
N GLU F 108 -22.35 26.52 -19.53
CA GLU F 108 -21.48 26.67 -20.70
C GLU F 108 -20.09 27.15 -20.33
N HIS F 109 -20.02 28.04 -19.36
CA HIS F 109 -18.74 28.59 -18.93
C HIS F 109 -18.14 27.99 -17.66
N HIS F 110 -18.88 27.12 -16.96
CA HIS F 110 -18.41 26.62 -15.67
C HIS F 110 -18.47 25.11 -15.60
N PRO F 111 -17.38 24.45 -16.02
CA PRO F 111 -17.30 22.98 -16.06
C PRO F 111 -17.46 22.39 -14.67
N GLU F 112 -17.11 23.18 -13.66
CA GLU F 112 -17.23 22.76 -12.26
C GLU F 112 -18.69 22.48 -11.81
N ILE F 113 -19.67 23.06 -12.50
CA ILE F 113 -21.08 22.91 -12.12
C ILE F 113 -21.55 21.46 -12.22
N CYS F 114 -22.18 20.99 -11.14
CA CYS F 114 -22.56 19.59 -11.01
C CYS F 114 -23.75 19.18 -11.89
N GLY F 115 -24.73 20.05 -11.99
CA GLY F 115 -25.93 19.74 -12.74
C GLY F 115 -26.78 20.98 -12.91
N ILE F 116 -27.63 20.99 -13.93
CA ILE F 116 -28.52 22.11 -14.14
C ILE F 116 -29.96 21.68 -14.28
N ALA F 117 -30.88 22.54 -13.87
CA ALA F 117 -32.32 22.27 -13.94
C ALA F 117 -33.07 23.49 -14.49
N PRO F 118 -32.93 23.75 -15.79
CA PRO F 118 -33.67 24.90 -16.33
C PRO F 118 -35.16 24.61 -16.46
N ILE F 119 -35.96 25.63 -16.23
CA ILE F 119 -37.42 25.56 -16.30
C ILE F 119 -37.94 26.54 -17.37
N ASN F 120 -38.51 25.99 -18.45
CA ASN F 120 -38.95 26.78 -19.61
C ASN F 120 -37.88 27.75 -20.08
N ALA F 121 -36.64 27.24 -20.15
CA ALA F 121 -35.52 28.03 -20.63
C ALA F 121 -35.76 28.54 -22.05
N ALA F 122 -35.48 29.81 -22.30
CA ALA F 122 -35.69 30.32 -23.65
C ALA F 122 -34.38 30.53 -24.40
N ILE F 123 -34.11 29.71 -25.40
CA ILE F 123 -33.02 30.02 -26.30
C ILE F 123 -33.53 30.64 -27.62
N ASN F 124 -34.81 30.48 -27.91
CA ASN F 124 -35.34 31.06 -29.13
C ASN F 124 -36.75 31.63 -28.98
N MET F 125 -36.90 32.94 -29.14
CA MET F 125 -38.21 33.55 -28.96
C MET F 125 -38.57 34.45 -30.14
N PRO F 126 -39.30 33.89 -31.13
CA PRO F 126 -39.68 34.58 -32.37
C PRO F 126 -40.35 35.96 -32.16
N ALA F 127 -41.32 36.04 -31.26
CA ALA F 127 -41.99 37.32 -30.98
C ALA F 127 -40.99 38.42 -30.64
N LEU F 128 -39.92 38.09 -29.92
CA LEU F 128 -38.97 39.11 -29.50
C LEU F 128 -38.00 39.49 -30.61
N ALA F 129 -37.58 38.50 -31.39
CA ALA F 129 -36.77 38.76 -32.56
C ALA F 129 -37.55 39.60 -33.58
N GLY F 130 -38.84 39.29 -33.73
CA GLY F 130 -39.72 40.05 -34.61
C GLY F 130 -39.78 41.51 -34.24
N ALA F 131 -40.09 41.80 -32.98
CA ALA F 131 -40.17 43.16 -32.48
C ALA F 131 -38.84 43.95 -32.60
N LEU F 132 -37.72 43.24 -32.71
CA LEU F 132 -36.42 43.89 -32.89
C LEU F 132 -36.13 44.31 -34.33
N ALA F 133 -37.00 43.93 -35.26
CA ALA F 133 -36.86 44.43 -36.62
C ALA F 133 -37.32 45.91 -36.66
N GLY F 134 -38.40 46.17 -35.94
CA GLY F 134 -39.00 47.49 -35.83
C GLY F 134 -38.78 48.23 -34.52
N VAL F 135 -37.71 47.94 -33.78
CA VAL F 135 -37.45 48.54 -32.46
C VAL F 135 -37.53 50.08 -32.43
N GLY F 136 -37.16 50.70 -33.55
CA GLY F 136 -37.32 52.15 -33.73
C GLY F 136 -38.74 52.63 -33.53
N ASP F 137 -39.72 51.96 -34.14
CA ASP F 137 -41.11 52.41 -34.04
C ASP F 137 -41.80 51.78 -32.82
N LEU F 138 -41.13 50.84 -32.18
CA LEU F 138 -41.63 50.21 -30.96
C LEU F 138 -41.59 51.20 -29.80
N PRO F 139 -42.67 51.24 -28.99
CA PRO F 139 -42.70 52.14 -27.84
C PRO F 139 -41.55 51.87 -26.88
N ARG F 140 -41.03 52.92 -26.26
CA ARG F 140 -39.91 52.80 -25.35
C ARG F 140 -40.16 51.74 -24.26
N PHE F 141 -41.41 51.67 -23.81
CA PHE F 141 -41.84 50.70 -22.82
C PHE F 141 -43.12 50.01 -23.23
N LEU F 142 -43.06 48.68 -23.34
CA LEU F 142 -44.20 47.89 -23.76
C LEU F 142 -44.99 47.45 -22.55
N ASP F 143 -46.31 47.50 -22.65
CA ASP F 143 -47.13 47.01 -21.54
C ASP F 143 -46.93 45.50 -21.45
N ALA F 144 -46.55 45.06 -20.26
CA ALA F 144 -45.98 43.72 -20.09
C ALA F 144 -47.04 42.67 -19.84
N ILE F 145 -48.31 43.06 -19.92
CA ILE F 145 -49.41 42.19 -19.55
C ILE F 145 -49.30 40.84 -20.29
N GLY F 146 -49.27 39.73 -19.56
CA GLY F 146 -49.24 39.70 -18.10
C GLY F 146 -48.61 38.39 -17.65
N SER F 147 -48.69 38.06 -16.36
CA SER F 147 -48.11 36.81 -15.86
C SER F 147 -48.88 35.61 -16.37
N ASP F 148 -48.17 34.69 -17.02
CA ASP F 148 -48.80 33.55 -17.64
C ASP F 148 -48.76 32.37 -16.68
N ILE F 149 -49.89 32.14 -16.02
CA ILE F 149 -50.02 31.12 -14.97
C ILE F 149 -51.41 30.48 -15.02
N LYS F 150 -51.46 29.15 -15.05
CA LYS F 150 -52.73 28.44 -15.19
C LYS F 150 -53.55 28.46 -13.90
N LYS F 151 -52.86 28.37 -12.76
CA LYS F 151 -53.48 28.50 -11.46
C LYS F 151 -54.05 29.90 -11.31
N PRO F 152 -55.33 30.00 -10.94
CA PRO F 152 -55.99 31.32 -10.88
C PRO F 152 -55.61 32.16 -9.66
N GLY F 153 -55.57 33.48 -9.85
CA GLY F 153 -55.45 34.40 -8.73
C GLY F 153 -54.10 34.33 -8.06
N VAL F 154 -53.08 33.98 -8.83
CA VAL F 154 -51.72 33.98 -8.29
C VAL F 154 -51.02 35.28 -8.67
N LYS F 155 -50.27 35.84 -7.73
CA LYS F 155 -49.49 37.05 -8.01
C LYS F 155 -47.99 36.78 -8.30
N GLU F 156 -47.52 37.22 -9.47
CA GLU F 156 -46.08 37.30 -9.72
C GLU F 156 -45.63 38.74 -9.60
N LEU F 157 -44.53 38.97 -8.90
CA LEU F 157 -44.00 40.32 -8.78
C LEU F 157 -43.03 40.54 -9.93
N ALA F 158 -43.46 41.39 -10.87
CA ALA F 158 -42.77 41.63 -12.13
C ALA F 158 -43.11 43.01 -12.61
N TYR F 159 -42.28 43.55 -13.50
CA TYR F 159 -42.56 44.86 -14.07
C TYR F 159 -43.83 44.85 -14.91
N GLU F 160 -44.60 45.93 -14.81
CA GLU F 160 -45.84 46.05 -15.58
C GLU F 160 -45.56 46.54 -16.99
N LYS F 161 -44.33 47.00 -17.23
CA LYS F 161 -43.89 47.37 -18.56
C LYS F 161 -42.58 46.67 -18.92
N THR F 162 -42.38 46.42 -20.21
CA THR F 162 -41.11 45.91 -20.71
C THR F 162 -40.41 46.98 -21.54
N PRO F 163 -39.20 47.37 -21.13
CA PRO F 163 -38.44 48.33 -21.95
C PRO F 163 -38.10 47.73 -23.31
N ALA F 164 -38.42 48.45 -24.38
CA ALA F 164 -38.07 47.96 -25.72
C ALA F 164 -36.57 47.70 -25.80
N ALA F 165 -35.78 48.52 -25.11
CA ALA F 165 -34.33 48.44 -25.22
C ALA F 165 -33.75 47.19 -24.55
N SER F 166 -34.50 46.60 -23.62
CA SER F 166 -33.99 45.42 -22.93
C SER F 166 -34.23 44.19 -23.79
N ILE F 167 -35.08 44.34 -24.80
CA ILE F 167 -35.45 43.23 -25.66
C ILE F 167 -34.26 42.84 -26.53
N ARG F 168 -33.49 43.85 -26.92
CA ARG F 168 -32.25 43.60 -27.65
C ARG F 168 -31.27 42.87 -26.73
N GLN F 169 -31.36 43.15 -25.44
CA GLN F 169 -30.43 42.53 -24.50
C GLN F 169 -30.73 41.04 -24.32
N ILE F 170 -31.99 40.67 -24.18
CA ILE F 170 -32.30 39.25 -24.00
C ILE F 170 -32.12 38.44 -25.30
N VAL F 171 -32.35 39.05 -26.46
CA VAL F 171 -32.07 38.35 -27.72
C VAL F 171 -30.56 38.10 -27.91
N GLN F 172 -29.73 39.12 -27.60
CA GLN F 172 -28.28 38.96 -27.63
C GLN F 172 -27.82 37.83 -26.69
N LEU F 173 -28.43 37.74 -25.51
CA LEU F 173 -28.05 36.70 -24.55
C LEU F 173 -28.48 35.32 -25.05
N MET F 174 -29.70 35.22 -25.56
CA MET F 174 -30.18 33.93 -26.05
C MET F 174 -29.36 33.42 -27.24
N GLU F 175 -29.12 34.28 -28.22
CA GLU F 175 -28.32 33.90 -29.39
C GLU F 175 -26.97 33.35 -28.97
N ARG F 176 -26.29 34.07 -28.08
CA ARG F 176 -25.01 33.65 -27.54
C ARG F 176 -25.08 32.31 -26.80
N VAL F 177 -26.09 32.13 -25.96
CA VAL F 177 -26.27 30.90 -25.22
C VAL F 177 -26.62 29.74 -26.15
N LYS F 178 -27.53 29.97 -27.07
CA LYS F 178 -27.94 28.97 -28.06
C LYS F 178 -26.77 28.34 -28.83
N THR F 179 -25.85 29.16 -29.29
CA THR F 179 -24.73 28.67 -30.08
C THR F 179 -23.66 27.95 -29.23
N ASP F 180 -23.63 28.23 -27.93
CA ASP F 180 -22.66 27.61 -27.02
C ASP F 180 -23.21 26.38 -26.33
N LEU F 181 -24.42 25.97 -26.71
CA LEU F 181 -25.07 24.84 -26.09
C LEU F 181 -24.22 23.57 -26.11
N HIS F 182 -23.41 23.40 -27.16
CA HIS F 182 -22.59 22.20 -27.28
C HIS F 182 -21.55 22.13 -26.16
N LYS F 183 -21.27 23.26 -25.51
CA LYS F 183 -20.31 23.33 -24.42
C LYS F 183 -20.80 22.71 -23.11
N ILE F 184 -22.08 22.37 -23.04
CA ILE F 184 -22.69 21.87 -21.81
C ILE F 184 -22.66 20.35 -21.73
N THR F 185 -21.80 19.83 -20.84
CA THR F 185 -21.75 18.38 -20.61
C THR F 185 -22.33 17.88 -19.28
N CYS F 186 -22.69 18.78 -18.37
CA CYS F 186 -23.09 18.34 -17.05
C CYS F 186 -24.51 17.76 -17.14
N PRO F 187 -24.87 16.88 -16.21
CA PRO F 187 -26.24 16.35 -16.16
C PRO F 187 -27.32 17.46 -16.19
N ALA F 188 -28.43 17.20 -16.85
CA ALA F 188 -29.44 18.23 -17.01
C ALA F 188 -30.84 17.67 -16.96
N ILE F 189 -31.74 18.35 -16.25
CA ILE F 189 -33.16 18.14 -16.37
C ILE F 189 -33.82 19.42 -16.88
N LEU F 190 -34.51 19.30 -18.00
CA LEU F 190 -35.19 20.40 -18.66
C LEU F 190 -36.70 20.31 -18.41
N PHE F 191 -37.20 21.21 -17.56
CA PHE F 191 -38.64 21.26 -17.30
C PHE F 191 -39.31 22.04 -18.42
N CYS F 192 -40.47 21.56 -18.86
CA CYS F 192 -41.19 22.20 -19.97
C CYS F 192 -42.72 22.20 -19.73
N SER F 193 -43.31 23.39 -19.71
CA SER F 193 -44.76 23.50 -19.60
C SER F 193 -45.38 23.02 -20.91
N ASP F 194 -46.48 22.28 -20.82
CA ASP F 194 -47.18 21.80 -22.01
C ASP F 194 -47.69 23.02 -22.78
N GLU F 195 -48.29 23.94 -22.04
CA GLU F 195 -48.81 25.16 -22.62
C GLU F 195 -47.99 26.35 -22.15
N ASP F 196 -47.20 26.95 -23.03
CA ASP F 196 -46.39 28.08 -22.62
C ASP F 196 -46.64 29.24 -23.58
N HIS F 197 -47.27 30.30 -23.07
CA HIS F 197 -47.66 31.41 -23.92
C HIS F 197 -46.59 32.48 -23.98
N VAL F 198 -45.43 32.19 -23.40
CA VAL F 198 -44.28 33.08 -23.48
C VAL F 198 -43.14 32.45 -24.26
N VAL F 199 -42.61 31.34 -23.75
CA VAL F 199 -41.51 30.66 -24.41
C VAL F 199 -42.05 29.48 -25.23
N PRO F 200 -41.64 29.38 -26.50
CA PRO F 200 -42.10 28.24 -27.29
C PRO F 200 -41.64 26.93 -26.65
N PRO F 201 -42.55 25.95 -26.57
CA PRO F 201 -42.19 24.67 -25.98
C PRO F 201 -41.10 23.93 -26.76
N ASP F 202 -40.98 24.12 -28.08
CA ASP F 202 -39.92 23.47 -28.85
C ASP F 202 -38.52 23.90 -28.41
N ASN F 203 -38.45 24.92 -27.55
CA ASN F 203 -37.17 25.33 -26.95
C ASN F 203 -36.48 24.23 -26.15
N ALA F 204 -37.24 23.49 -25.36
CA ALA F 204 -36.64 22.44 -24.54
C ALA F 204 -36.07 21.27 -25.39
N PRO F 205 -36.89 20.70 -26.32
CA PRO F 205 -36.32 19.75 -27.30
C PRO F 205 -35.09 20.26 -28.02
N PHE F 206 -35.06 21.53 -28.41
CA PHE F 206 -33.88 22.06 -29.07
C PHE F 206 -32.68 21.99 -28.12
N ILE F 207 -32.85 22.53 -26.92
CA ILE F 207 -31.78 22.50 -25.92
C ILE F 207 -31.32 21.09 -25.65
N TYR F 208 -32.29 20.21 -25.43
CA TYR F 208 -32.05 18.80 -25.17
C TYR F 208 -31.15 18.23 -26.26
N ASP F 209 -31.52 18.44 -27.51
CA ASP F 209 -30.76 17.86 -28.60
C ASP F 209 -29.40 18.47 -28.79
N HIS F 210 -29.24 19.73 -28.38
CA HIS F 210 -28.01 20.43 -28.71
C HIS F 210 -26.93 20.57 -27.64
N ILE F 211 -27.22 20.11 -26.42
CA ILE F 211 -26.19 20.03 -25.39
C ILE F 211 -25.45 18.69 -25.51
N ALA F 212 -24.14 18.69 -25.25
CA ALA F 212 -23.33 17.46 -25.30
C ALA F 212 -23.61 16.49 -24.15
N SER F 213 -24.38 16.93 -23.16
CA SER F 213 -24.62 16.17 -21.92
C SER F 213 -25.12 14.75 -22.19
N ALA F 214 -24.47 13.77 -21.56
CA ALA F 214 -24.85 12.36 -21.71
C ALA F 214 -26.03 11.97 -20.81
N ASP F 215 -26.16 12.66 -19.69
CA ASP F 215 -27.25 12.39 -18.76
C ASP F 215 -28.19 13.60 -18.81
N LYS F 216 -29.33 13.41 -19.48
CA LYS F 216 -30.25 14.50 -19.74
C LYS F 216 -31.66 13.95 -19.83
N LYS F 217 -32.63 14.77 -19.44
CA LYS F 217 -34.02 14.35 -19.40
C LYS F 217 -34.95 15.55 -19.63
N LEU F 218 -36.04 15.31 -20.34
CA LEU F 218 -37.09 16.32 -20.51
C LEU F 218 -38.21 15.98 -19.55
N VAL F 219 -38.69 16.97 -18.83
CA VAL F 219 -39.71 16.71 -17.84
C VAL F 219 -40.91 17.61 -18.10
N ARG F 220 -42.09 16.98 -18.18
CA ARG F 220 -43.29 17.67 -18.62
C ARG F 220 -44.02 18.31 -17.46
N LEU F 221 -44.51 19.51 -17.71
CA LEU F 221 -45.30 20.24 -16.76
C LEU F 221 -46.68 20.40 -17.38
N PRO F 222 -47.53 19.38 -17.23
CA PRO F 222 -48.80 19.25 -17.95
C PRO F 222 -49.82 20.28 -17.55
N ASP F 223 -49.82 20.66 -16.28
CA ASP F 223 -50.82 21.58 -15.74
C ASP F 223 -50.36 23.03 -15.66
N SER F 224 -49.20 23.35 -16.23
CA SER F 224 -48.65 24.69 -16.06
C SER F 224 -48.48 25.51 -17.35
N TYR F 225 -48.63 26.82 -17.18
CA TYR F 225 -48.25 27.81 -18.16
C TYR F 225 -46.81 28.26 -17.87
N HIS F 226 -46.41 29.40 -18.41
CA HIS F 226 -45.01 29.82 -18.36
C HIS F 226 -44.37 29.98 -16.99
N VAL F 227 -45.04 30.63 -16.02
CA VAL F 227 -44.38 30.85 -14.76
C VAL F 227 -44.74 29.64 -13.90
N ALA F 228 -43.91 28.60 -14.00
CA ALA F 228 -44.32 27.30 -13.48
C ALA F 228 -43.93 27.14 -12.04
N THR F 229 -43.03 28.02 -11.59
CA THR F 229 -42.58 27.97 -10.21
C THR F 229 -43.63 28.53 -9.28
N LEU F 230 -44.53 29.34 -9.81
CA LEU F 230 -45.70 29.79 -9.05
C LEU F 230 -47.00 29.02 -9.41
N ASP F 231 -46.89 28.03 -10.29
CA ASP F 231 -48.06 27.34 -10.83
C ASP F 231 -48.38 25.98 -10.17
N ASN F 232 -49.30 25.23 -10.79
CA ASN F 232 -49.75 23.94 -10.25
C ASN F 232 -48.62 22.91 -10.11
N ASP F 233 -47.68 22.95 -11.05
CA ASP F 233 -46.62 21.95 -11.18
C ASP F 233 -45.38 22.30 -10.35
N ARG F 234 -45.55 23.30 -9.49
CA ARG F 234 -44.54 23.75 -8.55
C ARG F 234 -43.92 22.61 -7.73
N GLN F 235 -44.75 21.87 -7.01
CA GLN F 235 -44.25 20.81 -6.16
C GLN F 235 -43.57 19.71 -6.97
N LYS F 236 -44.00 19.52 -8.21
CA LYS F 236 -43.39 18.52 -9.07
C LYS F 236 -41.95 18.94 -9.47
N ILE F 237 -41.77 20.24 -9.75
CA ILE F 237 -40.44 20.80 -9.98
C ILE F 237 -39.53 20.59 -8.76
N ILE F 238 -40.05 20.92 -7.59
CA ILE F 238 -39.28 20.79 -6.36
C ILE F 238 -38.82 19.34 -6.09
N ASP F 239 -39.73 18.38 -6.10
CA ASP F 239 -39.38 16.99 -5.73
C ASP F 239 -38.45 16.37 -6.76
N THR F 240 -38.72 16.65 -8.03
CA THR F 240 -37.91 16.12 -9.13
C THR F 240 -36.48 16.65 -9.05
N SER F 241 -36.38 17.96 -8.81
CA SER F 241 -35.09 18.60 -8.64
C SER F 241 -34.33 18.02 -7.46
N LEU F 242 -35.04 17.84 -6.35
CA LEU F 242 -34.39 17.33 -5.14
C LEU F 242 -33.79 15.95 -5.39
N ALA F 243 -34.54 15.09 -6.08
CA ALA F 243 -34.06 13.73 -6.39
C ALA F 243 -32.87 13.81 -7.35
N PHE F 244 -32.94 14.76 -8.27
CA PHE F 244 -31.83 15.06 -9.15
C PHE F 244 -30.61 15.55 -8.33
N PHE F 245 -30.79 16.56 -7.48
CA PHE F 245 -29.70 17.08 -6.66
C PHE F 245 -28.99 15.98 -5.88
N LYS F 246 -29.78 15.16 -5.18
CA LYS F 246 -29.23 14.09 -4.35
C LYS F 246 -28.51 13.02 -5.17
N LYS F 247 -29.08 12.66 -6.31
CA LYS F 247 -28.50 11.60 -7.12
C LYS F 247 -27.05 11.94 -7.50
N HIS F 248 -26.87 13.16 -7.99
CA HIS F 248 -25.55 13.56 -8.47
C HIS F 248 -24.62 14.00 -7.34
N ALA F 249 -25.16 14.62 -6.30
CA ALA F 249 -24.35 14.99 -5.14
C ALA F 249 -23.82 13.74 -4.43
N ASP F 250 -24.66 12.72 -4.31
CA ASP F 250 -24.28 11.45 -3.68
C ASP F 250 -23.09 10.78 -4.38
N ARG F 251 -22.90 11.07 -5.65
CA ARG F 251 -21.77 10.49 -6.38
C ARG F 251 -20.46 11.22 -6.12
N HIS F 252 -20.51 12.39 -5.47
CA HIS F 252 -19.26 13.15 -5.33
C HIS F 252 -18.49 13.38 -3.99
N HIS F 253 -18.75 12.80 -2.82
CA HIS F 253 -19.38 11.53 -2.42
C HIS F 253 -19.35 10.38 -3.44
#